data_8HQ5
#
_entry.id   8HQ5
#
_cell.length_a   105.580
_cell.length_b   105.580
_cell.length_c   304.909
_cell.angle_alpha   90.00
_cell.angle_beta   90.00
_cell.angle_gamma   90.00
#
_symmetry.space_group_name_H-M   'P 43 21 2'
#
loop_
_entity.id
_entity.type
_entity.pdbx_description
1 polymer 'GTP-binding nuclear protein Ran'
2 polymer 'YRB1 isoform 1'
3 polymer 'CRM1 isoform 1'
4 non-polymer 'MAGNESIUM ION'
5 non-polymer GLYCEROL
6 non-polymer "GUANOSINE-5'-TRIPHOSPHATE"
7 non-polymer 'CHLORIDE ION'
8 non-polymer 'DIMETHYL SULFOXIDE'
9 non-polymer '3[N-MORPHOLINO]PROPANE SULFONIC ACID'
10 non-polymer '3-[(4-bromophenyl)carbonylamino]-4-[4-(5-chloranyl-2-methyl-phenyl)piperazin-1-yl]benzoic acid'
11 water water
#
loop_
_entity_poly.entity_id
_entity_poly.type
_entity_poly.pdbx_seq_one_letter_code
_entity_poly.pdbx_strand_id
1 'polypeptide(L)'
;MAAQGEPQVQFKLVLVGDGGTGKTTFVKRHLTGEFEKKYVATLGVEVHPLVFHTNRGPIKFNVWDTAGLEKFGGLRDGYY
IQAQCAIIMFDVTSRVTYKNVPNWHRDLVRVCENIPIVLCGNKVDIKDRKVKAKSIVFHRKKNLQYYDISAKSNYNFEKP
FLWLARKLIGDPNLEFVAMPAAAPPEVVMDPALAAQYEHDLEVAQTTALPDEDDDL
;
A
2 'polypeptide(L)'
;DIHFEPVVHLEKVDVKTMEEDEEVLYKVRAKLFRFDADAKEWKERGTGDCKFLKNKKTNKVRILMRRDKTLKICANHIIA
PEYTLKPNVGSDRSWVYACTADIAEGEAEAFTFAIRFGSKENADKFKEEFEKAQEINKKA
;
B
3 'polypeptide(L)'
;GGSMEGILDFSNDLDIALLDQVVSTFYQGEGVQQKQAQEILTKFQDNPDAWEKVDQILQFSTNPQSKFIALSILDKLITR
KWKLLPNDHRIGIRNFVVGMIISMCQDDEVFKTQKNLINKSDLTLVQILKQEWPQNWPEFIPELIGSSSSSVNVCENNMI
VLKLLSEEVFDFSAEQMTQAKALHLKNSMSKEFEQIFKLCFQVLEQGSSSSLIVATLESLLRYLHWIPYRYIYETNILEL
LSTKFMTSPDTRAITLKCLTEVSNLKIPQDNDLIKRQTVLFFQNTLQQIATSVMPVTADLKATYANANGNDQSFLQDLAM
FLTTYLARNRALLESDESLRELLLNAHQYLIQLSKIEERELFKTTLDYWHNLVADLFYEPLKKHIYEEICSQLRLVIIEN
MVRPEEIQLYKSEREVLVYLTHLNVIDTEEIMISKLARQIDGSEWSWHNINTLSWAIGSISGTMSEDTEKRFVVTVIKDL
LGLCEQKRGKDNKAVVARDIMYVVGEYPRFLKAHWNFLRTVILKLFEFMHETHEGVQDMACDTFIKIVQKCKYHFVIQQP
RESEPFIQTIIRDIQKTTADLQPQQVHTFYKACGIIISEERSVAERNRLLSDLMQLPNMAWDTIVEQSTANPTLLLDSET
VKIIANIIKTNVAVCTSMGADFYPQLGHIYYNMLQLYRAVSSMISTQVAAEGLIATKTPKVRGLRTIKKEILKLVETYIS
KARNLDDVVKVLVEPLLNAVLEDYMNNVPDARDAEVLNCMTTVVEKVGHMIPQGVILILQSVFECTLDMINKDFTEYPEH
RVEFYKLLKVINEKSFAAFLELPPAAFKLFVDAICWAFKHNNRDVEVNGLQIALDLVKNIERMGNVPFANEFHKNYFFIF
VSETFFVLTDSDHKSGFSKQALLLMKLISLVYDNKISVPLYQEAEVPQGTSNQVYLSQYLANMLSNAFPHLTSEQIASFL
SALTKQCKDLVVFKGTLRDFLVQIKEVGGDPTDYLFAEDKENA
;
C
#
# COMPACT_ATOMS: atom_id res chain seq x y z
N GLN A 8 2.93 34.61 3.44
CA GLN A 8 3.27 33.19 3.23
C GLN A 8 4.07 32.65 4.42
N VAL A 9 3.56 31.60 5.06
CA VAL A 9 4.28 30.96 6.20
C VAL A 9 4.98 29.71 5.65
N GLN A 10 6.08 29.31 6.26
CA GLN A 10 6.74 28.05 5.80
C GLN A 10 6.95 27.07 6.96
N PHE A 11 6.80 25.78 6.67
CA PHE A 11 6.85 24.68 7.65
C PHE A 11 7.79 23.59 7.13
N LYS A 12 8.68 23.08 7.99
CA LYS A 12 9.55 21.93 7.69
C LYS A 12 8.73 20.63 7.82
N LEU A 13 8.64 19.89 6.71
CA LEU A 13 7.94 18.58 6.62
C LEU A 13 9.01 17.50 6.38
N VAL A 14 9.07 16.51 7.25
CA VAL A 14 10.01 15.38 7.08
C VAL A 14 9.19 14.17 6.59
N LEU A 15 9.68 13.54 5.52
CA LEU A 15 9.02 12.38 4.86
C LEU A 15 9.95 11.18 5.08
N VAL A 16 9.44 10.15 5.76
CA VAL A 16 10.22 8.94 6.15
C VAL A 16 9.44 7.70 5.79
N GLY A 17 10.14 6.56 5.69
CA GLY A 17 9.56 5.24 5.37
C GLY A 17 10.55 4.37 4.59
N ASP A 18 10.27 3.08 4.43
CA ASP A 18 11.20 2.11 3.82
C ASP A 18 11.53 2.54 2.38
N GLY A 19 12.66 2.08 1.87
CA GLY A 19 13.03 2.28 0.45
C GLY A 19 11.96 1.71 -0.46
N GLY A 20 11.64 2.43 -1.53
CA GLY A 20 10.76 1.95 -2.60
C GLY A 20 9.30 2.15 -2.31
N THR A 21 8.94 2.86 -1.22
CA THR A 21 7.53 3.00 -0.77
C THR A 21 6.84 4.09 -1.56
N GLY A 22 7.59 5.00 -2.20
CA GLY A 22 7.01 6.03 -3.07
C GLY A 22 7.17 7.46 -2.58
N LYS A 23 8.07 7.70 -1.61
CA LYS A 23 8.26 9.05 -1.01
C LYS A 23 8.66 10.05 -2.11
N THR A 24 9.74 9.78 -2.84
CA THR A 24 10.29 10.72 -3.83
C THR A 24 9.27 10.86 -4.99
N THR A 25 8.69 9.74 -5.43
CA THR A 25 7.68 9.69 -6.50
C THR A 25 6.52 10.60 -6.11
N PHE A 26 6.09 10.55 -4.85
CA PHE A 26 4.93 11.32 -4.33
C PHE A 26 5.29 12.81 -4.35
N VAL A 27 6.46 13.18 -3.85
CA VAL A 27 6.88 14.62 -3.80
C VAL A 27 7.01 15.15 -5.23
N LYS A 28 7.77 14.44 -6.09
CA LYS A 28 8.00 14.82 -7.51
C LYS A 28 6.65 15.12 -8.17
N ARG A 29 5.65 14.29 -7.97
CA ARG A 29 4.34 14.49 -8.61
C ARG A 29 3.75 15.81 -8.10
N HIS A 30 3.90 16.10 -6.80
CA HIS A 30 3.40 17.35 -6.20
C HIS A 30 4.18 18.55 -6.76
N LEU A 31 5.50 18.42 -7.02
CA LEU A 31 6.38 19.53 -7.49
C LEU A 31 6.14 19.88 -8.97
N THR A 32 6.09 18.88 -9.85
CA THR A 32 6.22 19.03 -11.32
C THR A 32 5.00 18.45 -12.05
N GLY A 33 4.23 17.58 -11.41
CA GLY A 33 3.11 16.86 -12.04
C GLY A 33 3.52 15.51 -12.64
N GLU A 34 4.82 15.24 -12.69
CA GLU A 34 5.38 14.05 -13.39
C GLU A 34 5.24 12.80 -12.51
N PHE A 35 5.03 11.64 -13.15
CA PHE A 35 5.07 10.30 -12.51
C PHE A 35 6.35 9.57 -12.93
N GLU A 36 7.32 9.52 -12.00
CA GLU A 36 8.60 8.80 -12.19
C GLU A 36 8.37 7.29 -11.98
N LYS A 37 8.52 6.48 -13.03
CA LYS A 37 8.36 5.00 -13.01
C LYS A 37 9.62 4.33 -12.46
N LYS A 38 10.80 4.94 -12.65
CA LYS A 38 12.08 4.32 -12.23
C LYS A 38 12.23 4.47 -10.71
N TYR A 39 12.91 3.51 -10.07
CA TYR A 39 13.31 3.55 -8.64
C TYR A 39 14.76 3.99 -8.55
N VAL A 40 15.03 5.28 -8.34
CA VAL A 40 16.40 5.80 -8.04
C VAL A 40 16.41 6.18 -6.55
N ALA A 41 17.05 5.34 -5.75
CA ALA A 41 17.12 5.47 -4.27
C ALA A 41 17.64 6.89 -3.91
N THR A 42 16.97 7.57 -2.99
CA THR A 42 17.42 8.87 -2.44
C THR A 42 18.72 8.62 -1.68
N LEU A 43 19.69 9.52 -1.84
CA LEU A 43 20.98 9.54 -1.10
C LEU A 43 20.84 10.57 0.02
N GLY A 44 20.63 10.12 1.25
CA GLY A 44 20.49 11.03 2.41
C GLY A 44 19.14 11.72 2.42
N VAL A 45 19.07 12.90 1.82
CA VAL A 45 17.82 13.73 1.76
C VAL A 45 17.86 14.59 0.50
N GLU A 46 16.69 14.83 -0.09
CA GLU A 46 16.45 15.91 -1.07
C GLU A 46 15.48 16.89 -0.41
N VAL A 47 15.78 18.19 -0.47
CA VAL A 47 14.94 19.27 0.10
C VAL A 47 14.26 20.02 -1.05
N HIS A 48 12.94 20.11 -1.05
CA HIS A 48 12.17 20.76 -2.13
C HIS A 48 11.07 21.63 -1.54
N PRO A 49 11.04 22.94 -1.86
CA PRO A 49 9.94 23.79 -1.47
C PRO A 49 8.68 23.38 -2.23
N LEU A 50 7.56 23.30 -1.52
CA LEU A 50 6.23 22.96 -2.08
C LEU A 50 5.21 23.97 -1.54
N VAL A 51 4.47 24.63 -2.44
CA VAL A 51 3.54 25.74 -2.10
C VAL A 51 2.13 25.27 -2.45
N PHE A 52 1.18 25.51 -1.54
CA PHE A 52 -0.28 25.36 -1.82
C PHE A 52 -0.92 26.73 -1.64
N HIS A 53 -1.91 27.04 -2.49
CA HIS A 53 -2.80 28.21 -2.34
C HIS A 53 -4.05 27.79 -1.53
N THR A 54 -4.28 28.46 -0.38
CA THR A 54 -5.42 28.23 0.52
C THR A 54 -6.31 29.49 0.56
N ASN A 55 -7.55 29.33 1.01
CA ASN A 55 -8.49 30.43 1.35
C ASN A 55 -7.89 31.31 2.46
N ARG A 56 -6.80 30.88 3.09
CA ARG A 56 -6.09 31.66 4.14
C ARG A 56 -4.73 32.13 3.63
N GLY A 57 -4.52 32.11 2.31
CA GLY A 57 -3.27 32.55 1.66
C GLY A 57 -2.35 31.37 1.38
N PRO A 58 -1.19 31.60 0.76
CA PRO A 58 -0.29 30.53 0.38
C PRO A 58 0.43 29.98 1.62
N ILE A 59 0.65 28.67 1.61
CA ILE A 59 1.43 27.94 2.64
C ILE A 59 2.56 27.23 1.91
N LYS A 60 3.77 27.29 2.46
CA LYS A 60 4.97 26.65 1.90
C LYS A 60 5.41 25.51 2.83
N PHE A 61 5.59 24.31 2.28
CA PHE A 61 6.25 23.18 2.97
C PHE A 61 7.68 23.08 2.46
N ASN A 62 8.67 23.09 3.36
CA ASN A 62 10.07 22.76 3.04
C ASN A 62 10.20 21.26 3.25
N VAL A 63 10.09 20.49 2.17
CA VAL A 63 9.92 19.02 2.22
C VAL A 63 11.30 18.36 2.25
N TRP A 64 11.61 17.69 3.35
CA TRP A 64 12.84 16.89 3.54
C TRP A 64 12.48 15.44 3.21
N ASP A 65 12.68 15.06 1.95
CA ASP A 65 12.42 13.70 1.43
C ASP A 65 13.64 12.83 1.75
N THR A 66 13.57 12.03 2.82
CA THR A 66 14.73 11.26 3.36
C THR A 66 14.84 9.87 2.70
N ALA A 67 16.03 9.29 2.80
CA ALA A 67 16.40 7.94 2.31
C ALA A 67 15.85 6.89 3.26
N GLY A 68 15.14 5.90 2.70
CA GLY A 68 14.60 4.73 3.42
C GLY A 68 15.60 3.61 3.52
N LEU A 69 16.53 3.47 2.58
CA LEU A 69 17.52 2.37 2.57
C LEU A 69 18.62 2.70 3.59
N GLU A 70 18.90 1.76 4.48
CA GLU A 70 19.91 1.89 5.56
C GLU A 70 21.22 2.41 4.96
N LYS A 71 21.64 1.85 3.82
CA LYS A 71 22.99 2.09 3.25
C LYS A 71 23.04 3.49 2.63
N PHE A 72 21.91 4.13 2.34
CA PHE A 72 21.85 5.53 1.82
C PHE A 72 21.29 6.47 2.88
N GLY A 73 21.30 6.05 4.16
CA GLY A 73 20.59 6.73 5.27
C GLY A 73 21.10 8.15 5.57
N GLY A 74 22.38 8.40 5.34
CA GLY A 74 23.03 9.69 5.65
C GLY A 74 22.91 10.05 7.13
N LEU A 75 22.35 11.22 7.44
CA LEU A 75 22.32 11.80 8.81
C LEU A 75 21.18 11.20 9.61
N ARG A 76 20.29 10.43 8.97
CA ARG A 76 19.21 9.66 9.64
C ARG A 76 18.33 10.65 10.41
N ASP A 77 18.27 10.52 11.74
CA ASP A 77 17.38 11.33 12.61
C ASP A 77 17.86 12.78 12.63
N GLY A 78 19.11 13.03 12.26
CA GLY A 78 19.67 14.37 12.03
C GLY A 78 18.79 15.20 11.09
N TYR A 79 18.07 14.56 10.17
CA TYR A 79 17.16 15.25 9.23
C TYR A 79 15.90 15.72 9.95
N TYR A 80 15.57 15.17 11.13
CA TYR A 80 14.24 15.41 11.75
C TYR A 80 14.28 16.72 12.57
N ILE A 81 15.46 17.26 12.86
CA ILE A 81 15.65 18.42 13.79
C ILE A 81 14.77 19.59 13.33
N GLN A 82 13.90 20.08 14.23
CA GLN A 82 13.03 21.29 14.07
C GLN A 82 12.03 21.07 12.93
N ALA A 83 11.71 19.82 12.60
CA ALA A 83 10.54 19.48 11.76
C ALA A 83 9.26 19.90 12.51
N GLN A 84 8.31 20.48 11.78
CA GLN A 84 7.02 20.95 12.32
C GLN A 84 5.91 19.97 11.95
N CYS A 85 6.16 19.04 11.03
CA CYS A 85 5.15 18.06 10.59
C CYS A 85 5.87 16.93 9.86
N ALA A 86 5.18 15.81 9.63
CA ALA A 86 5.79 14.60 9.04
C ALA A 86 4.75 13.75 8.32
N ILE A 87 5.22 13.04 7.30
CA ILE A 87 4.52 11.92 6.64
C ILE A 87 5.38 10.67 6.87
N ILE A 88 4.77 9.60 7.40
CA ILE A 88 5.39 8.25 7.41
C ILE A 88 4.72 7.46 6.28
N MET A 89 5.53 6.91 5.40
CA MET A 89 5.06 6.21 4.18
C MET A 89 5.36 4.71 4.29
N PHE A 90 4.40 3.89 3.91
CA PHE A 90 4.67 2.46 3.59
C PHE A 90 3.98 2.12 2.27
N ASP A 91 4.14 0.89 1.84
CA ASP A 91 3.65 0.38 0.53
C ASP A 91 2.65 -0.73 0.85
N VAL A 92 1.38 -0.56 0.50
CA VAL A 92 0.32 -1.56 0.85
C VAL A 92 0.57 -2.87 0.11
N THR A 93 1.49 -2.90 -0.87
CA THR A 93 1.88 -4.14 -1.60
C THR A 93 3.09 -4.82 -0.93
N SER A 94 3.66 -4.28 0.15
CA SER A 94 4.84 -4.86 0.85
C SER A 94 4.66 -4.86 2.38
N ARG A 95 4.36 -6.03 2.97
CA ARG A 95 4.08 -6.21 4.43
C ARG A 95 5.24 -5.67 5.29
N VAL A 96 6.48 -5.92 4.91
CA VAL A 96 7.66 -5.52 5.70
C VAL A 96 7.59 -3.99 5.92
N THR A 97 7.16 -3.23 4.91
CA THR A 97 7.17 -1.74 4.94
C THR A 97 6.20 -1.27 6.02
N TYR A 98 5.11 -2.00 6.24
CA TYR A 98 4.17 -1.64 7.32
C TYR A 98 4.74 -2.12 8.66
N LYS A 99 5.39 -3.29 8.70
CA LYS A 99 6.01 -3.82 9.94
C LYS A 99 7.06 -2.83 10.46
N ASN A 100 7.66 -2.05 9.57
CA ASN A 100 8.75 -1.10 9.89
C ASN A 100 8.19 0.27 10.29
N VAL A 101 6.90 0.53 10.10
CA VAL A 101 6.26 1.84 10.46
C VAL A 101 6.55 2.18 11.93
N PRO A 102 6.38 1.25 12.91
CA PRO A 102 6.68 1.58 14.31
C PRO A 102 8.12 2.05 14.54
N ASN A 103 9.07 1.56 13.74
CA ASN A 103 10.51 1.94 13.83
C ASN A 103 10.70 3.37 13.32
N TRP A 104 10.10 3.72 12.18
CA TRP A 104 10.20 5.11 11.66
C TRP A 104 9.51 6.07 12.65
N HIS A 105 8.36 5.70 13.20
CA HIS A 105 7.61 6.57 14.15
C HIS A 105 8.49 6.80 15.39
N ARG A 106 9.04 5.70 15.94
CA ARG A 106 9.95 5.74 17.11
C ARG A 106 11.05 6.79 16.90
N ASP A 107 11.82 6.66 15.82
CA ASP A 107 13.00 7.51 15.53
C ASP A 107 12.55 8.96 15.35
N LEU A 108 11.39 9.16 14.75
CA LEU A 108 10.83 10.48 14.42
C LEU A 108 10.41 11.23 15.69
N VAL A 109 9.59 10.61 16.57
CA VAL A 109 8.97 11.32 17.73
C VAL A 109 9.99 11.48 18.84
N ARG A 110 11.08 10.71 18.84
CA ARG A 110 12.18 10.92 19.81
C ARG A 110 12.82 12.29 19.59
N VAL A 111 12.84 12.77 18.34
CA VAL A 111 13.40 14.10 17.93
C VAL A 111 12.29 15.16 17.88
N CYS A 112 11.08 14.84 17.39
CA CYS A 112 9.94 15.78 17.19
C CYS A 112 8.75 15.31 18.06
N GLU A 113 8.64 15.81 19.28
CA GLU A 113 7.79 15.19 20.33
C GLU A 113 6.31 15.51 20.10
N ASN A 114 5.96 16.65 19.50
CA ASN A 114 4.55 17.14 19.49
C ASN A 114 4.22 17.74 18.13
N ILE A 115 4.31 16.96 17.06
CA ILE A 115 4.07 17.46 15.67
C ILE A 115 2.97 16.63 15.03
N PRO A 116 2.16 17.25 14.16
CA PRO A 116 1.19 16.51 13.37
C PRO A 116 1.90 15.58 12.38
N ILE A 117 1.44 14.34 12.32
CA ILE A 117 2.02 13.24 11.48
C ILE A 117 0.89 12.54 10.76
N VAL A 118 1.04 12.34 9.44
CA VAL A 118 0.13 11.53 8.60
C VAL A 118 0.85 10.21 8.32
N LEU A 119 0.19 9.09 8.58
CA LEU A 119 0.58 7.77 8.06
C LEU A 119 -0.06 7.58 6.69
N CYS A 120 0.75 7.20 5.70
CA CYS A 120 0.30 7.05 4.29
C CYS A 120 0.64 5.65 3.78
N GLY A 121 -0.38 4.87 3.43
CA GLY A 121 -0.24 3.60 2.71
C GLY A 121 -0.33 3.86 1.22
N ASN A 122 0.83 3.86 0.56
CA ASN A 122 0.94 4.17 -0.89
C ASN A 122 0.66 2.92 -1.72
N LYS A 123 0.32 3.13 -2.99
CA LYS A 123 0.23 2.13 -4.08
C LYS A 123 -1.08 1.36 -3.96
N VAL A 124 -2.17 2.02 -3.54
CA VAL A 124 -3.50 1.35 -3.44
C VAL A 124 -4.08 1.14 -4.85
N ASP A 125 -3.44 1.66 -5.89
CA ASP A 125 -3.78 1.41 -7.33
C ASP A 125 -3.52 -0.06 -7.72
N ILE A 126 -2.59 -0.73 -7.05
CA ILE A 126 -2.17 -2.11 -7.39
C ILE A 126 -3.23 -3.07 -6.85
N LYS A 127 -3.70 -3.97 -7.71
CA LYS A 127 -4.86 -4.87 -7.49
C LYS A 127 -4.56 -5.85 -6.34
N ASP A 128 -3.37 -6.47 -6.35
CA ASP A 128 -2.95 -7.50 -5.36
C ASP A 128 -2.40 -6.79 -4.11
N ARG A 129 -3.30 -6.29 -3.27
CA ARG A 129 -2.97 -5.56 -2.03
C ARG A 129 -2.56 -6.58 -0.94
N LYS A 130 -1.47 -6.31 -0.22
CA LYS A 130 -0.90 -7.22 0.80
C LYS A 130 -1.18 -6.70 2.21
N VAL A 131 -1.17 -5.37 2.43
CA VAL A 131 -1.50 -4.79 3.76
C VAL A 131 -2.97 -4.35 3.73
N LYS A 132 -3.85 -5.20 4.24
CA LYS A 132 -5.32 -5.05 4.26
C LYS A 132 -5.71 -3.96 5.26
N ALA A 133 -6.77 -3.22 4.97
CA ALA A 133 -7.41 -2.23 5.89
C ALA A 133 -7.45 -2.78 7.33
N LYS A 134 -7.94 -4.00 7.53
CA LYS A 134 -8.09 -4.68 8.85
C LYS A 134 -6.79 -4.55 9.66
N SER A 135 -5.64 -4.63 9.01
CA SER A 135 -4.30 -4.74 9.64
C SER A 135 -3.78 -3.37 10.09
N ILE A 136 -4.24 -2.28 9.46
CA ILE A 136 -3.64 -0.93 9.65
C ILE A 136 -4.35 -0.23 10.82
N VAL A 137 -3.78 -0.36 12.01
CA VAL A 137 -4.32 0.19 13.30
C VAL A 137 -3.21 0.99 14.05
N PHE A 138 -1.97 1.01 13.59
CA PHE A 138 -0.83 1.57 14.34
C PHE A 138 -1.07 3.05 14.65
N HIS A 139 -1.72 3.77 13.74
CA HIS A 139 -1.98 5.23 13.85
C HIS A 139 -2.89 5.57 15.04
N ARG A 140 -3.72 4.64 15.51
CA ARG A 140 -4.84 4.95 16.45
C ARG A 140 -4.26 5.40 17.80
N LYS A 141 -3.49 4.54 18.45
CA LYS A 141 -2.87 4.88 19.75
C LYS A 141 -1.82 6.00 19.58
N LYS A 142 -1.28 6.20 18.39
CA LYS A 142 -0.21 7.22 18.19
C LYS A 142 -0.77 8.55 17.69
N ASN A 143 -2.09 8.66 17.54
CA ASN A 143 -2.82 9.90 17.12
C ASN A 143 -2.30 10.38 15.76
N LEU A 144 -1.96 9.45 14.88
CA LEU A 144 -1.59 9.82 13.48
C LEU A 144 -2.85 9.86 12.65
N GLN A 145 -2.95 10.83 11.74
CA GLN A 145 -3.91 10.76 10.62
C GLN A 145 -3.46 9.61 9.70
N TYR A 146 -4.41 8.93 9.07
CA TYR A 146 -4.12 7.85 8.10
C TYR A 146 -4.87 8.13 6.79
N TYR A 147 -4.17 7.94 5.66
CA TYR A 147 -4.78 7.90 4.30
C TYR A 147 -4.21 6.78 3.46
N ASP A 148 -5.11 6.03 2.82
CA ASP A 148 -4.77 5.25 1.60
C ASP A 148 -4.39 6.28 0.55
N ILE A 149 -3.22 6.16 -0.07
CA ILE A 149 -2.88 7.02 -1.24
C ILE A 149 -2.33 6.19 -2.40
N SER A 150 -2.36 6.79 -3.59
CA SER A 150 -1.58 6.35 -4.77
C SER A 150 -0.97 7.57 -5.45
N ALA A 151 0.35 7.70 -5.42
CA ALA A 151 1.10 8.66 -6.27
C ALA A 151 0.82 8.42 -7.75
N LYS A 152 0.37 7.22 -8.13
CA LYS A 152 0.20 6.86 -9.58
C LYS A 152 -1.20 7.23 -10.07
N SER A 153 -2.27 6.90 -9.32
CA SER A 153 -3.67 7.24 -9.70
C SER A 153 -4.07 8.60 -9.13
N ASN A 154 -3.28 9.16 -8.20
CA ASN A 154 -3.53 10.44 -7.47
C ASN A 154 -4.68 10.25 -6.46
N TYR A 155 -5.04 9.02 -6.13
CA TYR A 155 -6.04 8.73 -5.06
C TYR A 155 -5.57 9.39 -3.75
N ASN A 156 -6.39 10.28 -3.17
CA ASN A 156 -6.15 11.01 -1.89
C ASN A 156 -4.82 11.78 -1.93
N PHE A 157 -4.37 12.17 -3.11
CA PHE A 157 -3.04 12.74 -3.44
C PHE A 157 -2.74 14.00 -2.60
N GLU A 158 -3.76 14.83 -2.38
CA GLU A 158 -3.67 16.16 -1.73
C GLU A 158 -3.94 16.03 -0.21
N LYS A 159 -4.53 14.93 0.24
CA LYS A 159 -5.07 14.76 1.61
C LYS A 159 -3.98 14.97 2.67
N PRO A 160 -2.78 14.35 2.56
CA PRO A 160 -1.79 14.47 3.62
C PRO A 160 -1.47 15.95 3.85
N PHE A 161 -1.30 16.74 2.77
CA PHE A 161 -0.86 18.15 2.87
C PHE A 161 -2.01 19.01 3.38
N LEU A 162 -3.24 18.76 2.93
CA LEU A 162 -4.42 19.52 3.36
C LEU A 162 -4.59 19.31 4.88
N TRP A 163 -4.42 18.08 5.35
CA TRP A 163 -4.61 17.75 6.78
C TRP A 163 -3.53 18.48 7.59
N LEU A 164 -2.28 18.39 7.18
CA LEU A 164 -1.15 19.05 7.89
C LEU A 164 -1.34 20.57 7.87
N ALA A 165 -1.79 21.13 6.76
CA ALA A 165 -2.03 22.59 6.61
C ALA A 165 -3.08 23.01 7.64
N ARG A 166 -4.15 22.23 7.76
CA ARG A 166 -5.25 22.54 8.71
C ARG A 166 -4.68 22.54 10.14
N LYS A 167 -3.79 21.59 10.45
CA LYS A 167 -3.20 21.44 11.79
C LYS A 167 -2.18 22.56 12.08
N LEU A 168 -1.29 22.89 11.13
CA LEU A 168 -0.23 23.90 11.34
C LEU A 168 -0.80 25.32 11.42
N ILE A 169 -1.80 25.66 10.60
CA ILE A 169 -2.45 27.01 10.59
C ILE A 169 -3.47 27.11 11.73
N GLY A 170 -4.03 25.98 12.20
CA GLY A 170 -5.04 25.92 13.27
C GLY A 170 -6.41 26.37 12.79
N ASP A 171 -6.76 26.06 11.55
CA ASP A 171 -8.08 26.35 10.94
C ASP A 171 -8.60 25.04 10.32
N PRO A 172 -9.62 24.40 10.94
CA PRO A 172 -10.17 23.16 10.41
C PRO A 172 -10.91 23.33 9.07
N ASN A 173 -11.29 24.57 8.70
CA ASN A 173 -12.03 24.93 7.46
C ASN A 173 -11.10 25.46 6.35
N LEU A 174 -9.78 25.44 6.57
CA LEU A 174 -8.80 25.78 5.52
C LEU A 174 -9.10 24.90 4.31
N GLU A 175 -9.18 25.49 3.11
CA GLU A 175 -9.38 24.74 1.85
C GLU A 175 -8.21 25.09 0.94
N PHE A 176 -7.77 24.15 0.10
CA PHE A 176 -6.95 24.44 -1.09
C PHE A 176 -7.86 25.13 -2.11
N VAL A 177 -7.38 26.19 -2.77
CA VAL A 177 -8.18 26.97 -3.74
C VAL A 177 -7.40 27.02 -5.06
N ALA A 178 -8.10 27.28 -6.17
CA ALA A 178 -7.48 27.51 -7.49
C ALA A 178 -6.47 28.66 -7.37
N MET A 179 -5.18 28.38 -7.59
CA MET A 179 -4.14 29.43 -7.74
C MET A 179 -4.55 30.38 -8.87
N PRO A 180 -4.55 31.72 -8.64
CA PRO A 180 -4.93 32.68 -9.68
C PRO A 180 -4.17 32.52 -11.00
N ALA A 181 -4.80 32.82 -12.14
CA ALA A 181 -4.31 32.51 -13.51
C ALA A 181 -4.14 33.78 -14.34
N ALA A 182 -2.95 34.40 -14.32
CA ALA A 182 -2.63 35.66 -15.02
C ALA A 182 -2.87 35.47 -16.52
N ALA A 183 -3.28 36.52 -17.21
CA ALA A 183 -3.34 36.56 -18.70
C ALA A 183 -1.96 36.20 -19.25
N PRO A 184 -1.84 35.20 -20.14
CA PRO A 184 -0.53 34.81 -20.67
C PRO A 184 -0.07 35.72 -21.81
N PRO A 185 1.25 35.93 -22.01
CA PRO A 185 1.72 36.86 -23.04
C PRO A 185 1.45 36.33 -24.46
N GLU A 186 1.33 37.24 -25.42
CA GLU A 186 1.31 36.90 -26.86
C GLU A 186 2.75 37.06 -27.37
N VAL A 187 3.15 36.24 -28.35
CA VAL A 187 4.51 36.35 -28.96
C VAL A 187 4.40 36.12 -30.47
N VAL A 188 5.49 36.44 -31.17
CA VAL A 188 5.78 36.06 -32.58
C VAL A 188 6.95 35.08 -32.52
N MET A 189 6.88 33.98 -33.28
CA MET A 189 7.98 32.98 -33.37
C MET A 189 9.21 33.69 -33.95
N ASP A 190 10.37 33.49 -33.30
CA ASP A 190 11.68 34.11 -33.64
C ASP A 190 12.24 33.38 -34.87
N PRO A 191 12.33 34.01 -36.06
CA PRO A 191 12.54 33.27 -37.32
C PRO A 191 13.89 32.53 -37.43
N ALA A 192 14.84 32.78 -36.51
CA ALA A 192 16.18 32.16 -36.47
C ALA A 192 16.17 30.89 -35.60
N LEU A 193 15.01 30.47 -35.08
CA LEU A 193 14.80 29.16 -34.38
C LEU A 193 13.76 28.30 -35.11
N ALA A 194 13.18 28.79 -36.23
CA ALA A 194 12.24 28.06 -37.11
C ALA A 194 12.77 26.65 -37.40
N ALA A 195 14.03 26.55 -37.80
CA ALA A 195 14.75 25.30 -38.15
C ALA A 195 15.08 24.50 -36.88
N GLN A 196 15.25 25.19 -35.75
CA GLN A 196 15.51 24.59 -34.41
C GLN A 196 14.24 23.86 -33.92
N TYR A 197 13.05 24.40 -34.21
CA TYR A 197 11.75 23.91 -33.67
C TYR A 197 11.27 22.68 -34.45
N GLU A 198 11.26 22.70 -35.79
CA GLU A 198 10.84 21.53 -36.62
C GLU A 198 11.59 20.26 -36.16
N HIS A 199 12.87 20.39 -35.76
CA HIS A 199 13.72 19.30 -35.24
C HIS A 199 13.15 18.74 -33.93
N ASP A 200 13.26 19.54 -32.86
CA ASP A 200 12.76 19.21 -31.49
C ASP A 200 11.36 18.61 -31.56
N LEU A 201 10.51 19.13 -32.45
CA LEU A 201 9.11 18.68 -32.67
C LEU A 201 9.10 17.34 -33.42
N GLU A 202 10.09 17.08 -34.28
CA GLU A 202 10.26 15.81 -35.02
C GLU A 202 10.62 14.69 -34.02
N VAL A 203 11.56 14.94 -33.11
CA VAL A 203 11.97 13.95 -32.06
C VAL A 203 10.76 13.63 -31.17
N ALA A 204 9.97 14.64 -30.81
CA ALA A 204 8.85 14.58 -29.86
C ALA A 204 7.66 13.82 -30.46
N GLN A 205 7.37 14.01 -31.75
CA GLN A 205 6.30 13.28 -32.48
C GLN A 205 6.64 11.79 -32.58
N THR A 206 7.94 11.45 -32.64
CA THR A 206 8.47 10.09 -32.91
C THR A 206 8.92 9.43 -31.61
N THR A 207 8.74 10.08 -30.46
CA THR A 207 8.88 9.47 -29.11
C THR A 207 7.47 9.21 -28.55
N ALA A 208 7.12 7.95 -28.34
CA ALA A 208 5.78 7.49 -27.89
C ALA A 208 5.46 8.12 -26.54
N LEU A 209 4.18 8.47 -26.31
CA LEU A 209 3.68 8.93 -24.99
C LEU A 209 3.61 7.71 -24.08
N PRO A 210 3.96 7.80 -22.79
CA PRO A 210 3.86 6.66 -21.89
C PRO A 210 2.40 6.29 -21.60
N ASP A 211 2.17 5.00 -21.30
CA ASP A 211 0.93 4.45 -20.68
C ASP A 211 -0.28 4.68 -21.57
N GLU A 212 -0.22 4.28 -22.84
CA GLU A 212 -1.30 4.53 -23.83
C GLU A 212 -2.55 3.69 -23.50
N ASP A 213 -2.50 2.82 -22.48
CA ASP A 213 -3.65 1.97 -22.05
C ASP A 213 -4.45 2.60 -20.91
N ASP A 214 -4.02 3.73 -20.34
CA ASP A 214 -4.73 4.38 -19.22
C ASP A 214 -5.98 5.12 -19.73
N ASP A 215 -6.81 5.61 -18.81
CA ASP A 215 -8.05 6.39 -19.09
C ASP A 215 -7.65 7.73 -19.73
N LEU A 216 -6.58 8.34 -19.23
CA LEU A 216 -5.89 9.51 -19.86
C LEU A 216 -4.38 9.25 -19.75
N MET B 18 -8.72 34.80 -11.34
CA MET B 18 -8.36 35.57 -12.56
C MET B 18 -9.00 34.91 -13.81
N GLU B 19 -10.19 34.31 -13.65
CA GLU B 19 -10.96 33.61 -14.73
C GLU B 19 -12.39 34.15 -14.81
N GLU B 20 -12.72 35.21 -14.07
CA GLU B 20 -14.12 35.73 -13.90
C GLU B 20 -14.49 36.66 -15.07
N ASP B 21 -13.50 37.10 -15.87
CA ASP B 21 -13.71 37.99 -17.05
C ASP B 21 -13.57 37.17 -18.34
N GLU B 22 -13.80 35.85 -18.29
CA GLU B 22 -13.58 34.91 -19.44
C GLU B 22 -14.79 34.00 -19.65
N GLU B 23 -15.20 33.85 -20.91
CA GLU B 23 -16.24 32.89 -21.37
C GLU B 23 -15.55 31.52 -21.58
N VAL B 24 -16.18 30.43 -21.14
CA VAL B 24 -15.67 29.03 -21.33
C VAL B 24 -16.22 28.49 -22.66
N LEU B 25 -15.40 28.50 -23.73
CA LEU B 25 -15.78 28.10 -25.11
C LEU B 25 -15.85 26.58 -25.23
N TYR B 26 -15.00 25.86 -24.51
CA TYR B 26 -14.80 24.39 -24.62
C TYR B 26 -14.12 23.90 -23.34
N LYS B 27 -14.62 22.80 -22.79
CA LYS B 27 -14.07 22.08 -21.61
C LYS B 27 -13.87 20.62 -22.02
N VAL B 28 -12.72 20.04 -21.71
CA VAL B 28 -12.45 18.60 -21.94
C VAL B 28 -11.40 18.10 -20.95
N ARG B 29 -11.61 16.87 -20.45
CA ARG B 29 -10.63 16.16 -19.58
C ARG B 29 -9.46 15.69 -20.44
N ALA B 30 -8.25 15.92 -19.95
CA ALA B 30 -7.00 15.65 -20.67
C ALA B 30 -5.89 15.35 -19.68
N LYS B 31 -4.85 14.72 -20.19
CA LYS B 31 -3.52 14.59 -19.55
C LYS B 31 -2.54 15.36 -20.44
N LEU B 32 -1.69 16.17 -19.83
CA LEU B 32 -0.72 17.04 -20.54
C LEU B 32 0.69 16.55 -20.22
N PHE B 33 1.53 16.50 -21.25
CA PHE B 33 2.95 16.09 -21.19
C PHE B 33 3.79 17.23 -21.76
N ARG B 34 5.02 17.33 -21.27
CA ARG B 34 6.05 18.21 -21.83
C ARG B 34 7.25 17.34 -22.15
N PHE B 35 7.97 17.67 -23.22
CA PHE B 35 9.14 16.88 -23.69
C PHE B 35 10.37 17.43 -22.98
N ASP B 36 11.08 16.56 -22.29
CA ASP B 36 12.44 16.80 -21.77
C ASP B 36 13.40 16.28 -22.85
N ALA B 37 14.03 17.20 -23.60
CA ALA B 37 14.98 16.92 -24.70
C ALA B 37 16.23 16.23 -24.14
N ASP B 38 16.68 16.61 -22.94
CA ASP B 38 17.86 16.03 -22.26
C ASP B 38 17.66 14.52 -22.06
N ALA B 39 16.56 14.14 -21.40
CA ALA B 39 16.19 12.75 -21.07
C ALA B 39 15.55 12.06 -22.28
N LYS B 40 15.12 12.82 -23.29
CA LYS B 40 14.49 12.31 -24.53
C LYS B 40 13.25 11.48 -24.17
N GLU B 41 12.50 11.90 -23.14
CA GLU B 41 11.22 11.25 -22.76
C GLU B 41 10.16 12.32 -22.48
N TRP B 42 8.91 11.98 -22.71
CA TRP B 42 7.74 12.76 -22.26
C TRP B 42 7.66 12.67 -20.73
N LYS B 43 7.37 13.79 -20.07
CA LYS B 43 7.07 13.83 -18.63
C LYS B 43 5.70 14.48 -18.45
N GLU B 44 4.82 13.79 -17.74
CA GLU B 44 3.46 14.28 -17.40
C GLU B 44 3.58 15.62 -16.66
N ARG B 45 2.69 16.55 -16.98
CA ARG B 45 2.66 17.88 -16.32
C ARG B 45 1.36 18.04 -15.54
N GLY B 46 0.29 17.40 -15.96
CA GLY B 46 -0.98 17.48 -15.22
C GLY B 46 -2.05 16.63 -15.84
N THR B 47 -3.07 16.33 -15.03
CA THR B 47 -4.33 15.69 -15.43
C THR B 47 -5.47 16.52 -14.85
N GLY B 48 -6.45 16.85 -15.67
CA GLY B 48 -7.63 17.59 -15.21
C GLY B 48 -8.32 18.26 -16.37
N ASP B 49 -9.12 19.29 -16.08
CA ASP B 49 -9.97 19.97 -17.09
C ASP B 49 -9.07 20.92 -17.89
N CYS B 50 -8.99 20.70 -19.20
CA CYS B 50 -8.42 21.62 -20.19
C CYS B 50 -9.55 22.55 -20.67
N LYS B 51 -9.36 23.86 -20.51
CA LYS B 51 -10.39 24.88 -20.85
C LYS B 51 -9.85 25.86 -21.88
N PHE B 52 -10.69 26.23 -22.83
CA PHE B 52 -10.47 27.32 -23.82
C PHE B 52 -11.26 28.52 -23.28
N LEU B 53 -10.55 29.60 -22.91
CA LEU B 53 -11.17 30.77 -22.24
C LEU B 53 -11.00 32.03 -23.13
N LYS B 54 -12.13 32.66 -23.50
CA LYS B 54 -12.18 33.93 -24.27
C LYS B 54 -12.34 35.07 -23.28
N ASN B 55 -11.32 35.94 -23.19
CA ASN B 55 -11.31 37.19 -22.40
C ASN B 55 -12.30 38.18 -23.01
N LYS B 56 -13.32 38.60 -22.25
CA LYS B 56 -14.47 39.40 -22.76
C LYS B 56 -14.07 40.85 -23.03
N LYS B 57 -12.82 41.22 -22.76
CA LYS B 57 -12.27 42.58 -23.01
C LYS B 57 -11.43 42.60 -24.29
N THR B 58 -10.60 41.57 -24.51
CA THR B 58 -9.65 41.48 -25.65
C THR B 58 -10.11 40.46 -26.70
N ASN B 59 -11.15 39.66 -26.40
CA ASN B 59 -11.65 38.53 -27.25
C ASN B 59 -10.48 37.58 -27.59
N LYS B 60 -9.45 37.51 -26.74
CA LYS B 60 -8.29 36.59 -26.86
C LYS B 60 -8.63 35.26 -26.18
N VAL B 61 -8.35 34.13 -26.83
CA VAL B 61 -8.68 32.76 -26.33
C VAL B 61 -7.39 32.08 -25.88
N ARG B 62 -7.33 31.66 -24.62
CA ARG B 62 -6.18 30.92 -24.06
C ARG B 62 -6.60 29.49 -23.74
N ILE B 63 -5.60 28.62 -23.64
CA ILE B 63 -5.70 27.31 -22.95
C ILE B 63 -5.38 27.56 -21.47
N LEU B 64 -6.30 27.19 -20.60
CA LEU B 64 -6.01 27.14 -19.13
C LEU B 64 -6.35 25.74 -18.63
N MET B 65 -5.36 25.04 -18.09
CA MET B 65 -5.52 23.65 -17.63
C MET B 65 -5.12 23.57 -16.15
N ARG B 66 -6.02 23.01 -15.33
CA ARG B 66 -5.81 22.84 -13.87
C ARG B 66 -5.75 21.36 -13.52
N ARG B 67 -4.83 20.99 -12.62
CA ARG B 67 -4.66 19.61 -12.09
C ARG B 67 -5.85 19.22 -11.18
N ASP B 68 -6.30 17.96 -11.28
CA ASP B 68 -7.24 17.35 -10.31
C ASP B 68 -6.71 17.57 -8.88
N LYS B 69 -7.63 17.75 -7.93
CA LYS B 69 -7.47 17.81 -6.45
C LYS B 69 -6.60 18.98 -5.97
N THR B 70 -5.51 19.38 -6.65
CA THR B 70 -4.71 20.57 -6.22
C THR B 70 -5.18 21.84 -6.91
N LEU B 71 -5.76 21.72 -8.11
CA LEU B 71 -6.21 22.83 -9.00
C LEU B 71 -5.03 23.73 -9.39
N LYS B 72 -3.80 23.25 -9.25
CA LYS B 72 -2.59 23.98 -9.70
C LYS B 72 -2.56 24.00 -11.22
N ILE B 73 -2.02 25.08 -11.79
CA ILE B 73 -2.05 25.37 -13.24
C ILE B 73 -0.92 24.56 -13.90
N CYS B 74 -1.27 23.70 -14.86
CA CYS B 74 -0.29 22.93 -15.68
C CYS B 74 -0.21 23.51 -17.09
N ALA B 75 -1.17 24.34 -17.51
CA ALA B 75 -1.06 25.03 -18.82
C ALA B 75 -1.82 26.36 -18.77
N ASN B 76 -1.16 27.39 -19.32
CA ASN B 76 -1.64 28.78 -19.40
C ASN B 76 -0.90 29.48 -20.54
N HIS B 77 -1.51 29.52 -21.73
CA HIS B 77 -0.91 30.14 -22.94
C HIS B 77 -2.00 30.49 -23.95
N ILE B 78 -1.71 31.49 -24.79
CA ILE B 78 -2.58 31.90 -25.94
C ILE B 78 -2.55 30.76 -26.96
N ILE B 79 -3.71 30.39 -27.51
CA ILE B 79 -3.80 29.49 -28.69
C ILE B 79 -3.35 30.30 -29.90
N ALA B 80 -2.02 30.48 -30.03
CA ALA B 80 -1.36 31.24 -31.12
C ALA B 80 -1.80 30.72 -32.49
N PRO B 81 -2.13 31.61 -33.44
CA PRO B 81 -2.42 31.20 -34.82
C PRO B 81 -1.32 30.37 -35.52
N GLU B 82 -0.05 30.48 -35.10
CA GLU B 82 1.13 29.86 -35.77
C GLU B 82 1.34 28.41 -35.28
N TYR B 83 0.63 27.97 -34.25
CA TYR B 83 0.75 26.60 -33.67
C TYR B 83 0.02 25.59 -34.56
N THR B 84 0.62 24.40 -34.68
CA THR B 84 0.08 23.27 -35.48
C THR B 84 0.03 22.05 -34.57
N LEU B 85 -1.17 21.46 -34.45
CA LEU B 85 -1.41 20.16 -33.78
C LEU B 85 -0.92 19.04 -34.71
N LYS B 86 -0.01 18.19 -34.21
CA LYS B 86 0.61 17.07 -34.98
C LYS B 86 0.27 15.75 -34.26
N PRO B 87 0.12 14.61 -34.97
CA PRO B 87 -0.08 13.34 -34.29
C PRO B 87 1.20 12.93 -33.53
N ASN B 88 1.04 12.19 -32.42
CA ASN B 88 2.14 11.39 -31.82
C ASN B 88 2.16 9.97 -32.41
N VAL B 89 3.34 9.42 -32.72
CA VAL B 89 3.50 8.06 -33.32
C VAL B 89 2.75 7.00 -32.48
N GLY B 90 2.61 7.19 -31.17
CA GLY B 90 2.06 6.18 -30.23
C GLY B 90 0.56 6.26 -29.98
N SER B 91 -0.14 7.27 -30.47
CA SER B 91 -1.52 7.57 -30.02
C SER B 91 -2.42 7.98 -31.19
N ASP B 92 -3.68 7.56 -31.17
CA ASP B 92 -4.74 8.05 -32.09
C ASP B 92 -5.65 9.01 -31.33
N ARG B 93 -5.24 9.46 -30.13
CA ARG B 93 -6.08 10.35 -29.28
C ARG B 93 -5.21 11.42 -28.59
N SER B 94 -4.11 11.85 -29.21
CA SER B 94 -3.20 12.90 -28.68
C SER B 94 -2.77 13.87 -29.79
N TRP B 95 -2.35 15.09 -29.41
CA TRP B 95 -1.72 16.09 -30.30
C TRP B 95 -0.41 16.54 -29.67
N VAL B 96 0.62 16.76 -30.47
CA VAL B 96 1.83 17.48 -30.00
C VAL B 96 1.90 18.81 -30.75
N TYR B 97 2.40 19.83 -30.07
CA TYR B 97 2.56 21.21 -30.61
C TYR B 97 3.58 21.95 -29.75
N ALA B 98 4.45 22.73 -30.39
CA ALA B 98 5.39 23.69 -29.76
C ALA B 98 4.58 24.87 -29.24
N CYS B 99 4.91 25.31 -28.03
CA CYS B 99 4.41 26.56 -27.40
C CYS B 99 5.63 27.43 -27.10
N THR B 100 5.58 28.73 -27.39
CA THR B 100 6.74 29.65 -27.20
C THR B 100 6.68 30.37 -25.85
N ALA B 101 5.52 30.45 -25.20
CA ALA B 101 5.30 31.27 -23.98
C ALA B 101 4.13 30.71 -23.13
N ASP B 102 4.44 29.76 -22.26
CA ASP B 102 3.50 29.23 -21.22
C ASP B 102 3.96 29.74 -19.84
N ILE B 103 3.00 30.17 -19.00
CA ILE B 103 3.27 30.84 -17.69
C ILE B 103 2.64 30.04 -16.52
N ALA B 104 2.42 28.74 -16.71
CA ALA B 104 1.94 27.82 -15.64
C ALA B 104 2.84 27.94 -14.41
N GLU B 105 4.16 27.98 -14.59
CA GLU B 105 5.17 27.99 -13.50
C GLU B 105 5.75 29.41 -13.35
N GLY B 106 5.03 30.44 -13.77
CA GLY B 106 5.44 31.86 -13.68
C GLY B 106 6.08 32.35 -14.97
N GLU B 107 7.39 32.51 -15.00
CA GLU B 107 8.15 33.17 -16.10
C GLU B 107 7.94 32.41 -17.42
N ALA B 108 7.48 33.11 -18.46
CA ALA B 108 7.18 32.57 -19.81
C ALA B 108 8.32 31.66 -20.29
N GLU B 109 7.99 30.43 -20.71
CA GLU B 109 8.98 29.47 -21.26
C GLU B 109 8.38 28.77 -22.49
N ALA B 110 9.27 28.24 -23.32
CA ALA B 110 8.95 27.41 -24.50
C ALA B 110 8.89 25.96 -24.06
N PHE B 111 7.86 25.24 -24.50
CA PHE B 111 7.70 23.78 -24.29
C PHE B 111 7.27 23.14 -25.61
N THR B 112 7.72 21.91 -25.85
CA THR B 112 7.02 20.92 -26.71
C THR B 112 5.99 20.18 -25.83
N PHE B 113 4.71 20.43 -26.08
CA PHE B 113 3.58 19.82 -25.33
C PHE B 113 3.01 18.66 -26.11
N ALA B 114 2.47 17.67 -25.38
CA ALA B 114 1.54 16.64 -25.87
C ALA B 114 0.35 16.65 -24.92
N ILE B 115 -0.85 16.61 -25.50
CA ILE B 115 -2.12 16.54 -24.71
C ILE B 115 -2.89 15.31 -25.21
N ARG B 116 -3.27 14.43 -24.29
CA ARG B 116 -3.98 13.15 -24.61
C ARG B 116 -5.36 13.22 -23.96
N PHE B 117 -6.36 12.63 -24.64
CA PHE B 117 -7.80 12.70 -24.31
C PHE B 117 -8.34 11.28 -24.07
N GLY B 118 -9.60 11.18 -23.69
CA GLY B 118 -10.25 9.89 -23.39
C GLY B 118 -10.46 9.05 -24.64
N SER B 119 -10.61 9.68 -25.81
CA SER B 119 -11.05 9.03 -27.07
C SER B 119 -10.45 9.79 -28.26
N LYS B 120 -10.44 9.15 -29.44
CA LYS B 120 -10.10 9.79 -30.74
C LYS B 120 -11.09 10.93 -30.99
N GLU B 121 -12.38 10.68 -30.76
CA GLU B 121 -13.49 11.65 -30.89
C GLU B 121 -13.15 12.95 -30.14
N ASN B 122 -12.70 12.83 -28.88
CA ASN B 122 -12.39 13.99 -28.00
C ASN B 122 -11.24 14.79 -28.60
N ALA B 123 -10.19 14.10 -29.05
CA ALA B 123 -8.98 14.70 -29.63
C ALA B 123 -9.34 15.46 -30.89
N ASP B 124 -10.23 14.89 -31.73
CA ASP B 124 -10.69 15.49 -33.01
C ASP B 124 -11.51 16.74 -32.70
N LYS B 125 -12.44 16.63 -31.75
CA LYS B 125 -13.27 17.77 -31.25
C LYS B 125 -12.32 18.87 -30.74
N PHE B 126 -11.34 18.53 -29.90
CA PHE B 126 -10.31 19.45 -29.36
C PHE B 126 -9.69 20.28 -30.51
N LYS B 127 -9.29 19.60 -31.58
CA LYS B 127 -8.55 20.18 -32.74
C LYS B 127 -9.49 21.14 -33.50
N GLU B 128 -10.73 20.69 -33.74
CA GLU B 128 -11.84 21.52 -34.28
C GLU B 128 -11.91 22.85 -33.49
N GLU B 129 -12.06 22.74 -32.17
CA GLU B 129 -12.24 23.88 -31.22
C GLU B 129 -11.00 24.77 -31.20
N PHE B 130 -9.81 24.18 -31.40
CA PHE B 130 -8.47 24.82 -31.29
C PHE B 130 -8.22 25.68 -32.53
N GLU B 131 -8.72 25.20 -33.67
CA GLU B 131 -8.74 25.95 -34.96
C GLU B 131 -9.77 27.09 -34.86
N LYS B 132 -10.98 26.80 -34.37
CA LYS B 132 -12.04 27.83 -34.08
C LYS B 132 -11.45 28.97 -33.25
N ALA B 133 -10.66 28.66 -32.22
CA ALA B 133 -10.01 29.64 -31.31
C ALA B 133 -8.82 30.32 -32.01
N GLN B 134 -8.09 29.61 -32.87
CA GLN B 134 -6.98 30.21 -33.68
C GLN B 134 -7.53 31.34 -34.56
N GLU B 135 -8.68 31.11 -35.23
CA GLU B 135 -9.35 32.11 -36.11
C GLU B 135 -9.79 33.31 -35.26
N ILE B 136 -10.53 33.04 -34.17
CA ILE B 136 -10.98 34.08 -33.20
C ILE B 136 -9.78 34.92 -32.76
N ASN B 137 -8.59 34.32 -32.64
CA ASN B 137 -7.35 35.00 -32.17
C ASN B 137 -6.76 35.89 -33.27
N LYS B 138 -7.18 35.74 -34.54
CA LYS B 138 -6.62 36.50 -35.70
C LYS B 138 -7.25 37.91 -35.79
N LYS B 139 -8.56 38.04 -35.54
CA LYS B 139 -9.26 39.36 -35.37
C LYS B 139 -8.29 40.40 -34.80
N SER C 3 35.51 25.91 0.41
CA SER C 3 36.10 26.15 1.77
C SER C 3 35.36 25.32 2.83
N MET C 4 34.06 25.04 2.62
CA MET C 4 33.23 24.20 3.52
C MET C 4 33.84 22.79 3.63
N GLU C 5 34.50 22.31 2.56
CA GLU C 5 35.11 20.95 2.47
C GLU C 5 36.30 20.81 3.43
N GLY C 6 36.64 21.85 4.21
CA GLY C 6 37.79 21.85 5.12
C GLY C 6 37.67 20.76 6.18
N ILE C 7 36.49 20.60 6.79
CA ILE C 7 36.22 19.62 7.91
C ILE C 7 36.51 18.18 7.46
N LEU C 8 36.41 17.88 6.16
CA LEU C 8 36.69 16.52 5.60
C LEU C 8 38.20 16.24 5.60
N ASP C 9 39.03 17.27 5.62
CA ASP C 9 40.52 17.17 5.62
C ASP C 9 40.98 16.77 7.04
N PHE C 10 41.08 15.46 7.31
CA PHE C 10 41.39 14.90 8.65
C PHE C 10 42.88 14.99 8.95
N SER C 11 43.73 15.25 7.94
CA SER C 11 45.20 15.49 8.11
C SER C 11 45.43 16.76 8.95
N ASN C 12 44.45 17.68 8.96
CA ASN C 12 44.41 18.87 9.84
C ASN C 12 43.38 18.67 10.97
N ASP C 13 43.57 19.39 12.08
CA ASP C 13 42.64 19.40 13.24
C ASP C 13 41.34 20.10 12.82
N LEU C 14 40.23 19.77 13.48
CA LEU C 14 38.88 20.20 13.06
C LEU C 14 38.64 21.66 13.47
N ASP C 15 38.41 22.53 12.49
CA ASP C 15 37.91 23.91 12.75
C ASP C 15 36.43 23.80 13.14
N ILE C 16 36.15 23.78 14.44
CA ILE C 16 34.79 23.68 15.04
C ILE C 16 33.88 24.73 14.40
N ALA C 17 34.36 25.98 14.28
CA ALA C 17 33.60 27.13 13.75
C ALA C 17 33.22 26.86 12.29
N LEU C 18 34.05 26.12 11.53
CA LEU C 18 33.78 25.73 10.12
C LEU C 18 32.65 24.70 10.13
N LEU C 19 32.74 23.67 10.99
CA LEU C 19 31.66 22.66 11.20
C LEU C 19 30.33 23.39 11.44
N ASP C 20 30.33 24.38 12.33
CA ASP C 20 29.11 25.12 12.77
C ASP C 20 28.50 25.88 11.57
N GLN C 21 29.31 26.35 10.63
CA GLN C 21 28.84 27.07 9.42
C GLN C 21 28.21 26.07 8.45
N VAL C 22 28.90 24.95 8.21
CA VAL C 22 28.46 23.84 7.31
C VAL C 22 27.05 23.39 7.80
N VAL C 23 26.97 23.05 9.08
CA VAL C 23 25.73 22.60 9.77
C VAL C 23 24.66 23.69 9.62
N SER C 24 24.96 24.94 9.94
CA SER C 24 24.04 26.10 9.78
C SER C 24 23.53 26.17 8.35
N THR C 25 24.45 26.13 7.37
CA THR C 25 24.14 26.17 5.92
C THR C 25 23.17 25.02 5.57
N PHE C 26 23.40 23.83 6.12
CA PHE C 26 22.53 22.66 5.87
C PHE C 26 21.11 22.90 6.42
N TYR C 27 20.98 23.26 7.69
CA TYR C 27 19.65 23.30 8.36
C TYR C 27 18.90 24.57 7.97
N GLN C 28 19.58 25.72 7.87
CA GLN C 28 18.94 27.06 7.71
C GLN C 28 19.15 27.60 6.29
N GLY C 29 20.08 27.06 5.50
CA GLY C 29 20.42 27.56 4.15
C GLY C 29 19.44 27.09 3.09
N GLU C 30 19.78 27.24 1.81
CA GLU C 30 18.88 27.08 0.64
C GLU C 30 19.62 26.48 -0.57
N GLY C 31 18.84 25.89 -1.50
CA GLY C 31 19.25 25.45 -2.84
C GLY C 31 20.62 24.80 -2.88
N VAL C 32 21.54 25.39 -3.66
CA VAL C 32 22.86 24.80 -4.06
C VAL C 32 23.76 24.74 -2.82
N GLN C 33 23.66 25.75 -1.94
CA GLN C 33 24.49 25.88 -0.71
C GLN C 33 24.08 24.81 0.30
N GLN C 34 22.78 24.64 0.56
CA GLN C 34 22.22 23.60 1.47
C GLN C 34 22.74 22.23 1.04
N LYS C 35 22.66 21.93 -0.26
CA LYS C 35 23.03 20.62 -0.87
C LYS C 35 24.52 20.30 -0.64
N GLN C 36 25.42 21.26 -0.89
CA GLN C 36 26.89 21.05 -0.72
C GLN C 36 27.22 20.75 0.75
N ALA C 37 26.60 21.49 1.67
CA ALA C 37 26.69 21.26 3.14
C ALA C 37 26.26 19.82 3.44
N GLN C 38 25.11 19.39 2.89
CA GLN C 38 24.50 18.04 3.09
C GLN C 38 25.53 16.96 2.78
N GLU C 39 26.14 17.01 1.59
CA GLU C 39 27.09 16.00 1.08
C GLU C 39 28.32 16.01 2.00
N ILE C 40 28.78 17.19 2.38
CA ILE C 40 30.01 17.35 3.21
C ILE C 40 29.77 16.73 4.59
N LEU C 41 28.68 17.10 5.26
CA LEU C 41 28.29 16.57 6.59
C LEU C 41 28.18 15.04 6.59
N THR C 42 27.58 14.47 5.53
CA THR C 42 27.37 13.01 5.36
C THR C 42 28.74 12.33 5.32
N LYS C 43 29.68 12.84 4.52
CA LYS C 43 31.05 12.28 4.40
C LYS C 43 31.75 12.42 5.76
N PHE C 44 31.55 13.54 6.45
CA PHE C 44 32.15 13.79 7.78
C PHE C 44 31.68 12.69 8.74
N GLN C 45 30.37 12.54 8.87
CA GLN C 45 29.74 11.58 9.82
C GLN C 45 30.16 10.13 9.50
N ASP C 46 30.30 9.78 8.22
CA ASP C 46 30.56 8.40 7.74
C ASP C 46 32.06 8.08 7.83
N ASN C 47 32.93 9.09 7.98
CA ASN C 47 34.36 8.86 8.22
C ASN C 47 34.51 7.97 9.44
N PRO C 48 35.15 6.78 9.32
CA PRO C 48 35.26 5.84 10.43
C PRO C 48 36.02 6.33 11.68
N ASP C 49 36.79 7.41 11.57
CA ASP C 49 37.58 8.01 12.67
C ASP C 49 36.81 9.17 13.30
N ALA C 50 35.81 9.72 12.58
CA ALA C 50 35.00 10.88 12.99
C ALA C 50 34.69 10.84 14.50
N TRP C 51 34.45 9.67 15.08
CA TRP C 51 34.08 9.54 16.52
C TRP C 51 35.15 10.15 17.43
N GLU C 52 36.43 10.10 17.03
CA GLU C 52 37.56 10.67 17.81
C GLU C 52 37.34 12.17 18.01
N LYS C 53 36.61 12.83 17.10
CA LYS C 53 36.41 14.30 17.10
C LYS C 53 35.19 14.69 17.98
N VAL C 54 34.43 13.71 18.48
CA VAL C 54 33.13 13.95 19.17
C VAL C 54 33.38 14.77 20.44
N ASP C 55 34.33 14.33 21.27
CA ASP C 55 34.81 14.99 22.51
C ASP C 55 35.00 16.50 22.27
N GLN C 56 35.85 16.84 21.30
CA GLN C 56 36.18 18.22 20.82
C GLN C 56 34.86 18.97 20.52
N ILE C 57 34.00 18.41 19.67
CA ILE C 57 32.75 19.05 19.15
C ILE C 57 31.80 19.36 20.32
N LEU C 58 31.59 18.43 21.24
CA LEU C 58 30.62 18.58 22.37
C LEU C 58 31.12 19.64 23.36
N GLN C 59 32.44 19.87 23.41
CA GLN C 59 33.04 20.87 24.35
C GLN C 59 33.02 22.26 23.73
N PHE C 60 33.36 22.41 22.45
CA PHE C 60 33.80 23.70 21.84
C PHE C 60 32.81 24.23 20.79
N SER C 61 31.88 23.43 20.25
CA SER C 61 30.83 23.93 19.33
C SER C 61 29.80 24.73 20.14
N THR C 62 29.26 25.79 19.54
CA THR C 62 28.12 26.58 20.07
C THR C 62 26.82 26.22 19.33
N ASN C 63 26.89 25.40 18.28
CA ASN C 63 25.72 24.98 17.46
C ASN C 63 25.24 23.63 17.99
N PRO C 64 24.03 23.58 18.59
CA PRO C 64 23.50 22.33 19.14
C PRO C 64 23.20 21.30 18.03
N GLN C 65 22.99 21.75 16.79
CA GLN C 65 22.83 20.86 15.60
C GLN C 65 24.12 20.07 15.39
N SER C 66 25.27 20.71 15.58
CA SER C 66 26.61 20.09 15.46
C SER C 66 26.79 19.03 16.56
N LYS C 67 26.35 19.33 17.77
CA LYS C 67 26.48 18.41 18.91
C LYS C 67 25.60 17.19 18.66
N PHE C 68 24.39 17.42 18.14
CA PHE C 68 23.43 16.36 17.76
C PHE C 68 24.11 15.38 16.80
N ILE C 69 24.71 15.91 15.74
CA ILE C 69 25.43 15.10 14.71
C ILE C 69 26.64 14.42 15.35
N ALA C 70 27.35 15.09 16.26
CA ALA C 70 28.45 14.44 17.03
C ALA C 70 27.91 13.18 17.72
N LEU C 71 26.74 13.27 18.36
CA LEU C 71 26.13 12.14 19.12
C LEU C 71 25.71 11.03 18.15
N SER C 72 25.27 11.35 16.93
CA SER C 72 24.97 10.36 15.87
C SER C 72 26.24 9.56 15.58
N ILE C 73 27.37 10.25 15.42
CA ILE C 73 28.69 9.62 15.10
C ILE C 73 29.08 8.69 16.26
N LEU C 74 28.89 9.15 17.50
CA LEU C 74 29.19 8.38 18.73
C LEU C 74 28.29 7.14 18.74
N ASP C 75 27.02 7.28 18.35
CA ASP C 75 26.02 6.18 18.33
C ASP C 75 26.52 5.05 17.42
N LYS C 76 27.01 5.36 16.22
CA LYS C 76 27.51 4.36 15.25
C LYS C 76 28.66 3.56 15.90
N LEU C 77 29.58 4.25 16.58
CA LEU C 77 30.68 3.60 17.37
C LEU C 77 30.10 2.68 18.45
N ILE C 78 29.20 3.19 19.30
CA ILE C 78 28.65 2.44 20.47
C ILE C 78 27.92 1.19 19.97
N THR C 79 27.15 1.28 18.90
CA THR C 79 26.27 0.17 18.46
C THR C 79 27.08 -0.86 17.65
N ARG C 80 28.18 -0.47 16.98
CA ARG C 80 28.90 -1.33 16.00
C ARG C 80 30.27 -1.79 16.53
N LYS C 81 31.09 -0.91 17.11
CA LYS C 81 32.54 -1.17 17.32
C LYS C 81 32.94 -0.97 18.78
N TRP C 82 31.96 -0.73 19.64
CA TRP C 82 32.17 -0.40 21.08
C TRP C 82 33.20 -1.34 21.72
N LYS C 83 33.07 -2.65 21.47
CA LYS C 83 33.83 -3.69 22.22
C LYS C 83 35.31 -3.73 21.80
N LEU C 84 35.71 -3.05 20.72
CA LEU C 84 37.14 -2.90 20.31
C LEU C 84 37.88 -1.94 21.26
N LEU C 85 37.16 -1.09 22.00
CA LEU C 85 37.79 -0.01 22.80
C LEU C 85 38.29 -0.59 24.12
N PRO C 86 39.47 -0.16 24.63
CA PRO C 86 39.90 -0.51 25.98
C PRO C 86 38.86 -0.07 27.01
N ASN C 87 38.79 -0.81 28.14
CA ASN C 87 37.83 -0.52 29.24
C ASN C 87 37.95 0.95 29.65
N ASP C 88 39.17 1.46 29.83
CA ASP C 88 39.41 2.83 30.33
C ASP C 88 38.74 3.84 29.38
N HIS C 89 38.80 3.59 28.08
CA HIS C 89 38.28 4.50 27.02
C HIS C 89 36.74 4.48 27.07
N ARG C 90 36.16 3.30 27.31
CA ARG C 90 34.69 3.10 27.39
C ARG C 90 34.15 3.80 28.64
N ILE C 91 34.86 3.71 29.76
CA ILE C 91 34.50 4.41 31.03
C ILE C 91 34.66 5.93 30.81
N GLY C 92 35.66 6.37 30.05
CA GLY C 92 35.85 7.79 29.69
C GLY C 92 34.66 8.34 28.93
N ILE C 93 34.24 7.67 27.87
CA ILE C 93 33.10 8.13 27.01
C ILE C 93 31.82 8.15 27.87
N ARG C 94 31.55 7.05 28.58
CA ARG C 94 30.41 6.91 29.52
C ARG C 94 30.37 8.10 30.49
N ASN C 95 31.49 8.46 31.13
CA ASN C 95 31.56 9.55 32.14
C ASN C 95 31.36 10.90 31.46
N PHE C 96 31.99 11.12 30.30
CA PHE C 96 31.79 12.33 29.45
C PHE C 96 30.29 12.53 29.17
N VAL C 97 29.59 11.46 28.76
CA VAL C 97 28.16 11.55 28.34
C VAL C 97 27.29 11.88 29.55
N VAL C 98 27.43 11.14 30.65
CA VAL C 98 26.71 11.40 31.95
C VAL C 98 26.92 12.87 32.37
N GLY C 99 28.18 13.30 32.51
CA GLY C 99 28.57 14.68 32.89
C GLY C 99 27.93 15.75 32.02
N MET C 100 27.91 15.55 30.70
CA MET C 100 27.30 16.50 29.73
C MET C 100 25.79 16.59 30.00
N ILE C 101 25.16 15.46 30.33
CA ILE C 101 23.70 15.37 30.57
C ILE C 101 23.38 16.11 31.88
N ILE C 102 24.09 15.79 32.96
CA ILE C 102 23.87 16.43 34.30
C ILE C 102 24.08 17.95 34.14
N SER C 103 25.14 18.35 33.47
CA SER C 103 25.51 19.77 33.20
C SER C 103 24.35 20.48 32.49
N MET C 104 23.91 19.98 31.34
CA MET C 104 22.79 20.58 30.57
C MET C 104 21.52 20.67 31.42
N CYS C 105 21.29 19.73 32.34
CA CYS C 105 20.08 19.64 33.20
C CYS C 105 20.15 20.68 34.33
N GLN C 106 21.35 21.03 34.80
CA GLN C 106 21.56 21.91 35.97
C GLN C 106 21.49 23.39 35.55
N ASP C 107 21.64 23.68 34.26
CA ASP C 107 21.43 25.01 33.63
C ASP C 107 19.97 25.10 33.12
N ASP C 108 19.05 25.66 33.91
CA ASP C 108 17.60 25.82 33.59
C ASP C 108 17.40 26.33 32.15
N GLU C 109 18.20 27.32 31.74
CA GLU C 109 18.18 27.95 30.39
C GLU C 109 18.30 26.85 29.33
N VAL C 110 19.32 26.01 29.43
CA VAL C 110 19.68 24.97 28.41
C VAL C 110 18.65 23.84 28.47
N PHE C 111 18.21 23.45 29.68
CA PHE C 111 17.14 22.45 29.91
C PHE C 111 15.86 22.83 29.16
N LYS C 112 15.44 24.10 29.28
CA LYS C 112 14.21 24.63 28.64
C LYS C 112 14.35 24.58 27.12
N THR C 113 15.46 25.08 26.59
CA THR C 113 15.65 25.50 25.18
C THR C 113 16.24 24.39 24.30
N GLN C 114 16.99 23.44 24.87
CA GLN C 114 17.79 22.43 24.10
C GLN C 114 17.25 21.01 24.35
N LYS C 115 15.94 20.80 24.30
CA LYS C 115 15.30 19.47 24.51
C LYS C 115 15.80 18.46 23.47
N ASN C 116 15.98 18.87 22.21
CA ASN C 116 16.52 18.03 21.10
C ASN C 116 17.84 17.39 21.51
N LEU C 117 18.80 18.20 21.98
CA LEU C 117 20.17 17.74 22.27
C LEU C 117 20.18 16.86 23.53
N ILE C 118 19.39 17.21 24.54
CA ILE C 118 19.29 16.43 25.81
C ILE C 118 18.69 15.05 25.52
N ASN C 119 17.57 15.01 24.80
CA ASN C 119 16.87 13.77 24.41
C ASN C 119 17.86 12.86 23.67
N LYS C 120 18.60 13.42 22.72
CA LYS C 120 19.58 12.69 21.89
C LYS C 120 20.69 12.14 22.80
N SER C 121 21.12 12.93 23.78
CA SER C 121 22.14 12.55 24.79
C SER C 121 21.63 11.36 25.58
N ASP C 122 20.37 11.42 26.01
CA ASP C 122 19.74 10.35 26.83
C ASP C 122 19.75 9.05 26.01
N LEU C 123 19.40 9.12 24.74
CA LEU C 123 19.36 7.91 23.87
C LEU C 123 20.77 7.37 23.70
N THR C 124 21.77 8.26 23.52
CA THR C 124 23.21 7.89 23.44
C THR C 124 23.60 7.13 24.73
N LEU C 125 23.22 7.68 25.89
CA LEU C 125 23.44 7.02 27.20
C LEU C 125 22.83 5.60 27.16
N VAL C 126 21.60 5.47 26.69
CA VAL C 126 20.88 4.16 26.72
C VAL C 126 21.61 3.15 25.83
N GLN C 127 22.13 3.59 24.68
CA GLN C 127 22.95 2.72 23.79
C GLN C 127 24.17 2.21 24.59
N ILE C 128 24.80 3.06 25.42
CA ILE C 128 25.93 2.64 26.29
C ILE C 128 25.43 1.60 27.29
N LEU C 129 24.28 1.83 27.92
CA LEU C 129 23.70 0.88 28.92
C LEU C 129 23.48 -0.48 28.26
N LYS C 130 23.09 -0.49 26.99
CA LYS C 130 22.81 -1.74 26.25
C LYS C 130 24.12 -2.54 26.12
N GLN C 131 25.25 -1.83 26.00
CA GLN C 131 26.60 -2.44 25.85
C GLN C 131 27.17 -2.77 27.22
N GLU C 132 27.07 -1.85 28.17
CA GLU C 132 27.84 -1.87 29.44
C GLU C 132 27.04 -2.47 30.60
N TRP C 133 25.69 -2.37 30.61
CA TRP C 133 24.87 -2.49 31.85
C TRP C 133 24.09 -3.80 31.88
N PRO C 134 23.93 -4.48 33.04
CA PRO C 134 24.62 -4.11 34.29
C PRO C 134 26.01 -4.69 34.59
N GLN C 135 26.45 -5.72 33.87
CA GLN C 135 27.71 -6.47 34.13
C GLN C 135 28.90 -5.52 34.36
N ASN C 136 29.06 -4.46 33.58
CA ASN C 136 30.21 -3.52 33.73
C ASN C 136 29.74 -2.16 34.27
N TRP C 137 28.60 -2.11 34.99
CA TRP C 137 28.03 -0.85 35.53
C TRP C 137 26.93 -1.12 36.55
N PRO C 138 27.16 -1.99 37.56
CA PRO C 138 26.07 -2.49 38.40
C PRO C 138 25.35 -1.39 39.20
N GLU C 139 25.97 -0.21 39.27
CA GLU C 139 25.56 0.89 40.17
C GLU C 139 24.78 1.96 39.39
N PHE C 140 24.50 1.74 38.11
CA PHE C 140 23.88 2.77 37.25
C PHE C 140 22.55 3.19 37.87
N ILE C 141 21.72 2.21 38.25
CA ILE C 141 20.34 2.48 38.70
C ILE C 141 20.38 3.18 40.06
N PRO C 142 21.04 2.62 41.10
CA PRO C 142 21.17 3.33 42.38
C PRO C 142 21.67 4.78 42.22
N GLU C 143 22.69 5.00 41.41
CA GLU C 143 23.26 6.35 41.15
C GLU C 143 22.21 7.26 40.50
N LEU C 144 21.47 6.78 39.50
CA LEU C 144 20.36 7.51 38.84
C LEU C 144 19.29 7.88 39.87
N ILE C 145 18.90 6.93 40.72
CA ILE C 145 17.88 7.13 41.79
C ILE C 145 18.39 8.18 42.77
N GLY C 146 19.68 8.11 43.14
CA GLY C 146 20.33 9.08 44.05
C GLY C 146 20.32 10.48 43.47
N SER C 147 20.89 10.65 42.26
CA SER C 147 21.01 11.94 41.52
C SER C 147 19.63 12.57 41.27
N SER C 148 18.53 11.83 41.48
CA SER C 148 17.13 12.27 41.21
C SER C 148 16.67 13.27 42.28
N SER C 149 16.97 13.00 43.57
CA SER C 149 16.57 13.86 44.73
C SER C 149 17.33 15.19 44.73
N SER C 150 18.47 15.28 44.04
CA SER C 150 19.40 16.45 44.03
C SER C 150 18.82 17.63 43.23
N SER C 151 17.92 17.39 42.28
CA SER C 151 17.47 18.42 41.30
C SER C 151 16.21 17.92 40.57
N VAL C 152 15.19 18.78 40.47
CA VAL C 152 13.93 18.49 39.73
C VAL C 152 14.25 18.22 38.25
N ASN C 153 15.14 19.02 37.67
CA ASN C 153 15.52 18.93 36.23
C ASN C 153 16.16 17.56 35.96
N VAL C 154 17.08 17.12 36.80
CA VAL C 154 17.82 15.82 36.67
C VAL C 154 16.82 14.67 36.86
N CYS C 155 15.94 14.78 37.85
CA CYS C 155 14.87 13.79 38.15
C CYS C 155 13.99 13.58 36.91
N GLU C 156 13.56 14.68 36.26
CA GLU C 156 12.69 14.67 35.05
C GLU C 156 13.44 13.96 33.92
N ASN C 157 14.69 14.32 33.71
CA ASN C 157 15.54 13.76 32.63
C ASN C 157 15.82 12.28 32.91
N ASN C 158 15.94 11.89 34.19
CA ASN C 158 16.14 10.47 34.58
C ASN C 158 14.90 9.65 34.20
N MET C 159 13.72 10.26 34.22
CA MET C 159 12.46 9.60 33.80
C MET C 159 12.48 9.37 32.28
N ILE C 160 13.10 10.28 31.53
CA ILE C 160 13.26 10.15 30.04
C ILE C 160 14.24 9.01 29.73
N VAL C 161 15.32 8.87 30.52
CA VAL C 161 16.35 7.82 30.32
C VAL C 161 15.70 6.47 30.58
N LEU C 162 14.91 6.37 31.66
CA LEU C 162 14.26 5.09 32.05
C LEU C 162 13.18 4.70 31.04
N LYS C 163 12.44 5.67 30.51
CA LYS C 163 11.47 5.45 29.41
C LYS C 163 12.20 4.83 28.20
N LEU C 164 13.26 5.49 27.72
CA LEU C 164 14.06 5.02 26.56
C LEU C 164 14.66 3.64 26.84
N LEU C 165 15.21 3.40 28.05
CA LEU C 165 15.77 2.07 28.43
C LEU C 165 14.67 1.00 28.30
N SER C 166 13.47 1.27 28.84
CA SER C 166 12.33 0.32 28.82
C SER C 166 11.89 0.00 27.37
N GLU C 167 11.77 1.03 26.51
CA GLU C 167 11.50 0.88 25.06
C GLU C 167 12.59 0.01 24.40
N GLU C 168 13.85 0.28 24.66
CA GLU C 168 14.96 -0.40 23.94
C GLU C 168 15.02 -1.88 24.36
N VAL C 169 14.73 -2.17 25.62
CA VAL C 169 14.84 -3.55 26.20
C VAL C 169 13.56 -4.35 25.91
N PHE C 170 12.38 -3.73 26.01
CA PHE C 170 11.08 -4.45 25.96
C PHE C 170 10.36 -4.26 24.61
N ASP C 171 10.41 -3.07 24.02
CA ASP C 171 9.51 -2.71 22.88
C ASP C 171 10.20 -2.89 21.52
N PHE C 172 11.51 -2.66 21.43
CA PHE C 172 12.25 -2.67 20.14
C PHE C 172 13.43 -3.64 20.18
N SER C 173 13.53 -4.51 21.19
CA SER C 173 14.67 -5.46 21.33
C SER C 173 14.56 -6.59 20.29
N ALA C 174 13.36 -7.00 19.91
CA ALA C 174 13.09 -8.27 19.20
C ALA C 174 13.96 -8.36 17.93
N GLU C 175 14.11 -7.27 17.18
CA GLU C 175 14.85 -7.35 15.88
C GLU C 175 16.29 -6.83 16.06
N GLN C 176 16.61 -6.13 17.15
CA GLN C 176 17.87 -5.36 17.29
C GLN C 176 18.93 -6.07 18.14
N MET C 177 18.53 -7.11 18.89
CA MET C 177 19.43 -7.84 19.83
C MET C 177 19.31 -9.33 19.60
N THR C 178 20.31 -10.10 20.04
CA THR C 178 20.16 -11.57 20.11
C THR C 178 19.11 -11.88 21.17
N GLN C 179 18.45 -13.03 21.04
CA GLN C 179 17.52 -13.60 22.04
C GLN C 179 18.18 -13.59 23.42
N ALA C 180 19.42 -14.04 23.51
CA ALA C 180 20.15 -14.11 24.79
C ALA C 180 20.34 -12.70 25.38
N LYS C 181 20.67 -11.70 24.57
CA LYS C 181 20.97 -10.34 25.09
C LYS C 181 19.66 -9.65 25.49
N ALA C 182 18.59 -9.88 24.74
CA ALA C 182 17.22 -9.40 25.07
C ALA C 182 16.80 -9.95 26.45
N LEU C 183 16.92 -11.27 26.67
CA LEU C 183 16.59 -11.90 27.97
C LEU C 183 17.48 -11.34 29.09
N HIS C 184 18.79 -11.19 28.87
CA HIS C 184 19.71 -10.62 29.88
C HIS C 184 19.23 -9.23 30.32
N LEU C 185 18.88 -8.34 29.38
CA LEU C 185 18.54 -6.94 29.68
C LEU C 185 17.15 -6.88 30.33
N LYS C 186 16.21 -7.70 29.86
CA LYS C 186 14.85 -7.84 30.44
C LYS C 186 14.95 -8.26 31.91
N ASN C 187 15.64 -9.37 32.18
CA ASN C 187 15.86 -9.89 33.56
C ASN C 187 16.56 -8.81 34.39
N SER C 188 17.51 -8.10 33.81
CA SER C 188 18.29 -7.04 34.51
C SER C 188 17.35 -5.91 34.93
N MET C 189 16.44 -5.48 34.04
CA MET C 189 15.49 -4.38 34.38
C MET C 189 14.49 -4.89 35.41
N SER C 190 14.05 -6.14 35.27
CA SER C 190 13.11 -6.81 36.19
C SER C 190 13.69 -6.84 37.61
N LYS C 191 14.98 -7.19 37.76
CA LYS C 191 15.67 -7.31 39.07
C LYS C 191 15.66 -5.98 39.82
N GLU C 192 15.84 -4.85 39.13
CA GLU C 192 15.95 -3.52 39.79
C GLU C 192 14.67 -2.69 39.65
N PHE C 193 13.56 -3.28 39.21
CA PHE C 193 12.35 -2.47 38.94
C PHE C 193 11.78 -1.93 40.26
N GLU C 194 11.78 -2.76 41.31
CA GLU C 194 11.31 -2.41 42.69
C GLU C 194 11.83 -1.01 43.08
N GLN C 195 13.14 -0.77 42.97
CA GLN C 195 13.73 0.55 43.29
C GLN C 195 13.14 1.59 42.32
N ILE C 196 13.13 1.30 41.01
CA ILE C 196 12.67 2.28 39.98
C ILE C 196 11.23 2.68 40.31
N PHE C 197 10.40 1.71 40.69
CA PHE C 197 8.96 1.95 40.95
C PHE C 197 8.83 2.88 42.17
N LYS C 198 9.49 2.52 43.26
CA LYS C 198 9.58 3.35 44.49
C LYS C 198 9.82 4.82 44.06
N LEU C 199 10.83 5.09 43.25
CA LEU C 199 11.15 6.47 42.75
C LEU C 199 9.93 7.08 42.04
N CYS C 200 9.35 6.37 41.08
N CYS C 200 9.37 6.34 41.08
CA CYS C 200 8.26 6.88 40.22
CA CYS C 200 8.25 6.74 40.18
C CYS C 200 7.01 7.16 41.06
C CYS C 200 7.01 7.10 41.01
N PHE C 201 6.67 6.27 41.99
CA PHE C 201 5.51 6.41 42.89
C PHE C 201 5.70 7.65 43.78
N GLN C 202 6.86 7.77 44.42
CA GLN C 202 7.21 8.95 45.26
C GLN C 202 6.95 10.23 44.46
N VAL C 203 7.57 10.39 43.28
CA VAL C 203 7.40 11.60 42.42
C VAL C 203 5.90 11.83 42.16
N LEU C 204 5.13 10.78 41.90
CA LEU C 204 3.68 10.88 41.57
C LEU C 204 2.87 11.26 42.83
N GLU C 205 3.25 10.77 44.02
CA GLU C 205 2.61 11.15 45.31
C GLU C 205 2.95 12.60 45.69
N GLN C 206 4.23 12.96 45.71
CA GLN C 206 4.76 14.23 46.30
C GLN C 206 4.55 15.39 45.33
N GLY C 207 4.42 15.12 44.03
CA GLY C 207 3.73 15.99 43.06
C GLY C 207 4.49 17.27 42.75
N SER C 208 3.79 18.28 42.24
CA SER C 208 4.21 19.70 42.13
C SER C 208 4.51 20.07 40.67
N SER C 209 5.71 19.71 40.17
CA SER C 209 6.21 20.13 38.82
C SER C 209 5.48 19.33 37.74
N SER C 210 4.74 20.01 36.86
CA SER C 210 3.87 19.37 35.85
C SER C 210 4.78 18.60 34.87
N SER C 211 5.82 19.24 34.35
CA SER C 211 6.76 18.63 33.37
C SER C 211 7.39 17.37 33.96
N LEU C 212 7.69 17.37 35.27
CA LEU C 212 8.25 16.19 35.98
C LEU C 212 7.20 15.08 36.07
N ILE C 213 5.97 15.45 36.38
CA ILE C 213 4.83 14.49 36.52
C ILE C 213 4.57 13.86 35.15
N VAL C 214 4.56 14.66 34.09
CA VAL C 214 4.27 14.15 32.72
C VAL C 214 5.39 13.16 32.34
N ALA C 215 6.65 13.52 32.51
CA ALA C 215 7.81 12.64 32.13
C ALA C 215 7.71 11.31 32.91
N THR C 216 7.35 11.35 34.19
CA THR C 216 7.17 10.15 35.04
C THR C 216 6.04 9.28 34.48
N LEU C 217 4.88 9.88 34.17
CA LEU C 217 3.73 9.13 33.61
C LEU C 217 4.11 8.55 32.24
N GLU C 218 4.84 9.29 31.40
CA GLU C 218 5.33 8.80 30.08
C GLU C 218 6.11 7.50 30.32
N SER C 219 6.96 7.45 31.35
CA SER C 219 7.80 6.26 31.65
C SER C 219 6.90 5.12 32.15
N LEU C 220 5.91 5.45 33.00
CA LEU C 220 4.93 4.43 33.50
C LEU C 220 4.20 3.76 32.32
N LEU C 221 3.77 4.50 31.29
CA LEU C 221 3.11 3.93 30.09
C LEU C 221 3.96 2.82 29.49
N ARG C 222 5.28 3.03 29.40
CA ARG C 222 6.25 2.02 28.90
C ARG C 222 6.34 0.85 29.89
N TYR C 223 6.44 1.12 31.20
CA TYR C 223 6.54 0.07 32.25
C TYR C 223 5.35 -0.89 32.10
N LEU C 224 4.16 -0.33 31.86
CA LEU C 224 2.88 -1.10 31.83
C LEU C 224 2.91 -2.18 30.74
N HIS C 225 3.75 -2.04 29.71
CA HIS C 225 3.88 -3.07 28.63
C HIS C 225 4.39 -4.38 29.22
N TRP C 226 5.09 -4.38 30.37
CA TRP C 226 5.79 -5.61 30.86
C TRP C 226 5.66 -5.87 32.38
N ILE C 227 5.42 -4.88 33.25
CA ILE C 227 5.52 -5.07 34.73
C ILE C 227 4.32 -5.87 35.23
N PRO C 228 4.50 -6.63 36.33
CA PRO C 228 3.40 -7.40 36.92
C PRO C 228 2.32 -6.47 37.48
N TYR C 229 1.08 -6.96 37.53
CA TYR C 229 -0.15 -6.19 37.87
C TYR C 229 -0.04 -5.60 39.29
N ARG C 230 0.62 -6.31 40.20
CA ARG C 230 0.62 -5.96 41.66
C ARG C 230 1.13 -4.53 41.88
N TYR C 231 2.04 -4.04 41.04
CA TYR C 231 2.57 -2.66 41.11
C TYR C 231 1.47 -1.62 40.87
N ILE C 232 0.35 -2.01 40.24
CA ILE C 232 -0.79 -1.10 39.90
C ILE C 232 -1.92 -1.32 40.92
N TYR C 233 -2.25 -2.58 41.19
CA TYR C 233 -3.43 -2.99 41.98
C TYR C 233 -3.12 -3.04 43.49
N GLU C 234 -1.85 -3.18 43.90
CA GLU C 234 -1.49 -3.31 45.35
C GLU C 234 -0.79 -2.04 45.86
N THR C 235 -0.85 -0.95 45.12
CA THR C 235 -0.41 0.39 45.57
C THR C 235 -1.54 1.39 45.33
N ASN C 236 -1.33 2.62 45.72
CA ASN C 236 -2.34 3.69 45.59
C ASN C 236 -2.49 4.08 44.11
N ILE C 237 -1.61 3.59 43.23
CA ILE C 237 -1.36 4.22 41.90
C ILE C 237 -2.63 4.21 41.04
N LEU C 238 -3.45 3.16 41.11
CA LEU C 238 -4.71 3.13 40.31
C LEU C 238 -5.55 4.36 40.68
N GLU C 239 -5.66 4.65 41.98
CA GLU C 239 -6.46 5.80 42.48
C GLU C 239 -5.86 7.11 41.98
N LEU C 240 -4.52 7.28 42.04
CA LEU C 240 -3.87 8.55 41.63
C LEU C 240 -4.16 8.79 40.15
N LEU C 241 -3.95 7.78 39.30
CA LEU C 241 -4.18 7.86 37.84
C LEU C 241 -5.64 8.25 37.58
N SER C 242 -6.60 7.54 38.19
CA SER C 242 -8.05 7.63 37.89
C SER C 242 -8.72 8.86 38.58
N THR C 243 -8.01 9.64 39.41
CA THR C 243 -8.58 10.86 40.08
C THR C 243 -7.67 12.06 39.79
N LYS C 244 -6.67 12.27 40.64
CA LYS C 244 -5.70 13.39 40.57
C LYS C 244 -5.30 13.66 39.11
N PHE C 245 -4.76 12.68 38.39
CA PHE C 245 -4.07 12.94 37.09
C PHE C 245 -5.09 13.13 35.96
N MET C 246 -6.34 12.72 36.16
CA MET C 246 -7.40 12.97 35.15
C MET C 246 -7.95 14.40 35.27
N THR C 247 -7.78 15.07 36.42
CA THR C 247 -8.34 16.43 36.69
C THR C 247 -7.53 17.54 36.00
N SER C 248 -6.20 17.39 35.92
CA SER C 248 -5.30 18.40 35.28
C SER C 248 -5.10 18.02 33.81
N PRO C 249 -5.21 18.99 32.88
CA PRO C 249 -5.13 18.68 31.45
C PRO C 249 -3.72 18.36 30.94
N ASP C 250 -2.68 18.86 31.62
CA ASP C 250 -1.25 18.53 31.33
C ASP C 250 -1.03 17.02 31.47
N THR C 251 -1.63 16.37 32.49
CA THR C 251 -1.41 14.93 32.83
C THR C 251 -2.48 14.01 32.24
N ARG C 252 -3.54 14.56 31.66
CA ARG C 252 -4.79 13.84 31.32
C ARG C 252 -4.57 12.90 30.13
N ALA C 253 -3.93 13.39 29.07
CA ALA C 253 -3.65 12.61 27.84
C ALA C 253 -2.80 11.38 28.21
N ILE C 254 -1.70 11.59 28.90
CA ILE C 254 -0.76 10.49 29.25
C ILE C 254 -1.46 9.53 30.24
N THR C 255 -2.26 10.04 31.17
CA THR C 255 -2.94 9.23 32.19
C THR C 255 -3.94 8.31 31.50
N LEU C 256 -4.69 8.86 30.55
CA LEU C 256 -5.69 8.09 29.79
C LEU C 256 -4.95 6.95 29.05
N LYS C 257 -3.82 7.24 28.39
CA LYS C 257 -3.04 6.19 27.69
C LYS C 257 -2.56 5.16 28.72
N CYS C 258 -2.16 5.57 29.92
CA CYS C 258 -1.72 4.63 30.99
C CYS C 258 -2.90 3.72 31.36
N LEU C 259 -4.10 4.28 31.52
CA LEU C 259 -5.28 3.53 32.02
C LEU C 259 -5.77 2.55 30.96
N THR C 260 -5.64 2.93 29.69
CA THR C 260 -5.88 2.00 28.56
C THR C 260 -4.96 0.79 28.71
N GLU C 261 -3.67 0.98 28.97
CA GLU C 261 -2.72 -0.16 29.07
C GLU C 261 -3.01 -0.91 30.38
N VAL C 262 -3.37 -0.20 31.45
CA VAL C 262 -3.77 -0.86 32.74
C VAL C 262 -4.90 -1.85 32.41
N SER C 263 -5.81 -1.44 31.53
CA SER C 263 -6.98 -2.25 31.13
C SER C 263 -6.54 -3.54 30.42
N ASN C 264 -5.31 -3.60 29.90
CA ASN C 264 -4.72 -4.78 29.18
C ASN C 264 -3.77 -5.60 30.09
N LEU C 265 -3.51 -5.24 31.35
CA LEU C 265 -2.59 -6.02 32.22
C LEU C 265 -3.09 -7.45 32.33
N LYS C 266 -2.18 -8.42 32.49
CA LYS C 266 -2.50 -9.82 32.85
C LYS C 266 -2.93 -9.80 34.32
N ILE C 267 -4.18 -10.19 34.60
CA ILE C 267 -4.88 -10.02 35.92
C ILE C 267 -5.50 -11.36 36.32
N PRO C 268 -5.54 -11.71 37.63
CA PRO C 268 -6.30 -12.88 38.10
C PRO C 268 -7.81 -12.70 37.89
N GLN C 269 -8.51 -13.77 37.49
CA GLN C 269 -9.91 -13.73 36.98
C GLN C 269 -10.93 -14.16 38.05
N ASP C 270 -10.46 -14.63 39.21
CA ASP C 270 -11.27 -15.36 40.21
C ASP C 270 -11.16 -14.65 41.56
N ASN C 271 -11.04 -13.32 41.56
CA ASN C 271 -10.71 -12.49 42.74
C ASN C 271 -11.61 -11.25 42.82
N ASP C 272 -12.51 -11.21 43.80
CA ASP C 272 -13.55 -10.15 43.96
C ASP C 272 -12.92 -8.77 44.21
N LEU C 273 -11.85 -8.67 45.00
CA LEU C 273 -11.21 -7.35 45.31
C LEU C 273 -10.71 -6.71 44.01
N ILE C 274 -10.07 -7.49 43.15
CA ILE C 274 -9.46 -6.98 41.89
C ILE C 274 -10.58 -6.54 40.94
N LYS C 275 -11.66 -7.31 40.87
CA LYS C 275 -12.85 -6.93 40.07
C LYS C 275 -13.35 -5.57 40.55
N ARG C 276 -13.47 -5.39 41.86
CA ARG C 276 -13.98 -4.12 42.46
C ARG C 276 -13.02 -2.98 42.10
N GLN C 277 -11.72 -3.25 42.15
CA GLN C 277 -10.68 -2.25 41.83
C GLN C 277 -10.78 -1.86 40.35
N THR C 278 -11.07 -2.83 39.48
CA THR C 278 -11.15 -2.63 38.01
C THR C 278 -12.38 -1.76 37.74
N VAL C 279 -13.49 -2.01 38.43
CA VAL C 279 -14.73 -1.18 38.38
C VAL C 279 -14.42 0.24 38.86
N LEU C 280 -13.79 0.38 40.03
CA LEU C 280 -13.58 1.69 40.72
C LEU C 280 -12.77 2.63 39.81
N PHE C 281 -11.67 2.19 39.23
CA PHE C 281 -10.80 3.10 38.43
C PHE C 281 -11.58 3.57 37.20
N PHE C 282 -12.47 2.75 36.67
CA PHE C 282 -13.35 3.12 35.52
C PHE C 282 -14.33 4.19 36.00
N GLN C 283 -14.97 3.96 37.15
CA GLN C 283 -15.94 4.90 37.78
C GLN C 283 -15.26 6.25 37.99
N ASN C 284 -14.08 6.24 38.61
CA ASN C 284 -13.27 7.45 38.92
C ASN C 284 -12.97 8.21 37.63
N THR C 285 -12.47 7.51 36.61
CA THR C 285 -12.02 8.12 35.33
C THR C 285 -13.20 8.81 34.65
N LEU C 286 -14.33 8.12 34.51
CA LEU C 286 -15.57 8.64 33.89
C LEU C 286 -16.13 9.79 34.75
N GLN C 287 -16.03 9.72 36.08
CA GLN C 287 -16.52 10.80 36.97
C GLN C 287 -15.67 12.05 36.69
N GLN C 288 -14.36 11.90 36.60
CA GLN C 288 -13.42 13.03 36.34
C GLN C 288 -13.75 13.64 34.97
N ILE C 289 -14.08 12.82 33.97
CA ILE C 289 -14.38 13.33 32.60
C ILE C 289 -15.69 14.12 32.63
N ALA C 290 -16.73 13.58 33.25
CA ALA C 290 -18.07 14.22 33.36
C ALA C 290 -17.95 15.55 34.14
N THR C 291 -17.08 15.66 35.13
CA THR C 291 -17.01 16.86 36.01
C THR C 291 -15.96 17.85 35.49
N SER C 292 -14.86 17.41 34.88
CA SER C 292 -13.71 18.30 34.53
C SER C 292 -13.56 18.54 33.03
N VAL C 293 -14.17 17.73 32.16
CA VAL C 293 -13.97 17.88 30.68
C VAL C 293 -15.29 18.15 29.98
N MET C 294 -16.22 17.19 29.93
CA MET C 294 -17.52 17.44 29.30
C MET C 294 -18.53 16.42 29.82
N PRO C 295 -19.80 16.82 30.00
CA PRO C 295 -20.86 15.88 30.34
C PRO C 295 -21.21 14.91 29.19
N VAL C 296 -21.99 13.89 29.53
CA VAL C 296 -22.38 12.77 28.63
C VAL C 296 -23.14 13.32 27.43
N THR C 297 -23.83 14.43 27.60
CA THR C 297 -24.72 15.03 26.58
C THR C 297 -23.90 15.84 25.56
N ALA C 298 -22.62 16.13 25.83
CA ALA C 298 -21.81 17.09 25.05
C ALA C 298 -21.75 16.68 23.58
N ASP C 299 -21.76 17.68 22.70
CA ASP C 299 -21.69 17.47 21.23
C ASP C 299 -20.21 17.31 20.84
N LEU C 300 -19.71 16.07 20.85
CA LEU C 300 -18.26 15.80 20.60
C LEU C 300 -17.97 15.98 19.09
N LYS C 301 -18.97 15.83 18.23
CA LYS C 301 -18.84 16.08 16.77
C LYS C 301 -18.40 17.52 16.57
N ALA C 302 -19.14 18.46 17.18
CA ALA C 302 -18.87 19.91 17.17
C ALA C 302 -17.49 20.22 17.77
N THR C 303 -17.18 19.67 18.93
CA THR C 303 -15.90 19.91 19.63
C THR C 303 -14.74 19.46 18.71
N TYR C 304 -14.74 18.19 18.31
CA TYR C 304 -13.67 17.62 17.46
C TYR C 304 -13.51 18.51 16.21
N ALA C 305 -14.60 18.86 15.53
CA ALA C 305 -14.60 19.70 14.30
C ALA C 305 -13.87 21.02 14.59
N ASN C 306 -14.09 21.62 15.77
CA ASN C 306 -13.53 22.95 16.16
C ASN C 306 -12.05 22.84 16.43
N ALA C 307 -11.57 21.65 16.81
CA ALA C 307 -10.14 21.27 16.84
C ALA C 307 -9.34 22.25 17.71
N ASN C 308 -9.89 22.71 18.84
CA ASN C 308 -9.17 23.59 19.81
C ASN C 308 -8.10 22.75 20.52
N GLY C 309 -6.90 23.31 20.74
CA GLY C 309 -5.79 22.68 21.47
C GLY C 309 -5.63 21.20 21.13
N ASN C 310 -5.60 20.35 22.14
CA ASN C 310 -5.28 18.90 22.05
C ASN C 310 -6.56 18.06 22.11
N ASP C 311 -7.70 18.68 21.82
CA ASP C 311 -9.05 18.12 21.97
C ASP C 311 -9.21 16.88 21.08
N GLN C 312 -8.73 16.94 19.82
CA GLN C 312 -8.86 15.83 18.85
C GLN C 312 -8.15 14.60 19.43
N SER C 313 -6.89 14.76 19.82
CA SER C 313 -6.06 13.72 20.47
C SER C 313 -6.73 13.16 21.71
N PHE C 314 -7.23 14.02 22.59
CA PHE C 314 -7.88 13.61 23.85
C PHE C 314 -9.11 12.74 23.52
N LEU C 315 -9.91 13.17 22.55
CA LEU C 315 -11.15 12.45 22.16
C LEU C 315 -10.78 11.09 21.53
N GLN C 316 -9.76 11.04 20.68
CA GLN C 316 -9.23 9.75 20.14
C GLN C 316 -8.87 8.83 21.32
N ASP C 317 -8.07 9.36 22.25
CA ASP C 317 -7.57 8.59 23.43
C ASP C 317 -8.74 8.12 24.29
N LEU C 318 -9.80 8.93 24.40
CA LEU C 318 -10.98 8.52 25.19
C LEU C 318 -11.69 7.35 24.49
N ALA C 319 -11.86 7.40 23.15
CA ALA C 319 -12.45 6.28 22.38
C ALA C 319 -11.61 5.03 22.60
N MET C 320 -10.29 5.15 22.56
CA MET C 320 -9.39 3.99 22.71
C MET C 320 -9.57 3.40 24.12
N PHE C 321 -9.67 4.26 25.14
CA PHE C 321 -9.86 3.84 26.57
C PHE C 321 -11.21 3.17 26.78
N LEU C 322 -12.31 3.83 26.40
CA LEU C 322 -13.66 3.22 26.57
C LEU C 322 -13.74 1.88 25.83
N THR C 323 -13.35 1.82 24.55
CA THR C 323 -13.49 0.59 23.74
C THR C 323 -12.63 -0.53 24.37
N THR C 324 -11.39 -0.23 24.74
CA THR C 324 -10.44 -1.24 25.29
C THR C 324 -11.01 -1.78 26.61
N TYR C 325 -11.40 -0.89 27.53
CA TYR C 325 -11.90 -1.28 28.86
C TYR C 325 -13.20 -2.08 28.71
N LEU C 326 -14.17 -1.58 27.94
CA LEU C 326 -15.51 -2.22 27.83
C LEU C 326 -15.41 -3.57 27.12
N ALA C 327 -14.50 -3.70 26.15
CA ALA C 327 -14.31 -4.97 25.40
C ALA C 327 -13.82 -6.05 26.36
N ARG C 328 -13.08 -5.67 27.39
CA ARG C 328 -12.58 -6.65 28.37
C ARG C 328 -13.54 -6.78 29.57
N ASN C 329 -14.21 -5.70 30.00
CA ASN C 329 -14.76 -5.60 31.38
C ASN C 329 -16.26 -5.31 31.42
N ARG C 330 -16.97 -5.19 30.30
CA ARG C 330 -18.36 -4.68 30.45
C ARG C 330 -19.20 -5.66 31.28
N ALA C 331 -18.92 -6.97 31.23
CA ALA C 331 -19.67 -7.99 32.02
C ALA C 331 -19.58 -7.65 33.52
N LEU C 332 -18.47 -7.11 33.98
CA LEU C 332 -18.32 -6.61 35.40
C LEU C 332 -19.41 -5.60 35.72
N LEU C 333 -19.77 -4.73 34.78
CA LEU C 333 -20.75 -3.62 35.01
C LEU C 333 -22.18 -4.08 34.77
N GLU C 334 -22.40 -5.27 34.22
CA GLU C 334 -23.73 -5.67 33.66
C GLU C 334 -24.64 -6.30 34.71
N SER C 335 -24.09 -6.98 35.71
CA SER C 335 -24.82 -7.82 36.72
C SER C 335 -25.42 -6.99 37.86
N ASP C 336 -24.94 -5.77 38.06
CA ASP C 336 -25.11 -5.00 39.32
C ASP C 336 -25.92 -3.74 39.02
N GLU C 337 -27.06 -3.57 39.70
CA GLU C 337 -28.01 -2.44 39.45
C GLU C 337 -27.28 -1.11 39.64
N SER C 338 -26.39 -1.06 40.62
CA SER C 338 -25.68 0.15 41.05
C SER C 338 -24.64 0.58 39.99
N LEU C 339 -24.23 -0.32 39.07
CA LEU C 339 -23.23 0.02 38.01
C LEU C 339 -23.93 0.21 36.65
N ARG C 340 -25.25 0.20 36.60
CA ARG C 340 -26.04 0.32 35.35
C ARG C 340 -25.76 1.69 34.72
N GLU C 341 -25.81 2.76 35.51
CA GLU C 341 -25.68 4.16 35.05
C GLU C 341 -24.27 4.35 34.48
N LEU C 342 -23.25 3.88 35.20
CA LEU C 342 -21.84 3.92 34.73
C LEU C 342 -21.73 3.21 33.37
N LEU C 343 -22.31 2.02 33.24
CA LEU C 343 -22.21 1.18 32.03
C LEU C 343 -22.84 1.95 30.86
N LEU C 344 -24.02 2.53 31.06
CA LEU C 344 -24.75 3.19 29.95
C LEU C 344 -24.13 4.55 29.60
N ASN C 345 -23.63 5.30 30.58
CA ASN C 345 -22.94 6.59 30.38
C ASN C 345 -21.70 6.34 29.52
N ALA C 346 -20.90 5.35 29.85
CA ALA C 346 -19.67 4.99 29.10
C ALA C 346 -20.03 4.71 27.63
N HIS C 347 -21.09 3.98 27.40
CA HIS C 347 -21.63 3.64 26.07
C HIS C 347 -22.21 4.89 25.40
N GLN C 348 -22.83 5.78 26.18
CA GLN C 348 -23.40 7.04 25.64
C GLN C 348 -22.23 7.93 25.17
N TYR C 349 -21.13 7.97 25.91
CA TYR C 349 -19.91 8.68 25.43
C TYR C 349 -19.46 8.10 24.08
N LEU C 350 -19.52 6.78 23.94
CA LEU C 350 -19.08 6.10 22.68
C LEU C 350 -20.04 6.46 21.54
N ILE C 351 -21.34 6.57 21.84
CA ILE C 351 -22.34 7.04 20.83
C ILE C 351 -21.91 8.44 20.39
N GLN C 352 -21.59 9.34 21.32
CA GLN C 352 -21.22 10.73 20.95
C GLN C 352 -19.91 10.71 20.13
N LEU C 353 -18.93 9.90 20.52
CA LEU C 353 -17.63 9.83 19.80
C LEU C 353 -17.87 9.31 18.38
N SER C 354 -18.88 8.44 18.21
CA SER C 354 -19.20 7.72 16.95
C SER C 354 -19.78 8.68 15.93
N LYS C 355 -20.15 9.89 16.35
CA LYS C 355 -20.80 10.91 15.48
C LYS C 355 -19.74 11.89 14.94
N ILE C 356 -18.53 11.86 15.48
CA ILE C 356 -17.40 12.70 15.00
C ILE C 356 -17.14 12.37 13.52
N GLU C 357 -17.02 13.38 12.66
CA GLU C 357 -16.56 13.23 11.26
C GLU C 357 -15.05 13.06 11.25
N GLU C 358 -14.61 11.82 11.39
CA GLU C 358 -13.20 11.37 11.37
C GLU C 358 -13.19 9.88 11.07
N ARG C 359 -12.88 9.51 9.83
CA ARG C 359 -13.04 8.12 9.36
C ARG C 359 -12.26 7.13 10.22
N GLU C 360 -11.06 7.50 10.65
CA GLU C 360 -10.21 6.51 11.36
C GLU C 360 -10.71 6.33 12.79
N LEU C 361 -11.26 7.37 13.40
CA LEU C 361 -11.82 7.29 14.76
C LEU C 361 -13.12 6.48 14.69
N PHE C 362 -13.94 6.76 13.67
CA PHE C 362 -15.20 6.01 13.40
C PHE C 362 -14.90 4.51 13.33
N LYS C 363 -13.86 4.13 12.60
CA LYS C 363 -13.48 2.70 12.46
C LYS C 363 -13.17 2.13 13.86
N THR C 364 -12.53 2.90 14.72
CA THR C 364 -12.13 2.42 16.08
C THR C 364 -13.40 2.12 16.87
N THR C 365 -14.35 3.06 16.91
CA THR C 365 -15.64 2.86 17.62
C THR C 365 -16.40 1.70 16.95
N LEU C 366 -16.36 1.61 15.62
CA LEU C 366 -17.14 0.57 14.87
C LEU C 366 -16.63 -0.83 15.25
N ASP C 367 -15.32 -1.01 15.44
CA ASP C 367 -14.77 -2.31 15.90
C ASP C 367 -15.36 -2.65 17.26
N TYR C 368 -15.53 -1.66 18.16
CA TYR C 368 -16.16 -1.92 19.47
C TYR C 368 -17.63 -2.30 19.26
N TRP C 369 -18.38 -1.47 18.54
CA TRP C 369 -19.82 -1.72 18.28
C TRP C 369 -20.00 -3.15 17.73
N HIS C 370 -19.11 -3.59 16.86
CA HIS C 370 -19.15 -4.97 16.29
C HIS C 370 -19.02 -6.01 17.40
N ASN C 371 -18.02 -5.87 18.27
CA ASN C 371 -17.85 -6.73 19.47
C ASN C 371 -19.15 -6.71 20.30
N LEU C 372 -19.77 -5.55 20.54
CA LEU C 372 -20.96 -5.48 21.42
C LEU C 372 -22.14 -6.19 20.76
N VAL C 373 -22.52 -5.82 19.54
CA VAL C 373 -23.82 -6.28 18.98
C VAL C 373 -23.70 -7.78 18.68
N ALA C 374 -22.51 -8.27 18.35
CA ALA C 374 -22.22 -9.72 18.21
C ALA C 374 -22.51 -10.46 19.52
N ASP C 375 -22.04 -9.92 20.64
CA ASP C 375 -22.31 -10.41 22.00
C ASP C 375 -23.82 -10.48 22.27
N LEU C 376 -24.54 -9.40 21.98
CA LEU C 376 -25.98 -9.26 22.28
C LEU C 376 -26.79 -10.23 21.42
N PHE C 377 -26.28 -10.58 20.25
CA PHE C 377 -26.89 -11.57 19.33
C PHE C 377 -26.84 -12.98 19.95
N TYR C 378 -25.74 -13.30 20.64
CA TYR C 378 -25.55 -14.67 21.20
C TYR C 378 -25.68 -14.76 22.72
N GLU C 379 -25.22 -13.74 23.46
CA GLU C 379 -25.24 -13.84 24.95
C GLU C 379 -26.66 -13.68 25.49
N PRO C 380 -27.15 -14.63 26.31
CA PRO C 380 -28.49 -14.56 26.88
C PRO C 380 -28.68 -13.49 27.97
N LEU C 381 -29.88 -12.91 28.02
CA LEU C 381 -30.31 -11.87 29.00
C LEU C 381 -29.39 -10.64 28.96
N LYS C 382 -28.96 -10.19 27.78
CA LYS C 382 -28.06 -9.00 27.73
C LYS C 382 -28.66 -7.83 26.93
N LYS C 383 -29.37 -8.09 25.82
CA LYS C 383 -29.71 -7.05 24.81
C LYS C 383 -30.60 -5.96 25.44
N HIS C 384 -31.51 -6.31 26.37
CA HIS C 384 -32.47 -5.37 27.02
C HIS C 384 -31.75 -4.22 27.75
N ILE C 385 -30.52 -4.47 28.22
CA ILE C 385 -29.64 -3.46 28.88
C ILE C 385 -29.35 -2.31 27.91
N TYR C 386 -29.10 -2.64 26.63
CA TYR C 386 -28.47 -1.76 25.63
C TYR C 386 -29.50 -1.20 24.64
N GLU C 387 -30.81 -1.35 24.90
CA GLU C 387 -31.89 -1.04 23.93
C GLU C 387 -31.76 0.40 23.40
N GLU C 388 -31.54 1.39 24.28
CA GLU C 388 -31.52 2.82 23.91
C GLU C 388 -30.17 3.12 23.24
N ILE C 389 -29.10 2.45 23.68
CA ILE C 389 -27.77 2.56 23.00
C ILE C 389 -27.91 2.05 21.57
N CYS C 390 -28.52 0.88 21.39
CA CYS C 390 -28.62 0.20 20.08
C CYS C 390 -29.47 1.02 19.12
N SER C 391 -30.54 1.65 19.63
CA SER C 391 -31.44 2.49 18.83
C SER C 391 -30.65 3.67 18.23
N GLN C 392 -29.89 4.36 19.07
CA GLN C 392 -29.06 5.49 18.62
C GLN C 392 -28.04 4.96 17.61
N LEU C 393 -27.45 3.79 17.85
CA LEU C 393 -26.39 3.24 16.97
C LEU C 393 -26.98 2.94 15.58
N ARG C 394 -28.21 2.44 15.51
CA ARG C 394 -28.88 2.16 14.22
C ARG C 394 -28.80 3.45 13.39
N LEU C 395 -29.15 4.59 13.99
CA LEU C 395 -29.18 5.88 13.25
C LEU C 395 -27.76 6.23 12.81
N VAL C 396 -26.79 6.07 13.70
CA VAL C 396 -25.37 6.46 13.43
C VAL C 396 -24.87 5.62 12.26
N ILE C 397 -25.15 4.30 12.24
CA ILE C 397 -24.61 3.40 11.19
C ILE C 397 -25.32 3.74 9.87
N ILE C 398 -26.63 3.95 9.89
CA ILE C 398 -27.41 4.23 8.65
C ILE C 398 -26.92 5.55 8.03
N GLU C 399 -26.70 6.58 8.84
CA GLU C 399 -26.23 7.91 8.35
C GLU C 399 -24.77 7.85 7.90
N ASN C 400 -24.02 6.80 8.24
CA ASN C 400 -22.58 6.69 7.91
C ASN C 400 -22.30 5.53 6.95
N MET C 401 -23.32 4.88 6.40
CA MET C 401 -23.09 3.75 5.46
C MET C 401 -22.31 4.29 4.26
N VAL C 402 -21.23 3.60 3.92
CA VAL C 402 -20.40 3.88 2.72
C VAL C 402 -20.78 2.87 1.64
N ARG C 403 -20.36 3.13 0.39
CA ARG C 403 -20.66 2.25 -0.75
C ARG C 403 -19.88 0.95 -0.59
N PRO C 404 -20.40 -0.18 -1.12
CA PRO C 404 -19.72 -1.46 -0.98
C PRO C 404 -18.32 -1.55 -1.62
N GLU C 405 -17.97 -0.55 -2.42
CA GLU C 405 -16.63 -0.44 -3.07
C GLU C 405 -15.57 -0.32 -1.97
N GLU C 406 -15.90 0.37 -0.87
CA GLU C 406 -15.00 0.44 0.30
C GLU C 406 -15.31 -0.84 1.07
N ILE C 407 -14.63 -1.93 0.69
CA ILE C 407 -14.91 -3.34 1.11
C ILE C 407 -14.78 -3.60 2.61
N GLN C 408 -13.69 -3.18 3.26
CA GLN C 408 -13.56 -3.47 4.71
C GLN C 408 -14.58 -2.66 5.54
N LEU C 409 -14.74 -1.37 5.22
CA LEU C 409 -15.62 -0.49 6.02
C LEU C 409 -17.07 -0.87 5.76
N TYR C 410 -17.45 -1.15 4.51
CA TYR C 410 -18.82 -1.57 4.17
C TYR C 410 -19.14 -2.86 4.90
N LYS C 411 -18.22 -3.82 4.85
CA LYS C 411 -18.39 -5.15 5.50
C LYS C 411 -18.65 -4.98 7.01
N SER C 412 -17.83 -4.16 7.69
CA SER C 412 -17.91 -3.88 9.13
C SER C 412 -19.29 -3.28 9.42
N GLU C 413 -19.66 -2.25 8.67
CA GLU C 413 -20.92 -1.50 8.86
C GLU C 413 -22.11 -2.44 8.63
N ARG C 414 -22.09 -3.23 7.55
CA ARG C 414 -23.20 -4.16 7.21
C ARG C 414 -23.39 -5.12 8.39
N GLU C 415 -22.30 -5.73 8.86
CA GLU C 415 -22.36 -6.74 9.94
C GLU C 415 -22.99 -6.12 11.18
N VAL C 416 -22.60 -4.89 11.54
CA VAL C 416 -23.16 -4.22 12.75
C VAL C 416 -24.64 -3.95 12.51
N LEU C 417 -25.01 -3.48 11.32
CA LEU C 417 -26.42 -3.13 11.00
C LEU C 417 -27.28 -4.40 10.96
N VAL C 418 -26.74 -5.51 10.43
CA VAL C 418 -27.44 -6.83 10.37
C VAL C 418 -27.72 -7.29 11.80
N TYR C 419 -26.72 -7.26 12.66
CA TYR C 419 -26.89 -7.64 14.09
C TYR C 419 -27.98 -6.77 14.73
N LEU C 420 -27.94 -5.45 14.48
CA LEU C 420 -28.87 -4.47 15.10
C LEU C 420 -30.28 -4.68 14.54
N THR C 421 -30.38 -5.06 13.27
CA THR C 421 -31.69 -5.31 12.61
C THR C 421 -32.34 -6.54 13.25
N HIS C 422 -31.57 -7.60 13.42
CA HIS C 422 -32.02 -8.83 14.11
C HIS C 422 -32.52 -8.50 15.53
N LEU C 423 -31.79 -7.67 16.27
CA LEU C 423 -32.14 -7.27 17.65
C LEU C 423 -33.43 -6.43 17.71
N ASN C 424 -33.69 -5.55 16.73
CA ASN C 424 -35.00 -4.83 16.67
C ASN C 424 -35.30 -4.44 15.23
N VAL C 425 -36.04 -5.29 14.51
CA VAL C 425 -36.31 -5.14 13.05
C VAL C 425 -37.23 -3.94 12.85
N ILE C 426 -38.20 -3.77 13.75
CA ILE C 426 -39.18 -2.66 13.72
C ILE C 426 -38.44 -1.31 13.85
N ASP C 427 -37.52 -1.18 14.81
CA ASP C 427 -36.73 0.07 15.01
C ASP C 427 -35.94 0.35 13.73
N THR C 428 -35.26 -0.65 13.16
CA THR C 428 -34.47 -0.47 11.91
C THR C 428 -35.38 0.00 10.75
N GLU C 429 -36.49 -0.69 10.55
CA GLU C 429 -37.46 -0.38 9.48
C GLU C 429 -37.95 1.07 9.65
N GLU C 430 -38.35 1.47 10.88
CA GLU C 430 -38.95 2.81 11.16
C GLU C 430 -37.93 3.87 10.78
N ILE C 431 -36.68 3.69 11.20
CA ILE C 431 -35.59 4.69 10.95
C ILE C 431 -35.42 4.80 9.43
N MET C 432 -35.37 3.68 8.72
CA MET C 432 -35.11 3.70 7.26
C MET C 432 -36.26 4.37 6.49
N ILE C 433 -37.51 4.02 6.82
CA ILE C 433 -38.73 4.60 6.18
C ILE C 433 -38.76 6.11 6.48
N SER C 434 -38.46 6.53 7.70
CA SER C 434 -38.54 7.96 8.07
C SER C 434 -37.39 8.73 7.38
N LYS C 435 -36.20 8.12 7.26
CA LYS C 435 -35.09 8.75 6.52
C LYS C 435 -35.52 8.94 5.06
N LEU C 436 -36.22 7.95 4.50
CA LEU C 436 -36.76 7.98 3.13
C LEU C 436 -37.77 9.13 3.03
N ALA C 437 -38.68 9.27 4.00
CA ALA C 437 -39.70 10.36 4.04
C ALA C 437 -39.01 11.74 3.99
N ARG C 438 -37.83 11.89 4.59
CA ARG C 438 -37.09 13.17 4.65
C ARG C 438 -36.25 13.39 3.38
N GLN C 439 -36.09 12.36 2.53
CA GLN C 439 -35.61 12.53 1.14
C GLN C 439 -36.76 13.06 0.27
N ILE C 440 -37.97 12.51 0.45
CA ILE C 440 -39.19 12.87 -0.33
C ILE C 440 -39.66 14.29 0.02
N ASP C 441 -39.62 14.70 1.30
CA ASP C 441 -40.12 16.04 1.71
C ASP C 441 -39.03 17.10 1.43
N GLY C 442 -37.84 16.71 0.96
CA GLY C 442 -36.79 17.64 0.52
C GLY C 442 -35.87 18.10 1.64
N SER C 443 -36.24 17.87 2.91
CA SER C 443 -35.55 18.43 4.09
C SER C 443 -34.11 17.92 4.19
N GLU C 444 -33.90 16.63 3.84
CA GLU C 444 -32.59 15.92 3.95
C GLU C 444 -32.09 15.52 2.56
N TRP C 445 -32.79 15.91 1.49
CA TRP C 445 -32.49 15.53 0.09
C TRP C 445 -31.10 16.01 -0.35
N SER C 446 -30.33 15.10 -0.91
CA SER C 446 -29.05 15.31 -1.64
C SER C 446 -28.63 13.99 -2.26
N TRP C 447 -27.73 14.01 -3.24
CA TRP C 447 -27.25 12.78 -3.90
C TRP C 447 -26.57 11.88 -2.87
N HIS C 448 -25.64 12.44 -2.09
CA HIS C 448 -24.93 11.71 -1.01
C HIS C 448 -25.97 11.01 -0.13
N ASN C 449 -27.03 11.71 0.27
CA ASN C 449 -27.97 11.27 1.34
C ASN C 449 -28.87 10.14 0.79
N ILE C 450 -29.36 10.24 -0.45
CA ILE C 450 -30.19 9.14 -1.03
C ILE C 450 -29.29 7.93 -1.32
N ASN C 451 -28.05 8.16 -1.70
CA ASN C 451 -27.07 7.07 -1.98
C ASN C 451 -26.79 6.29 -0.68
N THR C 452 -26.39 7.01 0.35
CA THR C 452 -26.11 6.51 1.72
C THR C 452 -27.28 5.64 2.17
N LEU C 453 -28.50 6.18 2.10
CA LEU C 453 -29.71 5.48 2.59
C LEU C 453 -29.89 4.19 1.77
N SER C 454 -29.66 4.25 0.46
CA SER C 454 -29.87 3.11 -0.46
C SER C 454 -28.87 2.01 -0.10
N TRP C 455 -27.61 2.40 0.15
CA TRP C 455 -26.54 1.47 0.59
C TRP C 455 -26.98 0.80 1.91
N ALA C 456 -27.47 1.56 2.88
CA ALA C 456 -27.95 1.04 4.19
C ALA C 456 -29.12 0.05 3.96
N ILE C 457 -30.13 0.44 3.20
CA ILE C 457 -31.33 -0.42 2.93
C ILE C 457 -30.86 -1.71 2.27
N GLY C 458 -29.93 -1.60 1.31
CA GLY C 458 -29.38 -2.78 0.63
C GLY C 458 -28.66 -3.71 1.59
N SER C 459 -27.93 -3.14 2.57
CA SER C 459 -26.99 -3.91 3.43
C SER C 459 -27.72 -4.96 4.29
N ILE C 460 -29.01 -4.77 4.62
CA ILE C 460 -29.72 -5.62 5.62
C ILE C 460 -30.53 -6.71 4.92
N SER C 461 -30.51 -6.77 3.59
CA SER C 461 -31.20 -7.83 2.81
C SER C 461 -30.90 -9.19 3.44
N GLY C 462 -31.90 -10.04 3.68
CA GLY C 462 -31.73 -11.40 4.26
C GLY C 462 -32.01 -11.44 5.76
N THR C 463 -32.15 -10.28 6.42
CA THR C 463 -32.25 -10.20 7.90
C THR C 463 -33.71 -10.32 8.33
N MET C 464 -34.63 -9.77 7.55
CA MET C 464 -36.08 -9.79 7.85
C MET C 464 -36.65 -11.15 7.44
N SER C 465 -37.76 -11.56 8.05
CA SER C 465 -38.64 -12.63 7.54
C SER C 465 -39.03 -12.29 6.10
N GLU C 466 -39.24 -13.32 5.28
CA GLU C 466 -39.63 -13.14 3.87
C GLU C 466 -40.85 -12.21 3.79
N ASP C 467 -41.82 -12.41 4.68
CA ASP C 467 -43.08 -11.61 4.66
C ASP C 467 -42.83 -10.14 5.07
N THR C 468 -42.04 -9.90 6.10
CA THR C 468 -41.69 -8.51 6.52
C THR C 468 -40.88 -7.84 5.39
N GLU C 469 -39.89 -8.55 4.86
CA GLU C 469 -39.07 -8.10 3.72
C GLU C 469 -39.97 -7.69 2.54
N LYS C 470 -40.92 -8.53 2.19
CA LYS C 470 -41.86 -8.28 1.07
C LYS C 470 -42.48 -6.87 1.25
N ARG C 471 -43.11 -6.60 2.40
CA ARG C 471 -43.83 -5.32 2.63
C ARG C 471 -42.82 -4.16 2.62
N PHE C 472 -41.67 -4.37 3.26
CA PHE C 472 -40.59 -3.36 3.39
C PHE C 472 -40.06 -2.97 1.99
N VAL C 473 -39.69 -3.98 1.21
CA VAL C 473 -39.03 -3.74 -0.11
C VAL C 473 -40.03 -3.02 -1.02
N VAL C 474 -41.26 -3.52 -1.09
CA VAL C 474 -42.35 -2.88 -1.91
C VAL C 474 -42.48 -1.42 -1.48
N THR C 475 -42.56 -1.16 -0.17
CA THR C 475 -42.68 0.21 0.39
C THR C 475 -41.51 1.08 -0.10
N VAL C 476 -40.28 0.58 -0.01
CA VAL C 476 -39.04 1.32 -0.42
C VAL C 476 -39.07 1.59 -1.94
N ILE C 477 -39.39 0.59 -2.77
CA ILE C 477 -39.38 0.76 -4.25
C ILE C 477 -40.45 1.78 -4.67
N LYS C 478 -41.67 1.68 -4.13
CA LYS C 478 -42.75 2.68 -4.33
C LYS C 478 -42.24 4.08 -3.96
N ASP C 479 -41.63 4.24 -2.79
CA ASP C 479 -41.19 5.57 -2.29
C ASP C 479 -40.09 6.12 -3.21
N LEU C 480 -39.16 5.28 -3.65
CA LEU C 480 -38.01 5.70 -4.51
C LEU C 480 -38.54 6.10 -5.90
N LEU C 481 -39.54 5.40 -6.44
CA LEU C 481 -40.28 5.77 -7.67
C LEU C 481 -40.93 7.15 -7.52
N GLY C 482 -41.73 7.34 -6.47
CA GLY C 482 -42.33 8.63 -6.14
C GLY C 482 -41.27 9.72 -6.20
N LEU C 483 -40.13 9.49 -5.53
CA LEU C 483 -38.96 10.41 -5.47
C LEU C 483 -38.54 10.76 -6.90
N CYS C 484 -38.32 9.74 -7.74
CA CYS C 484 -37.83 9.97 -9.12
C CYS C 484 -38.82 10.83 -9.91
N GLU C 485 -40.10 10.46 -9.91
CA GLU C 485 -41.07 11.24 -10.67
C GLU C 485 -40.98 12.70 -10.24
N GLN C 486 -41.12 12.95 -8.93
CA GLN C 486 -41.09 14.28 -8.26
C GLN C 486 -39.89 15.12 -8.72
N LYS C 487 -38.72 14.50 -8.89
CA LYS C 487 -37.43 15.19 -9.16
C LYS C 487 -37.33 15.64 -10.63
N ARG C 488 -36.67 16.78 -10.82
CA ARG C 488 -36.63 17.56 -12.09
C ARG C 488 -35.25 17.37 -12.73
N GLY C 489 -35.20 17.01 -14.01
CA GLY C 489 -33.94 17.08 -14.80
C GLY C 489 -33.12 15.80 -14.68
N LYS C 490 -32.55 15.34 -15.79
CA LYS C 490 -31.94 14.00 -15.96
C LYS C 490 -30.94 13.68 -14.83
N ASP C 491 -30.13 14.64 -14.37
CA ASP C 491 -29.10 14.43 -13.31
C ASP C 491 -29.77 13.81 -12.07
N ASN C 492 -30.83 14.44 -11.56
CA ASN C 492 -31.58 13.98 -10.35
C ASN C 492 -32.22 12.61 -10.63
N LYS C 493 -32.91 12.45 -11.76
CA LYS C 493 -33.64 11.21 -12.12
C LYS C 493 -32.63 10.06 -12.23
N ALA C 494 -31.44 10.30 -12.77
CA ALA C 494 -30.42 9.25 -12.97
C ALA C 494 -29.94 8.74 -11.61
N VAL C 495 -29.71 9.65 -10.67
CA VAL C 495 -29.23 9.33 -9.30
C VAL C 495 -30.24 8.38 -8.63
N VAL C 496 -31.53 8.69 -8.70
CA VAL C 496 -32.59 7.91 -8.00
C VAL C 496 -32.81 6.58 -8.71
N ALA C 497 -32.82 6.59 -10.06
CA ALA C 497 -32.91 5.36 -10.89
C ALA C 497 -31.74 4.39 -10.58
N ARG C 498 -30.52 4.90 -10.40
CA ARG C 498 -29.35 4.08 -9.98
C ARG C 498 -29.63 3.48 -8.60
N ASP C 499 -30.20 4.24 -7.68
CA ASP C 499 -30.46 3.77 -6.29
C ASP C 499 -31.56 2.70 -6.34
N ILE C 500 -32.56 2.88 -7.19
CA ILE C 500 -33.63 1.85 -7.42
C ILE C 500 -32.94 0.58 -7.91
N MET C 501 -32.09 0.70 -8.93
CA MET C 501 -31.37 -0.47 -9.50
C MET C 501 -30.56 -1.13 -8.39
N TYR C 502 -29.91 -0.32 -7.54
CA TYR C 502 -29.03 -0.84 -6.46
C TYR C 502 -29.86 -1.70 -5.50
N VAL C 503 -30.95 -1.14 -4.99
CA VAL C 503 -31.78 -1.80 -3.94
C VAL C 503 -32.34 -3.11 -4.50
N VAL C 504 -32.96 -3.06 -5.67
CA VAL C 504 -33.57 -4.23 -6.34
C VAL C 504 -32.52 -5.33 -6.47
N GLY C 505 -31.31 -4.96 -6.85
CA GLY C 505 -30.19 -5.89 -6.99
C GLY C 505 -29.84 -6.57 -5.67
N GLU C 506 -30.06 -5.92 -4.52
CA GLU C 506 -29.67 -6.52 -3.21
C GLU C 506 -30.81 -7.37 -2.64
N TYR C 507 -31.96 -7.50 -3.31
CA TYR C 507 -33.15 -8.23 -2.79
C TYR C 507 -33.56 -9.38 -3.72
N PRO C 508 -32.66 -10.37 -3.98
CA PRO C 508 -32.97 -11.47 -4.90
C PRO C 508 -34.10 -12.36 -4.39
N ARG C 509 -34.16 -12.61 -3.09
CA ARG C 509 -35.19 -13.48 -2.49
C ARG C 509 -36.57 -13.00 -2.93
N PHE C 510 -36.81 -11.69 -2.88
CA PHE C 510 -38.08 -11.07 -3.34
C PHE C 510 -38.28 -11.33 -4.85
N LEU C 511 -37.22 -11.17 -5.66
CA LEU C 511 -37.33 -11.32 -7.14
C LEU C 511 -37.65 -12.78 -7.48
N LYS C 512 -36.98 -13.73 -6.82
CA LYS C 512 -37.13 -15.19 -7.08
C LYS C 512 -38.56 -15.64 -6.83
N ALA C 513 -39.27 -14.97 -5.92
CA ALA C 513 -40.63 -15.33 -5.46
C ALA C 513 -41.69 -14.63 -6.29
N HIS C 514 -41.33 -13.61 -7.08
CA HIS C 514 -42.29 -12.73 -7.81
C HIS C 514 -41.82 -12.58 -9.26
N TRP C 515 -41.97 -13.63 -10.05
CA TRP C 515 -41.51 -13.69 -11.47
C TRP C 515 -42.02 -12.46 -12.24
N ASN C 516 -43.28 -12.12 -12.06
CA ASN C 516 -43.91 -10.95 -12.70
C ASN C 516 -42.99 -9.73 -12.51
N PHE C 517 -42.51 -9.49 -11.29
CA PHE C 517 -41.72 -8.30 -10.91
C PHE C 517 -40.29 -8.42 -11.48
N LEU C 518 -39.69 -9.61 -11.40
CA LEU C 518 -38.34 -9.87 -11.94
C LEU C 518 -38.30 -9.53 -13.44
N ARG C 519 -39.28 -10.04 -14.19
CA ARG C 519 -39.43 -9.81 -15.65
C ARG C 519 -39.46 -8.30 -15.92
N THR C 520 -40.26 -7.55 -15.16
CA THR C 520 -40.40 -6.08 -15.27
C THR C 520 -39.03 -5.45 -15.02
N VAL C 521 -38.34 -5.85 -13.96
CA VAL C 521 -37.03 -5.27 -13.54
C VAL C 521 -36.07 -5.42 -14.73
N ILE C 522 -35.95 -6.64 -15.25
CA ILE C 522 -35.00 -6.95 -16.36
C ILE C 522 -35.37 -6.09 -17.59
N LEU C 523 -36.66 -6.04 -17.95
CA LEU C 523 -37.13 -5.27 -19.13
C LEU C 523 -36.83 -3.78 -18.90
N LYS C 524 -36.92 -3.31 -17.66
CA LYS C 524 -36.63 -1.91 -17.32
C LYS C 524 -35.12 -1.65 -17.42
N LEU C 525 -34.29 -2.63 -17.01
CA LEU C 525 -32.82 -2.54 -17.15
C LEU C 525 -32.46 -2.45 -18.64
N PHE C 526 -33.14 -3.23 -19.47
CA PHE C 526 -32.95 -3.19 -20.95
C PHE C 526 -33.31 -1.80 -21.49
N GLU C 527 -34.45 -1.23 -21.07
CA GLU C 527 -34.82 0.17 -21.43
C GLU C 527 -33.67 1.10 -21.06
N PHE C 528 -33.10 0.95 -19.86
CA PHE C 528 -32.01 1.82 -19.36
C PHE C 528 -30.71 1.60 -20.13
N MET C 529 -30.53 0.44 -20.77
CA MET C 529 -29.32 0.19 -21.60
C MET C 529 -29.32 1.06 -22.86
N HIS C 530 -30.34 1.89 -23.07
CA HIS C 530 -30.45 2.87 -24.19
C HIS C 530 -30.29 4.32 -23.68
N GLU C 531 -30.19 4.54 -22.36
CA GLU C 531 -29.93 5.88 -21.76
C GLU C 531 -28.43 6.18 -21.80
N THR C 532 -28.00 7.18 -22.58
CA THR C 532 -26.58 7.59 -22.71
C THR C 532 -26.13 8.40 -21.50
N HIS C 533 -27.06 8.97 -20.71
CA HIS C 533 -26.73 9.74 -19.47
C HIS C 533 -25.71 8.93 -18.67
N GLU C 534 -24.59 9.56 -18.29
CA GLU C 534 -23.39 8.90 -17.68
C GLU C 534 -23.84 8.07 -16.46
N GLY C 535 -23.31 6.85 -16.34
CA GLY C 535 -23.48 5.95 -15.18
C GLY C 535 -24.69 5.03 -15.30
N VAL C 536 -25.66 5.33 -16.17
CA VAL C 536 -26.96 4.61 -16.20
C VAL C 536 -26.78 3.25 -16.89
N GLN C 537 -26.11 3.25 -18.04
CA GLN C 537 -25.79 2.01 -18.82
C GLN C 537 -24.90 1.09 -17.98
N ASP C 538 -23.84 1.64 -17.37
CA ASP C 538 -22.94 0.85 -16.49
C ASP C 538 -23.79 0.23 -15.38
N MET C 539 -24.67 1.02 -14.76
CA MET C 539 -25.43 0.52 -13.58
C MET C 539 -26.43 -0.53 -14.05
N ALA C 540 -27.15 -0.28 -15.16
CA ALA C 540 -28.08 -1.27 -15.77
C ALA C 540 -27.36 -2.58 -16.08
N CYS C 541 -26.13 -2.53 -16.61
CA CYS C 541 -25.36 -3.74 -16.97
C CYS C 541 -24.87 -4.46 -15.70
N ASP C 542 -24.34 -3.70 -14.73
CA ASP C 542 -23.85 -4.26 -13.45
C ASP C 542 -25.01 -4.93 -12.70
N THR C 543 -26.19 -4.30 -12.71
CA THR C 543 -27.40 -4.79 -11.98
C THR C 543 -27.93 -6.03 -12.70
N PHE C 544 -27.90 -6.01 -14.04
CA PHE C 544 -28.34 -7.18 -14.85
C PHE C 544 -27.52 -8.40 -14.40
N ILE C 545 -26.19 -8.30 -14.41
CA ILE C 545 -25.35 -9.50 -14.16
C ILE C 545 -25.46 -9.90 -12.68
N LYS C 546 -25.58 -8.92 -11.79
CA LYS C 546 -25.77 -9.16 -10.34
C LYS C 546 -27.08 -9.90 -10.09
N ILE C 547 -28.17 -9.45 -10.72
CA ILE C 547 -29.49 -10.13 -10.56
C ILE C 547 -29.36 -11.54 -11.15
N VAL C 548 -28.72 -11.66 -12.32
CA VAL C 548 -28.53 -12.98 -13.01
C VAL C 548 -27.76 -13.93 -12.11
N GLN C 549 -26.62 -13.51 -11.56
CA GLN C 549 -25.76 -14.33 -10.65
C GLN C 549 -26.61 -14.97 -9.55
N LYS C 550 -27.58 -14.23 -9.02
CA LYS C 550 -28.42 -14.65 -7.86
C LYS C 550 -29.68 -15.39 -8.31
N CYS C 551 -30.29 -15.05 -9.45
CA CYS C 551 -31.65 -15.50 -9.84
C CYS C 551 -31.65 -16.34 -11.12
N LYS C 552 -30.47 -16.81 -11.54
CA LYS C 552 -30.21 -17.45 -12.86
C LYS C 552 -31.22 -18.56 -13.14
N TYR C 553 -31.57 -19.39 -12.16
CA TYR C 553 -32.51 -20.52 -12.33
C TYR C 553 -33.83 -20.00 -12.95
N HIS C 554 -34.29 -18.83 -12.53
CA HIS C 554 -35.62 -18.28 -12.95
C HIS C 554 -35.62 -17.91 -14.44
N PHE C 555 -34.44 -17.80 -15.08
CA PHE C 555 -34.28 -17.44 -16.51
C PHE C 555 -34.18 -18.68 -17.40
N VAL C 556 -33.92 -19.85 -16.81
CA VAL C 556 -33.57 -21.09 -17.54
C VAL C 556 -34.77 -22.04 -17.59
N ILE C 557 -35.71 -21.94 -16.64
CA ILE C 557 -37.00 -22.69 -16.66
C ILE C 557 -38.03 -21.91 -17.46
N GLN C 558 -39.03 -22.61 -17.99
CA GLN C 558 -40.29 -22.00 -18.46
C GLN C 558 -41.12 -21.64 -17.22
N GLN C 559 -41.32 -20.36 -16.99
CA GLN C 559 -42.17 -19.82 -15.90
C GLN C 559 -43.64 -19.99 -16.31
N PRO C 560 -44.55 -20.30 -15.37
CA PRO C 560 -45.99 -20.23 -15.66
C PRO C 560 -46.37 -19.00 -16.50
N ARG C 561 -47.19 -19.21 -17.54
CA ARG C 561 -47.86 -18.15 -18.35
C ARG C 561 -46.85 -17.49 -19.31
N GLU C 562 -45.70 -18.13 -19.58
CA GLU C 562 -44.66 -17.68 -20.55
C GLU C 562 -44.52 -18.72 -21.67
N SER C 563 -44.23 -18.31 -22.91
CA SER C 563 -44.17 -19.24 -24.06
C SER C 563 -42.88 -20.08 -23.99
N GLU C 564 -41.82 -19.54 -23.38
CA GLU C 564 -40.45 -20.09 -23.41
C GLU C 564 -39.64 -19.61 -22.21
N PRO C 565 -38.55 -20.33 -21.83
CA PRO C 565 -37.59 -19.79 -20.87
C PRO C 565 -37.15 -18.37 -21.29
N PHE C 566 -37.03 -17.47 -20.30
CA PHE C 566 -36.74 -16.04 -20.55
C PHE C 566 -35.37 -15.85 -21.22
N ILE C 567 -34.39 -16.73 -20.96
CA ILE C 567 -33.06 -16.69 -21.60
C ILE C 567 -33.27 -16.63 -23.14
N GLN C 568 -34.23 -17.39 -23.67
CA GLN C 568 -34.54 -17.43 -25.13
C GLN C 568 -34.97 -16.03 -25.56
N THR C 569 -35.83 -15.39 -24.78
CA THR C 569 -36.38 -14.04 -25.07
C THR C 569 -35.24 -13.02 -25.07
N ILE C 570 -34.33 -13.08 -24.10
CA ILE C 570 -33.15 -12.19 -24.01
C ILE C 570 -32.33 -12.35 -25.30
N ILE C 571 -32.00 -13.59 -25.68
CA ILE C 571 -31.10 -13.88 -26.82
C ILE C 571 -31.76 -13.39 -28.12
N ARG C 572 -33.08 -13.61 -28.29
CA ARG C 572 -33.83 -13.26 -29.53
C ARG C 572 -33.70 -11.76 -29.77
N ASP C 573 -33.63 -10.95 -28.71
CA ASP C 573 -33.72 -9.47 -28.83
C ASP C 573 -32.35 -8.83 -28.58
N ILE C 574 -31.29 -9.62 -28.54
CA ILE C 574 -29.96 -9.20 -28.01
C ILE C 574 -29.37 -8.05 -28.86
N GLN C 575 -29.53 -8.10 -30.18
CA GLN C 575 -28.99 -7.04 -31.08
C GLN C 575 -29.61 -5.70 -30.69
N LYS C 576 -30.94 -5.66 -30.53
CA LYS C 576 -31.69 -4.45 -30.16
C LYS C 576 -31.32 -4.06 -28.71
N THR C 577 -31.34 -5.01 -27.77
CA THR C 577 -31.03 -4.72 -26.32
C THR C 577 -29.68 -4.01 -26.19
N THR C 578 -28.64 -4.46 -26.91
CA THR C 578 -27.22 -4.07 -26.71
C THR C 578 -26.75 -3.00 -27.70
N ALA C 579 -27.62 -2.55 -28.61
CA ALA C 579 -27.29 -1.69 -29.78
C ALA C 579 -26.56 -0.41 -29.34
N ASP C 580 -26.86 0.16 -28.16
CA ASP C 580 -26.31 1.49 -27.72
C ASP C 580 -25.22 1.30 -26.67
N LEU C 581 -24.81 0.06 -26.38
CA LEU C 581 -23.80 -0.19 -25.32
C LEU C 581 -22.39 0.01 -25.89
N GLN C 582 -21.45 0.44 -25.04
CA GLN C 582 -19.99 0.42 -25.32
C GLN C 582 -19.54 -1.05 -25.31
N PRO C 583 -18.45 -1.42 -26.02
CA PRO C 583 -17.97 -2.80 -26.02
C PRO C 583 -17.87 -3.51 -24.65
N GLN C 584 -17.32 -2.87 -23.59
CA GLN C 584 -17.16 -3.50 -22.24
C GLN C 584 -18.55 -3.82 -21.66
N GLN C 585 -19.55 -2.97 -21.91
CA GLN C 585 -20.95 -3.20 -21.48
C GLN C 585 -21.52 -4.42 -22.24
N VAL C 586 -21.27 -4.53 -23.55
CA VAL C 586 -21.74 -5.67 -24.37
C VAL C 586 -21.15 -6.97 -23.78
N HIS C 587 -19.88 -6.95 -23.39
CA HIS C 587 -19.16 -8.15 -22.86
C HIS C 587 -19.77 -8.57 -21.52
N THR C 588 -20.15 -7.60 -20.69
CA THR C 588 -20.83 -7.88 -19.40
C THR C 588 -22.14 -8.59 -19.72
N PHE C 589 -22.89 -8.04 -20.67
CA PHE C 589 -24.22 -8.56 -21.04
C PHE C 589 -24.09 -10.03 -21.46
N TYR C 590 -23.13 -10.31 -22.35
CA TYR C 590 -22.90 -11.67 -22.89
C TYR C 590 -22.41 -12.58 -21.76
N LYS C 591 -21.55 -12.08 -20.88
CA LYS C 591 -21.09 -12.85 -19.69
C LYS C 591 -22.32 -13.26 -18.87
N ALA C 592 -23.22 -12.31 -18.61
CA ALA C 592 -24.46 -12.56 -17.84
C ALA C 592 -25.26 -13.66 -18.54
N CYS C 593 -25.41 -13.58 -19.87
CA CYS C 593 -26.16 -14.61 -20.63
C CYS C 593 -25.48 -15.98 -20.45
N GLY C 594 -24.15 -16.01 -20.44
CA GLY C 594 -23.38 -17.26 -20.22
C GLY C 594 -23.64 -17.88 -18.85
N ILE C 595 -23.81 -17.06 -17.83
CA ILE C 595 -24.17 -17.54 -16.46
C ILE C 595 -25.50 -18.29 -16.55
N ILE C 596 -26.52 -17.70 -17.17
CA ILE C 596 -27.85 -18.33 -17.32
C ILE C 596 -27.69 -19.65 -18.09
N ILE C 597 -27.01 -19.63 -19.24
CA ILE C 597 -26.95 -20.83 -20.13
C ILE C 597 -26.30 -22.01 -19.40
N SER C 598 -25.31 -21.76 -18.54
CA SER C 598 -24.64 -22.81 -17.73
C SER C 598 -25.60 -23.47 -16.71
N GLU C 599 -26.73 -22.85 -16.36
CA GLU C 599 -27.78 -23.46 -15.51
C GLU C 599 -28.50 -24.60 -16.24
N GLU C 600 -28.50 -24.61 -17.58
CA GLU C 600 -29.19 -25.62 -18.41
C GLU C 600 -28.31 -26.88 -18.48
N ARG C 601 -28.74 -27.99 -17.88
CA ARG C 601 -27.87 -29.20 -17.77
C ARG C 601 -28.27 -30.22 -18.84
N SER C 602 -29.34 -29.99 -19.60
CA SER C 602 -29.57 -30.73 -20.87
C SER C 602 -28.53 -30.25 -21.91
N VAL C 603 -27.62 -31.13 -22.31
CA VAL C 603 -26.49 -30.83 -23.23
C VAL C 603 -27.04 -30.20 -24.52
N ALA C 604 -27.97 -30.86 -25.20
CA ALA C 604 -28.47 -30.41 -26.52
C ALA C 604 -28.96 -28.97 -26.38
N GLU C 605 -29.73 -28.70 -25.33
CA GLU C 605 -30.38 -27.38 -25.12
C GLU C 605 -29.31 -26.33 -24.76
N ARG C 606 -28.33 -26.68 -23.94
CA ARG C 606 -27.23 -25.76 -23.55
C ARG C 606 -26.48 -25.35 -24.82
N ASN C 607 -26.02 -26.33 -25.60
CA ASN C 607 -25.24 -26.12 -26.85
C ASN C 607 -26.03 -25.23 -27.83
N ARG C 608 -27.34 -25.42 -27.92
CA ARG C 608 -28.23 -24.63 -28.82
C ARG C 608 -28.30 -23.20 -28.30
N LEU C 609 -28.53 -23.00 -27.00
CA LEU C 609 -28.54 -21.63 -26.40
C LEU C 609 -27.17 -20.96 -26.61
N LEU C 610 -26.09 -21.73 -26.46
CA LEU C 610 -24.71 -21.21 -26.65
C LEU C 610 -24.57 -20.77 -28.12
N SER C 611 -25.05 -21.60 -29.03
CA SER C 611 -25.04 -21.34 -30.50
C SER C 611 -25.79 -20.03 -30.79
N ASP C 612 -26.96 -19.85 -30.19
CA ASP C 612 -27.85 -18.69 -30.44
C ASP C 612 -27.23 -17.42 -29.84
N LEU C 613 -26.63 -17.52 -28.65
CA LEU C 613 -26.03 -16.34 -27.97
C LEU C 613 -24.87 -15.82 -28.82
N MET C 614 -24.05 -16.72 -29.33
CA MET C 614 -22.83 -16.43 -30.11
C MET C 614 -23.17 -16.16 -31.59
N GLN C 615 -24.45 -16.06 -31.96
CA GLN C 615 -24.86 -15.92 -33.39
C GLN C 615 -24.21 -14.66 -33.99
N LEU C 616 -24.34 -13.49 -33.37
CA LEU C 616 -23.86 -12.19 -33.96
C LEU C 616 -22.33 -12.17 -34.03
N PRO C 617 -21.57 -12.40 -32.93
CA PRO C 617 -20.12 -12.49 -33.02
C PRO C 617 -19.66 -13.56 -34.03
N ASN C 618 -20.32 -14.72 -34.07
CA ASN C 618 -19.94 -15.81 -35.03
C ASN C 618 -20.13 -15.37 -36.49
N MET C 619 -21.19 -14.61 -36.79
CA MET C 619 -21.45 -14.18 -38.19
C MET C 619 -20.45 -13.10 -38.57
N ALA C 620 -20.22 -12.13 -37.70
CA ALA C 620 -19.18 -11.08 -37.85
C ALA C 620 -17.81 -11.74 -38.03
N TRP C 621 -17.50 -12.79 -37.24
CA TRP C 621 -16.26 -13.61 -37.35
C TRP C 621 -16.16 -14.26 -38.74
N ASP C 622 -17.22 -14.94 -39.18
CA ASP C 622 -17.25 -15.74 -40.43
C ASP C 622 -16.97 -14.82 -41.64
N THR C 623 -17.64 -13.67 -41.71
CA THR C 623 -17.44 -12.70 -42.82
C THR C 623 -15.99 -12.18 -42.73
N ILE C 624 -15.50 -11.82 -41.54
CA ILE C 624 -14.14 -11.25 -41.35
C ILE C 624 -13.06 -12.30 -41.63
N VAL C 625 -13.38 -13.60 -41.60
CA VAL C 625 -12.42 -14.67 -41.98
C VAL C 625 -12.61 -15.00 -43.47
N GLU C 626 -13.84 -15.00 -44.00
CA GLU C 626 -14.13 -15.18 -45.45
C GLU C 626 -13.64 -13.97 -46.27
N GLN C 627 -12.98 -13.02 -45.62
CA GLN C 627 -12.43 -11.79 -46.25
C GLN C 627 -10.95 -11.67 -45.91
N SER C 628 -10.62 -11.64 -44.62
CA SER C 628 -9.24 -11.62 -44.04
C SER C 628 -8.30 -12.52 -44.84
N THR C 629 -8.70 -13.77 -45.09
CA THR C 629 -7.91 -14.78 -45.85
C THR C 629 -7.91 -14.39 -47.34
N ALA C 630 -9.10 -14.23 -47.93
CA ALA C 630 -9.32 -13.97 -49.37
C ALA C 630 -8.64 -12.67 -49.80
N ASN C 631 -8.15 -11.86 -48.86
CA ASN C 631 -7.54 -10.52 -49.11
C ASN C 631 -6.82 -10.05 -47.84
N PRO C 632 -5.60 -10.58 -47.55
CA PRO C 632 -4.88 -10.27 -46.30
C PRO C 632 -4.62 -8.79 -45.96
N THR C 633 -4.97 -7.88 -46.87
CA THR C 633 -4.79 -6.41 -46.72
C THR C 633 -5.82 -5.87 -45.72
N LEU C 634 -7.02 -6.48 -45.67
CA LEU C 634 -8.19 -5.97 -44.91
C LEU C 634 -7.86 -5.93 -43.41
N LEU C 635 -6.79 -6.59 -42.99
CA LEU C 635 -6.32 -6.69 -41.57
C LEU C 635 -5.54 -5.43 -41.15
N LEU C 636 -5.13 -4.58 -42.09
CA LEU C 636 -4.32 -3.36 -41.79
C LEU C 636 -5.26 -2.24 -41.33
N ASP C 637 -6.55 -2.39 -41.64
CA ASP C 637 -7.62 -1.39 -41.39
C ASP C 637 -8.01 -1.38 -39.91
N SER C 638 -7.71 -0.27 -39.24
CA SER C 638 -7.96 0.05 -37.83
C SER C 638 -9.31 -0.56 -37.36
N GLU C 639 -10.37 -0.35 -38.15
CA GLU C 639 -11.76 -0.67 -37.75
C GLU C 639 -11.96 -2.20 -37.70
N THR C 640 -11.39 -2.93 -38.66
CA THR C 640 -11.48 -4.41 -38.74
C THR C 640 -10.80 -5.02 -37.51
N VAL C 641 -9.65 -4.48 -37.12
CA VAL C 641 -8.84 -4.96 -35.96
C VAL C 641 -9.64 -4.77 -34.68
N LYS C 642 -10.33 -3.65 -34.52
CA LYS C 642 -11.19 -3.36 -33.33
C LYS C 642 -12.35 -4.36 -33.31
N ILE C 643 -12.98 -4.63 -34.45
CA ILE C 643 -14.11 -5.60 -34.52
C ILE C 643 -13.61 -7.02 -34.13
N ILE C 644 -12.45 -7.44 -34.60
CA ILE C 644 -11.87 -8.78 -34.32
C ILE C 644 -11.56 -8.89 -32.82
N ALA C 645 -10.89 -7.90 -32.25
CA ALA C 645 -10.51 -7.88 -30.83
C ALA C 645 -11.80 -7.98 -30.00
N ASN C 646 -12.85 -7.26 -30.38
CA ASN C 646 -14.14 -7.25 -29.62
C ASN C 646 -14.86 -8.61 -29.76
N ILE C 647 -14.75 -9.28 -30.90
CA ILE C 647 -15.28 -10.66 -31.09
C ILE C 647 -14.56 -11.58 -30.11
N ILE C 648 -13.23 -11.52 -30.08
CA ILE C 648 -12.44 -12.41 -29.18
C ILE C 648 -12.86 -12.08 -27.74
N LYS C 649 -12.94 -10.79 -27.39
CA LYS C 649 -13.30 -10.37 -26.00
C LYS C 649 -14.69 -10.92 -25.62
N THR C 650 -15.64 -10.93 -26.56
CA THR C 650 -17.01 -11.44 -26.32
C THR C 650 -16.89 -12.94 -26.02
N ASN C 651 -16.05 -13.66 -26.77
CA ASN C 651 -15.77 -15.10 -26.50
C ASN C 651 -15.15 -15.27 -25.10
N VAL C 652 -14.20 -14.42 -24.70
CA VAL C 652 -13.56 -14.52 -23.36
C VAL C 652 -14.65 -14.35 -22.28
N ALA C 653 -15.48 -13.31 -22.40
CA ALA C 653 -16.55 -12.99 -21.43
C ALA C 653 -17.46 -14.23 -21.25
N VAL C 654 -17.94 -14.81 -22.35
CA VAL C 654 -18.90 -15.96 -22.27
C VAL C 654 -18.17 -17.18 -21.70
N CYS C 655 -16.93 -17.42 -22.14
CA CYS C 655 -16.08 -18.53 -21.62
C CYS C 655 -15.80 -18.34 -20.11
N THR C 656 -15.73 -17.11 -19.63
CA THR C 656 -15.46 -16.85 -18.19
C THR C 656 -16.63 -17.44 -17.38
N SER C 657 -17.87 -17.24 -17.81
CA SER C 657 -19.07 -17.66 -17.02
C SER C 657 -19.42 -19.12 -17.27
N MET C 658 -18.99 -19.70 -18.38
CA MET C 658 -19.45 -21.05 -18.84
C MET C 658 -18.36 -22.13 -18.68
N GLY C 659 -17.06 -21.75 -18.64
CA GLY C 659 -15.94 -22.72 -18.49
C GLY C 659 -16.06 -23.93 -19.41
N ALA C 660 -16.15 -25.14 -18.84
CA ALA C 660 -16.19 -26.43 -19.56
C ALA C 660 -17.32 -26.45 -20.60
N ASP C 661 -18.42 -25.78 -20.31
CA ASP C 661 -19.63 -25.74 -21.19
C ASP C 661 -19.29 -24.96 -22.47
N PHE C 662 -18.21 -24.18 -22.49
CA PHE C 662 -17.88 -23.30 -23.62
C PHE C 662 -17.30 -24.11 -24.78
N TYR C 663 -16.84 -25.34 -24.56
CA TYR C 663 -16.03 -26.11 -25.54
C TYR C 663 -16.61 -26.04 -26.95
N PRO C 664 -17.91 -26.28 -27.19
CA PRO C 664 -18.41 -26.36 -28.56
C PRO C 664 -18.21 -25.02 -29.29
N GLN C 665 -18.31 -23.90 -28.58
CA GLN C 665 -18.06 -22.55 -29.17
C GLN C 665 -16.58 -22.42 -29.51
N LEU C 666 -15.68 -22.76 -28.58
CA LEU C 666 -14.21 -22.74 -28.84
C LEU C 666 -13.92 -23.62 -30.04
N GLY C 667 -14.58 -24.78 -30.13
CA GLY C 667 -14.46 -25.75 -31.24
C GLY C 667 -14.82 -25.12 -32.57
N HIS C 668 -15.89 -24.32 -32.60
CA HIS C 668 -16.36 -23.61 -33.82
C HIS C 668 -15.28 -22.66 -34.38
N ILE C 669 -14.54 -21.92 -33.54
CA ILE C 669 -13.64 -20.82 -34.01
C ILE C 669 -12.17 -21.24 -33.92
N TYR C 670 -11.85 -22.37 -33.30
CA TYR C 670 -10.46 -22.67 -32.81
C TYR C 670 -9.45 -22.62 -33.97
N TYR C 671 -9.68 -23.38 -35.04
CA TYR C 671 -8.75 -23.50 -36.19
C TYR C 671 -8.51 -22.10 -36.82
N ASN C 672 -9.57 -21.38 -37.18
CA ASN C 672 -9.46 -20.04 -37.83
C ASN C 672 -8.87 -19.03 -36.83
N MET C 673 -9.17 -19.16 -35.55
CA MET C 673 -8.58 -18.26 -34.52
C MET C 673 -7.06 -18.41 -34.52
N LEU C 674 -6.53 -19.64 -34.62
CA LEU C 674 -5.06 -19.87 -34.60
C LEU C 674 -4.45 -19.44 -35.94
N GLN C 675 -5.20 -19.52 -37.04
CA GLN C 675 -4.72 -18.99 -38.35
C GLN C 675 -4.59 -17.47 -38.23
N LEU C 676 -5.61 -16.81 -37.65
CA LEU C 676 -5.63 -15.34 -37.41
C LEU C 676 -4.42 -14.96 -36.53
N TYR C 677 -4.16 -15.71 -35.46
CA TYR C 677 -2.96 -15.52 -34.59
C TYR C 677 -1.68 -15.51 -35.45
N ARG C 678 -1.54 -16.46 -36.38
CA ARG C 678 -0.34 -16.53 -37.26
C ARG C 678 -0.29 -15.31 -38.17
N ALA C 679 -1.42 -14.92 -38.79
CA ALA C 679 -1.49 -13.85 -39.81
C ALA C 679 -1.13 -12.50 -39.17
N VAL C 680 -1.73 -12.24 -38.01
CA VAL C 680 -1.51 -11.03 -37.17
C VAL C 680 -0.04 -10.94 -36.73
N SER C 681 0.55 -12.06 -36.30
CA SER C 681 1.98 -12.19 -35.93
C SER C 681 2.84 -11.73 -37.12
N SER C 682 2.56 -12.26 -38.30
CA SER C 682 3.22 -11.89 -39.58
C SER C 682 3.26 -10.37 -39.71
N MET C 683 2.09 -9.73 -39.66
CA MET C 683 1.94 -8.26 -39.80
C MET C 683 2.76 -7.53 -38.73
N ILE C 684 2.70 -7.97 -37.48
CA ILE C 684 3.51 -7.35 -36.40
C ILE C 684 5.00 -7.44 -36.76
N SER C 685 5.51 -8.63 -37.13
CA SER C 685 6.92 -8.87 -37.58
C SER C 685 7.25 -7.96 -38.74
N THR C 686 6.39 -7.92 -39.76
CA THR C 686 6.48 -7.05 -40.96
C THR C 686 6.72 -5.61 -40.49
N GLN C 687 5.75 -5.07 -39.75
CA GLN C 687 5.72 -3.64 -39.30
C GLN C 687 6.98 -3.29 -38.53
N VAL C 688 7.48 -4.18 -37.67
CA VAL C 688 8.67 -3.90 -36.83
C VAL C 688 9.91 -3.83 -37.74
N ALA C 689 9.95 -4.66 -38.79
CA ALA C 689 11.01 -4.64 -39.83
C ALA C 689 10.97 -3.29 -40.56
N ALA C 690 9.78 -2.87 -41.01
CA ALA C 690 9.56 -1.68 -41.88
C ALA C 690 9.73 -0.38 -41.08
N GLU C 691 9.34 -0.34 -39.81
CA GLU C 691 9.18 0.94 -39.07
C GLU C 691 10.18 1.03 -37.91
N GLY C 692 10.65 -0.10 -37.36
CA GLY C 692 11.53 -0.14 -36.19
C GLY C 692 10.80 -0.54 -34.92
N LEU C 693 11.54 -0.69 -33.81
CA LEU C 693 10.96 -1.02 -32.47
C LEU C 693 9.83 -0.06 -32.10
N ILE C 694 9.88 1.17 -32.60
CA ILE C 694 8.81 2.21 -32.38
C ILE C 694 7.46 1.65 -32.86
N ALA C 695 7.44 0.79 -33.88
CA ALA C 695 6.20 0.18 -34.40
C ALA C 695 5.37 -0.44 -33.26
N THR C 696 6.00 -0.98 -32.22
CA THR C 696 5.31 -1.67 -31.09
C THR C 696 4.51 -0.65 -30.26
N LYS C 697 4.73 0.65 -30.46
CA LYS C 697 4.03 1.74 -29.72
C LYS C 697 2.84 2.29 -30.54
N THR C 698 2.79 2.01 -31.84
CA THR C 698 1.75 2.53 -32.78
C THR C 698 0.40 1.90 -32.48
N PRO C 699 -0.71 2.66 -32.64
CA PRO C 699 -2.05 2.12 -32.46
C PRO C 699 -2.28 0.80 -33.22
N LYS C 700 -1.87 0.74 -34.48
CA LYS C 700 -2.09 -0.43 -35.38
C LYS C 700 -1.46 -1.69 -34.77
N VAL C 701 -0.20 -1.64 -34.38
CA VAL C 701 0.51 -2.83 -33.82
C VAL C 701 -0.06 -3.17 -32.44
N ARG C 702 -0.40 -2.16 -31.62
CA ARG C 702 -1.02 -2.42 -30.29
C ARG C 702 -2.36 -3.15 -30.53
N GLY C 703 -3.19 -2.68 -31.46
CA GLY C 703 -4.44 -3.35 -31.89
C GLY C 703 -4.23 -4.82 -32.28
N LEU C 704 -3.22 -5.10 -33.10
CA LEU C 704 -2.89 -6.47 -33.58
C LEU C 704 -2.46 -7.33 -32.39
N ARG C 705 -1.62 -6.76 -31.54
CA ARG C 705 -1.08 -7.44 -30.33
C ARG C 705 -2.23 -7.75 -29.38
N THR C 706 -3.21 -6.84 -29.27
CA THR C 706 -4.45 -7.04 -28.47
C THR C 706 -5.15 -8.31 -28.97
N ILE C 707 -5.25 -8.50 -30.28
CA ILE C 707 -5.87 -9.71 -30.87
C ILE C 707 -5.14 -10.96 -30.34
N LYS C 708 -3.80 -10.97 -30.44
CA LYS C 708 -2.96 -12.10 -29.95
C LYS C 708 -3.21 -12.33 -28.45
N LYS C 709 -3.26 -11.27 -27.64
CA LYS C 709 -3.39 -11.39 -26.17
C LYS C 709 -4.77 -11.94 -25.81
N GLU C 710 -5.84 -11.46 -26.46
CA GLU C 710 -7.21 -11.94 -26.17
C GLU C 710 -7.35 -13.40 -26.63
N ILE C 711 -6.69 -13.78 -27.72
CA ILE C 711 -6.69 -15.21 -28.17
C ILE C 711 -6.05 -16.07 -27.07
N LEU C 712 -4.90 -15.66 -26.54
CA LEU C 712 -4.15 -16.42 -25.51
C LEU C 712 -4.99 -16.45 -24.24
N LYS C 713 -5.70 -15.35 -23.95
CA LYS C 713 -6.58 -15.22 -22.77
C LYS C 713 -7.77 -16.17 -22.93
N LEU C 714 -8.35 -16.25 -24.11
CA LEU C 714 -9.50 -17.16 -24.35
C LEU C 714 -9.07 -18.62 -24.08
N VAL C 715 -7.94 -19.04 -24.64
CA VAL C 715 -7.46 -20.45 -24.51
C VAL C 715 -7.12 -20.76 -23.06
N GLU C 716 -6.48 -19.83 -22.35
CA GLU C 716 -6.08 -20.05 -20.93
C GLU C 716 -7.37 -20.10 -20.11
N THR C 717 -8.35 -19.24 -20.38
CA THR C 717 -9.66 -19.26 -19.70
C THR C 717 -10.32 -20.64 -19.88
N TYR C 718 -10.42 -21.15 -21.10
CA TYR C 718 -11.11 -22.44 -21.33
C TYR C 718 -10.32 -23.54 -20.60
N ILE C 719 -9.00 -23.62 -20.84
CA ILE C 719 -8.20 -24.78 -20.38
C ILE C 719 -8.17 -24.80 -18.85
N SER C 720 -8.16 -23.63 -18.21
CA SER C 720 -8.14 -23.53 -16.73
C SER C 720 -9.44 -24.08 -16.11
N LYS C 721 -10.56 -24.16 -16.85
CA LYS C 721 -11.86 -24.65 -16.30
C LYS C 721 -12.30 -25.94 -16.98
N ALA C 722 -11.52 -26.47 -17.92
CA ALA C 722 -11.90 -27.63 -18.77
C ALA C 722 -12.05 -28.88 -17.89
N ARG C 723 -13.01 -29.72 -18.24
CA ARG C 723 -13.31 -30.98 -17.54
C ARG C 723 -12.77 -32.13 -18.38
N ASN C 724 -12.92 -32.05 -19.71
CA ASN C 724 -12.44 -33.09 -20.62
C ASN C 724 -11.01 -32.74 -21.05
N LEU C 725 -10.03 -33.29 -20.33
CA LEU C 725 -8.59 -33.01 -20.55
C LEU C 725 -8.09 -33.80 -21.75
N ASP C 726 -8.73 -34.92 -22.07
CA ASP C 726 -8.40 -35.75 -23.26
C ASP C 726 -8.60 -34.90 -24.52
N ASP C 727 -9.70 -34.17 -24.64
CA ASP C 727 -9.96 -33.24 -25.76
C ASP C 727 -8.93 -32.09 -25.72
N VAL C 728 -8.61 -31.55 -24.54
CA VAL C 728 -7.59 -30.47 -24.41
C VAL C 728 -6.32 -30.98 -25.10
N VAL C 729 -5.86 -32.17 -24.71
CA VAL C 729 -4.56 -32.75 -25.18
C VAL C 729 -4.65 -33.15 -26.67
N LYS C 730 -5.75 -33.75 -27.10
CA LYS C 730 -5.85 -34.36 -28.44
C LYS C 730 -6.28 -33.32 -29.49
N VAL C 731 -7.02 -32.28 -29.11
CA VAL C 731 -7.60 -31.29 -30.07
C VAL C 731 -6.90 -29.93 -29.92
N LEU C 732 -6.70 -29.42 -28.70
CA LEU C 732 -6.26 -28.02 -28.49
C LEU C 732 -4.74 -27.86 -28.48
N VAL C 733 -3.99 -28.69 -27.76
CA VAL C 733 -2.60 -28.36 -27.33
C VAL C 733 -1.72 -28.27 -28.59
N GLU C 734 -1.83 -29.20 -29.51
CA GLU C 734 -0.82 -29.33 -30.59
C GLU C 734 -0.91 -28.10 -31.50
N PRO C 735 -2.10 -27.75 -32.02
CA PRO C 735 -2.25 -26.54 -32.82
C PRO C 735 -1.83 -25.28 -32.04
N LEU C 736 -2.09 -25.24 -30.74
CA LEU C 736 -1.74 -24.07 -29.88
C LEU C 736 -0.23 -23.90 -29.88
N LEU C 737 0.50 -24.95 -29.50
CA LEU C 737 1.98 -24.90 -29.39
C LEU C 737 2.54 -24.55 -30.77
N ASN C 738 2.00 -25.13 -31.85
CA ASN C 738 2.50 -24.87 -33.23
C ASN C 738 2.29 -23.38 -33.56
N ALA C 739 1.14 -22.82 -33.16
CA ALA C 739 0.78 -21.41 -33.42
C ALA C 739 1.63 -20.45 -32.58
N VAL C 740 2.00 -20.76 -31.33
CA VAL C 740 2.46 -19.68 -30.42
C VAL C 740 3.95 -19.79 -30.08
N LEU C 741 4.56 -20.98 -30.06
CA LEU C 741 5.90 -21.17 -29.43
C LEU C 741 7.00 -20.58 -30.32
N GLU C 742 7.05 -21.03 -31.58
CA GLU C 742 8.08 -20.56 -32.54
C GLU C 742 7.89 -19.06 -32.78
N ASP C 743 6.65 -18.57 -32.85
CA ASP C 743 6.38 -17.12 -33.03
C ASP C 743 7.00 -16.33 -31.85
N TYR C 744 6.91 -16.86 -30.62
CA TYR C 744 7.49 -16.22 -29.41
C TYR C 744 9.03 -16.23 -29.53
N MET C 745 9.61 -17.40 -29.79
CA MET C 745 11.08 -17.61 -29.85
C MET C 745 11.70 -16.67 -30.90
N ASN C 746 11.05 -16.49 -32.05
CA ASN C 746 11.66 -15.91 -33.27
C ASN C 746 11.27 -14.45 -33.46
N ASN C 747 10.56 -13.87 -32.49
CA ASN C 747 10.32 -12.42 -32.41
C ASN C 747 11.45 -11.79 -31.59
N VAL C 748 11.74 -10.53 -31.87
CA VAL C 748 12.67 -9.67 -31.06
C VAL C 748 12.07 -9.50 -29.67
N PRO C 749 12.90 -9.41 -28.60
CA PRO C 749 12.38 -9.28 -27.24
C PRO C 749 11.16 -8.34 -27.09
N ASP C 750 11.15 -7.19 -27.77
CA ASP C 750 10.15 -6.11 -27.56
C ASP C 750 8.81 -6.49 -28.19
N ALA C 751 8.78 -7.57 -28.98
CA ALA C 751 7.59 -8.05 -29.71
C ALA C 751 7.04 -9.31 -29.07
N ARG C 752 7.75 -9.92 -28.12
CA ARG C 752 7.32 -11.15 -27.41
C ARG C 752 6.23 -10.81 -26.38
N ASP C 753 5.09 -11.51 -26.41
CA ASP C 753 3.95 -11.33 -25.48
C ASP C 753 4.18 -12.22 -24.26
N ALA C 754 4.38 -11.60 -23.10
CA ALA C 754 4.45 -12.31 -21.80
C ALA C 754 3.20 -13.17 -21.58
N GLU C 755 2.06 -12.84 -22.17
CA GLU C 755 0.81 -13.64 -22.08
C GLU C 755 1.07 -15.08 -22.58
N VAL C 756 2.03 -15.26 -23.50
CA VAL C 756 2.40 -16.62 -23.98
C VAL C 756 2.86 -17.45 -22.79
N LEU C 757 3.74 -16.91 -21.96
CA LEU C 757 4.25 -17.64 -20.79
C LEU C 757 3.08 -18.01 -19.87
N ASN C 758 2.15 -17.08 -19.67
CA ASN C 758 0.97 -17.22 -18.78
C ASN C 758 0.08 -18.34 -19.31
N CYS C 759 -0.24 -18.31 -20.60
CA CYS C 759 -1.03 -19.36 -21.27
C CYS C 759 -0.36 -20.74 -21.08
N MET C 760 0.95 -20.81 -21.29
CA MET C 760 1.70 -22.11 -21.18
C MET C 760 1.69 -22.60 -19.73
N THR C 761 1.72 -21.69 -18.75
CA THR C 761 1.69 -22.04 -17.32
C THR C 761 0.40 -22.79 -17.02
N THR C 762 -0.73 -22.30 -17.53
CA THR C 762 -2.07 -22.94 -17.38
C THR C 762 -2.04 -24.29 -18.10
N VAL C 763 -1.48 -24.36 -19.31
CA VAL C 763 -1.43 -25.65 -20.05
C VAL C 763 -0.66 -26.67 -19.20
N VAL C 764 0.53 -26.30 -18.69
CA VAL C 764 1.37 -27.27 -17.93
C VAL C 764 0.62 -27.67 -16.65
N GLU C 765 0.05 -26.69 -15.96
CA GLU C 765 -0.78 -26.89 -14.75
C GLU C 765 -1.82 -27.99 -14.97
N LYS C 766 -2.67 -27.83 -15.99
CA LYS C 766 -3.87 -28.66 -16.19
C LYS C 766 -3.53 -29.97 -16.86
N VAL C 767 -2.61 -29.99 -17.84
CA VAL C 767 -2.41 -31.24 -18.63
C VAL C 767 -0.94 -31.61 -18.77
N GLY C 768 -0.04 -30.97 -18.01
CA GLY C 768 1.42 -31.16 -18.10
C GLY C 768 1.80 -32.63 -17.99
N HIS C 769 1.17 -33.34 -17.05
CA HIS C 769 1.38 -34.78 -16.80
C HIS C 769 1.04 -35.62 -18.03
N MET C 770 0.23 -35.11 -18.97
CA MET C 770 -0.20 -35.88 -20.18
C MET C 770 0.60 -35.49 -21.44
N ILE C 771 1.45 -34.45 -21.39
CA ILE C 771 2.17 -33.95 -22.60
C ILE C 771 3.67 -33.80 -22.33
N PRO C 772 4.39 -34.87 -21.91
CA PRO C 772 5.80 -34.74 -21.58
C PRO C 772 6.61 -34.09 -22.71
N GLN C 773 6.33 -34.47 -23.96
CA GLN C 773 7.02 -33.95 -25.17
C GLN C 773 6.61 -32.49 -25.40
N GLY C 774 5.36 -32.13 -25.12
CA GLY C 774 4.88 -30.75 -25.23
C GLY C 774 5.60 -29.82 -24.25
N VAL C 775 5.87 -30.31 -23.04
CA VAL C 775 6.53 -29.49 -21.98
C VAL C 775 7.96 -29.23 -22.43
N ILE C 776 8.65 -30.28 -22.91
CA ILE C 776 10.04 -30.15 -23.43
C ILE C 776 10.03 -29.03 -24.48
N LEU C 777 9.09 -29.07 -25.44
CA LEU C 777 8.99 -28.08 -26.55
C LEU C 777 8.73 -26.67 -25.97
N ILE C 778 7.91 -26.53 -24.94
CA ILE C 778 7.66 -25.21 -24.28
C ILE C 778 9.00 -24.71 -23.74
N LEU C 779 9.73 -25.54 -23.01
CA LEU C 779 11.04 -25.14 -22.43
C LEU C 779 11.99 -24.72 -23.56
N GLN C 780 12.18 -25.56 -24.58
CA GLN C 780 13.11 -25.32 -25.70
C GLN C 780 12.76 -23.97 -26.33
N SER C 781 11.47 -23.63 -26.40
CA SER C 781 11.02 -22.44 -27.14
C SER C 781 11.19 -21.16 -26.29
N VAL C 782 10.94 -21.21 -24.98
CA VAL C 782 10.80 -19.96 -24.16
C VAL C 782 12.00 -19.77 -23.21
N PHE C 783 12.68 -20.84 -22.79
CA PHE C 783 13.58 -20.82 -21.60
C PHE C 783 14.77 -19.86 -21.83
N GLU C 784 15.68 -20.19 -22.73
CA GLU C 784 16.93 -19.41 -22.94
C GLU C 784 16.62 -18.01 -23.47
N CYS C 785 15.63 -17.85 -24.36
CA CYS C 785 15.39 -16.51 -24.97
C CYS C 785 14.74 -15.61 -23.91
N THR C 786 13.90 -16.14 -23.01
CA THR C 786 13.29 -15.34 -21.91
C THR C 786 14.36 -15.02 -20.85
N LEU C 787 15.18 -16.00 -20.47
CA LEU C 787 16.27 -15.79 -19.47
C LEU C 787 17.18 -14.65 -19.94
N ASP C 788 17.48 -14.58 -21.24
CA ASP C 788 18.39 -13.54 -21.81
C ASP C 788 17.76 -12.13 -21.72
N MET C 789 16.44 -12.02 -21.80
CA MET C 789 15.70 -10.74 -21.66
C MET C 789 15.84 -10.21 -20.22
N ILE C 790 15.85 -11.09 -19.21
CA ILE C 790 15.63 -10.72 -17.79
C ILE C 790 16.90 -10.89 -16.95
N ASN C 791 18.05 -11.22 -17.51
CA ASN C 791 19.28 -11.53 -16.72
C ASN C 791 20.35 -10.44 -16.88
N LYS C 792 20.02 -9.27 -17.41
CA LYS C 792 20.95 -8.11 -17.53
C LYS C 792 20.74 -7.15 -16.35
N ASP C 793 19.56 -7.12 -15.75
CA ASP C 793 19.16 -6.20 -14.65
C ASP C 793 17.90 -6.76 -13.99
N PHE C 794 17.33 -6.05 -13.01
CA PHE C 794 16.15 -6.54 -12.23
C PHE C 794 14.88 -5.85 -12.71
N THR C 795 14.98 -4.95 -13.70
CA THR C 795 13.91 -3.97 -14.10
C THR C 795 13.28 -4.33 -15.46
N GLU C 796 14.08 -4.65 -16.46
CA GLU C 796 13.56 -4.81 -17.85
C GLU C 796 12.54 -5.95 -17.90
N TYR C 797 11.46 -5.76 -18.66
CA TYR C 797 10.49 -6.82 -19.00
C TYR C 797 9.91 -7.41 -17.72
N PRO C 798 9.28 -6.56 -16.87
CA PRO C 798 8.75 -7.01 -15.58
C PRO C 798 7.66 -8.09 -15.70
N GLU C 799 6.81 -8.01 -16.72
CA GLU C 799 5.74 -9.05 -16.89
C GLU C 799 6.39 -10.40 -17.25
N HIS C 800 7.36 -10.41 -18.16
CA HIS C 800 8.08 -11.64 -18.64
C HIS C 800 8.79 -12.29 -17.45
N ARG C 801 9.41 -11.44 -16.62
CA ARG C 801 10.11 -11.81 -15.36
C ARG C 801 9.18 -12.63 -14.48
N VAL C 802 8.02 -12.09 -14.18
CA VAL C 802 7.06 -12.74 -13.27
C VAL C 802 6.54 -14.01 -13.95
N GLU C 803 6.06 -13.92 -15.18
CA GLU C 803 5.43 -15.09 -15.87
C GLU C 803 6.47 -16.20 -16.05
N PHE C 804 7.74 -15.85 -16.25
CA PHE C 804 8.85 -16.81 -16.51
C PHE C 804 9.02 -17.74 -15.31
N TYR C 805 9.01 -17.21 -14.09
CA TYR C 805 9.31 -18.01 -12.87
C TYR C 805 8.07 -18.80 -12.45
N LYS C 806 6.88 -18.30 -12.77
CA LYS C 806 5.60 -19.07 -12.62
C LYS C 806 5.65 -20.30 -13.53
N LEU C 807 6.06 -20.14 -14.79
CA LEU C 807 6.13 -21.26 -15.77
C LEU C 807 7.13 -22.32 -15.27
N LEU C 808 8.35 -21.91 -14.89
CA LEU C 808 9.39 -22.84 -14.36
C LEU C 808 8.89 -23.53 -13.07
N LYS C 809 8.20 -22.81 -12.19
CA LYS C 809 7.62 -23.39 -10.96
C LYS C 809 6.72 -24.56 -11.33
N VAL C 810 5.77 -24.34 -12.23
CA VAL C 810 4.76 -25.37 -12.57
C VAL C 810 5.47 -26.49 -13.34
N ILE C 811 6.39 -26.19 -14.26
CA ILE C 811 7.09 -27.30 -14.96
C ILE C 811 7.82 -28.16 -13.92
N ASN C 812 8.45 -27.53 -12.92
CA ASN C 812 9.25 -28.25 -11.88
C ASN C 812 8.29 -29.10 -11.02
N GLU C 813 7.05 -28.65 -10.82
CA GLU C 813 6.02 -29.37 -10.03
C GLU C 813 5.45 -30.56 -10.81
N LYS C 814 5.12 -30.36 -12.10
CA LYS C 814 4.22 -31.25 -12.87
C LYS C 814 4.99 -32.12 -13.85
N SER C 815 6.13 -31.64 -14.37
CA SER C 815 6.83 -32.35 -15.46
C SER C 815 8.34 -32.19 -15.29
N PHE C 816 8.83 -32.53 -14.10
CA PHE C 816 10.25 -32.41 -13.69
C PHE C 816 11.15 -33.12 -14.71
N ALA C 817 10.65 -34.19 -15.34
CA ALA C 817 11.34 -34.97 -16.38
C ALA C 817 11.80 -34.05 -17.53
N ALA C 818 11.10 -32.94 -17.79
CA ALA C 818 11.54 -31.96 -18.82
C ALA C 818 12.91 -31.37 -18.46
N PHE C 819 13.21 -31.18 -17.17
CA PHE C 819 14.54 -30.65 -16.72
C PHE C 819 15.61 -31.74 -16.77
N LEU C 820 15.28 -33.01 -16.52
CA LEU C 820 16.19 -34.18 -16.75
C LEU C 820 16.66 -34.25 -18.20
N GLU C 821 15.81 -33.89 -19.16
CA GLU C 821 16.10 -33.99 -20.61
C GLU C 821 17.09 -32.89 -21.03
N LEU C 822 17.16 -31.77 -20.31
CA LEU C 822 18.01 -30.61 -20.69
C LEU C 822 19.46 -31.09 -20.83
N PRO C 823 20.23 -30.56 -21.81
CA PRO C 823 21.68 -30.79 -21.83
C PRO C 823 22.34 -30.18 -20.59
N PRO C 824 23.45 -30.76 -20.08
CA PRO C 824 24.17 -30.22 -18.93
C PRO C 824 24.27 -28.68 -18.85
N ALA C 825 24.65 -28.01 -19.95
CA ALA C 825 24.85 -26.53 -20.01
C ALA C 825 23.52 -25.80 -19.78
N ALA C 826 22.41 -26.35 -20.31
CA ALA C 826 21.05 -25.77 -20.16
C ALA C 826 20.56 -25.99 -18.73
N PHE C 827 20.88 -27.13 -18.12
CA PHE C 827 20.52 -27.43 -16.72
C PHE C 827 21.27 -26.45 -15.80
N LYS C 828 22.51 -26.06 -16.14
CA LYS C 828 23.31 -25.07 -15.41
C LYS C 828 22.61 -23.71 -15.46
N LEU C 829 22.10 -23.30 -16.62
CA LEU C 829 21.36 -22.03 -16.79
C LEU C 829 20.11 -22.04 -15.89
N PHE C 830 19.49 -23.19 -15.73
CA PHE C 830 18.29 -23.36 -14.89
C PHE C 830 18.65 -23.06 -13.43
N VAL C 831 19.78 -23.59 -12.95
CA VAL C 831 20.27 -23.33 -11.56
C VAL C 831 20.57 -21.84 -11.45
N ASP C 832 21.28 -21.28 -12.44
CA ASP C 832 21.60 -19.83 -12.53
C ASP C 832 20.30 -19.02 -12.47
N ALA C 833 19.25 -19.46 -13.18
CA ALA C 833 17.95 -18.77 -13.26
C ALA C 833 17.30 -18.78 -11.86
N ILE C 834 17.36 -19.90 -11.16
CA ILE C 834 16.72 -20.03 -9.80
C ILE C 834 17.43 -19.04 -8.86
N CYS C 835 18.75 -19.07 -8.80
CA CYS C 835 19.54 -18.19 -7.91
C CYS C 835 19.31 -16.72 -8.30
N TRP C 836 19.22 -16.44 -9.60
CA TRP C 836 18.89 -15.07 -10.10
C TRP C 836 17.57 -14.60 -9.50
N ALA C 837 16.55 -15.45 -9.49
CA ALA C 837 15.24 -15.15 -8.85
C ALA C 837 15.42 -14.82 -7.35
N PHE C 838 16.24 -15.58 -6.62
CA PHE C 838 16.56 -15.32 -5.18
C PHE C 838 16.95 -13.86 -4.96
N LYS C 839 17.72 -13.30 -5.88
CA LYS C 839 18.41 -12.00 -5.72
C LYS C 839 17.47 -10.84 -6.03
N HIS C 840 16.24 -11.12 -6.47
CA HIS C 840 15.24 -10.07 -6.81
C HIS C 840 14.67 -9.50 -5.51
N ASN C 841 14.20 -8.25 -5.57
CA ASN C 841 13.46 -7.50 -4.52
C ASN C 841 11.95 -7.63 -4.73
N ASN C 842 11.53 -7.77 -6.00
CA ASN C 842 10.17 -8.12 -6.48
C ASN C 842 9.73 -9.40 -5.77
N ARG C 843 8.74 -9.30 -4.88
CA ARG C 843 8.24 -10.42 -4.03
C ARG C 843 7.67 -11.57 -4.88
N ASP C 844 7.13 -11.27 -6.07
CA ASP C 844 6.49 -12.27 -6.97
C ASP C 844 7.55 -13.28 -7.45
N VAL C 845 8.69 -12.76 -7.92
CA VAL C 845 9.85 -13.52 -8.48
C VAL C 845 10.62 -14.23 -7.36
N GLU C 846 10.99 -13.49 -6.31
CA GLU C 846 11.84 -13.97 -5.18
C GLU C 846 11.22 -15.25 -4.57
N VAL C 847 9.91 -15.21 -4.33
CA VAL C 847 9.15 -16.27 -3.62
C VAL C 847 9.08 -17.51 -4.53
N ASN C 848 8.75 -17.34 -5.82
CA ASN C 848 8.76 -18.47 -6.80
C ASN C 848 10.18 -19.04 -6.92
N GLY C 849 11.21 -18.18 -6.92
CA GLY C 849 12.62 -18.60 -6.99
C GLY C 849 12.96 -19.55 -5.86
N LEU C 850 12.59 -19.18 -4.63
CA LEU C 850 12.87 -20.00 -3.42
C LEU C 850 12.02 -21.29 -3.44
N GLN C 851 10.79 -21.20 -3.90
CA GLN C 851 9.90 -22.38 -4.00
C GLN C 851 10.48 -23.36 -5.03
N ILE C 852 10.86 -22.88 -6.23
CA ILE C 852 11.48 -23.76 -7.27
C ILE C 852 12.67 -24.47 -6.64
N ALA C 853 13.52 -23.75 -5.90
CA ALA C 853 14.73 -24.31 -5.25
C ALA C 853 14.33 -25.45 -4.31
N LEU C 854 13.36 -25.22 -3.42
CA LEU C 854 12.78 -26.23 -2.48
C LEU C 854 12.34 -27.46 -3.28
N ASP C 855 11.44 -27.24 -4.23
CA ASP C 855 10.78 -28.29 -5.06
C ASP C 855 11.84 -29.10 -5.82
N LEU C 856 12.86 -28.44 -6.36
CA LEU C 856 13.97 -29.10 -7.11
C LEU C 856 14.76 -30.03 -6.18
N VAL C 857 15.10 -29.55 -4.99
CA VAL C 857 15.82 -30.39 -4.00
C VAL C 857 14.94 -31.62 -3.69
N LYS C 858 13.66 -31.40 -3.41
CA LYS C 858 12.63 -32.44 -3.22
C LYS C 858 12.63 -33.37 -4.44
N ASN C 859 12.52 -32.83 -5.68
CA ASN C 859 12.57 -33.62 -6.94
C ASN C 859 13.85 -34.47 -7.01
N ILE C 860 15.01 -33.91 -6.67
CA ILE C 860 16.31 -34.65 -6.68
C ILE C 860 16.29 -35.72 -5.59
N GLU C 861 15.80 -35.39 -4.40
CA GLU C 861 15.74 -36.35 -3.26
C GLU C 861 14.94 -37.59 -3.70
N ARG C 862 13.78 -37.37 -4.33
CA ARG C 862 12.84 -38.43 -4.80
C ARG C 862 13.58 -39.47 -5.65
N MET C 863 14.57 -39.05 -6.45
CA MET C 863 15.26 -39.92 -7.43
C MET C 863 16.04 -41.04 -6.72
N GLY C 864 16.31 -40.86 -5.42
CA GLY C 864 17.10 -41.82 -4.63
C GLY C 864 18.54 -41.84 -5.08
N ASN C 865 19.24 -42.95 -4.84
CA ASN C 865 20.70 -43.05 -5.04
C ASN C 865 20.97 -43.45 -6.49
N VAL C 866 21.07 -42.47 -7.40
CA VAL C 866 21.38 -42.70 -8.84
C VAL C 866 22.31 -41.59 -9.34
N PRO C 867 23.02 -41.77 -10.47
CA PRO C 867 24.04 -40.83 -10.91
C PRO C 867 23.60 -39.36 -11.05
N PHE C 868 22.39 -39.10 -11.54
CA PHE C 868 21.93 -37.71 -11.81
C PHE C 868 21.83 -36.95 -10.47
N ALA C 869 21.25 -37.57 -9.44
CA ALA C 869 21.05 -37.03 -8.08
C ALA C 869 22.41 -36.81 -7.38
N ASN C 870 23.36 -37.71 -7.60
CA ASN C 870 24.73 -37.64 -7.03
C ASN C 870 25.52 -36.56 -7.77
N GLU C 871 25.38 -36.47 -9.10
CA GLU C 871 26.01 -35.43 -9.95
C GLU C 871 25.43 -34.06 -9.58
N PHE C 872 24.12 -34.00 -9.28
CA PHE C 872 23.41 -32.75 -8.96
C PHE C 872 24.04 -32.13 -7.69
N HIS C 873 24.22 -32.94 -6.66
CA HIS C 873 24.76 -32.53 -5.34
C HIS C 873 26.23 -32.08 -5.47
N LYS C 874 27.07 -32.89 -6.11
CA LYS C 874 28.49 -32.55 -6.41
C LYS C 874 28.56 -31.20 -7.13
N ASN C 875 27.62 -30.92 -8.04
CA ASN C 875 27.68 -29.75 -8.96
C ASN C 875 27.02 -28.50 -8.34
N TYR C 876 25.99 -28.66 -7.48
CA TYR C 876 25.07 -27.53 -7.17
C TYR C 876 24.77 -27.37 -5.68
N PHE C 877 25.09 -28.33 -4.81
CA PHE C 877 24.68 -28.27 -3.37
C PHE C 877 25.29 -27.03 -2.71
N PHE C 878 26.59 -26.79 -2.94
CA PHE C 878 27.31 -25.62 -2.35
C PHE C 878 26.90 -24.33 -3.05
N ILE C 879 26.54 -24.39 -4.32
CA ILE C 879 26.00 -23.18 -5.01
C ILE C 879 24.70 -22.77 -4.32
N PHE C 880 23.81 -23.71 -3.98
CA PHE C 880 22.50 -23.39 -3.35
C PHE C 880 22.69 -22.90 -1.90
N VAL C 881 23.58 -23.55 -1.15
CA VAL C 881 23.86 -23.19 0.27
C VAL C 881 24.40 -21.75 0.32
N SER C 882 25.39 -21.42 -0.51
CA SER C 882 26.11 -20.12 -0.50
C SER C 882 25.21 -19.03 -1.08
N GLU C 883 24.45 -19.32 -2.14
CA GLU C 883 23.49 -18.35 -2.71
C GLU C 883 22.42 -18.01 -1.67
N THR C 884 21.94 -19.00 -0.93
CA THR C 884 20.88 -18.79 0.09
C THR C 884 21.44 -17.96 1.26
N PHE C 885 22.65 -18.26 1.71
CA PHE C 885 23.36 -17.48 2.75
C PHE C 885 23.57 -16.03 2.29
N PHE C 886 23.96 -15.81 1.03
CA PHE C 886 24.16 -14.44 0.47
C PHE C 886 22.90 -13.58 0.70
N VAL C 887 21.74 -14.04 0.26
CA VAL C 887 20.47 -13.25 0.30
C VAL C 887 19.95 -13.19 1.74
N LEU C 888 20.24 -14.19 2.58
CA LEU C 888 19.94 -14.15 4.04
C LEU C 888 20.68 -13.01 4.73
N THR C 889 21.95 -12.78 4.41
CA THR C 889 22.88 -11.96 5.23
C THR C 889 23.10 -10.56 4.64
N ASP C 890 22.60 -10.25 3.44
CA ASP C 890 23.04 -9.02 2.72
C ASP C 890 22.11 -7.85 3.09
N SER C 891 21.01 -8.11 3.78
CA SER C 891 20.06 -7.09 4.31
C SER C 891 19.16 -6.51 3.21
N ASP C 892 19.29 -6.94 1.95
CA ASP C 892 18.50 -6.40 0.82
C ASP C 892 17.37 -7.36 0.43
N HIS C 893 17.10 -8.43 1.20
CA HIS C 893 16.13 -9.51 0.85
C HIS C 893 15.35 -10.01 2.07
N LYS C 894 14.91 -9.11 2.95
CA LYS C 894 14.31 -9.45 4.27
C LYS C 894 12.92 -10.08 4.08
N SER C 895 12.19 -9.70 3.05
CA SER C 895 10.85 -10.27 2.73
C SER C 895 10.97 -11.77 2.39
N GLY C 896 12.17 -12.25 2.03
CA GLY C 896 12.44 -13.66 1.65
C GLY C 896 12.86 -14.55 2.82
N PHE C 897 12.88 -14.00 4.03
CA PHE C 897 13.57 -14.61 5.20
C PHE C 897 13.07 -16.04 5.45
N SER C 898 11.76 -16.19 5.57
CA SER C 898 11.07 -17.47 5.90
C SER C 898 11.41 -18.57 4.90
N LYS C 899 11.33 -18.30 3.59
CA LYS C 899 11.59 -19.36 2.59
C LYS C 899 13.11 -19.57 2.44
N GLN C 900 13.91 -18.53 2.63
CA GLN C 900 15.40 -18.68 2.70
C GLN C 900 15.74 -19.65 3.84
N ALA C 901 15.14 -19.48 5.02
CA ALA C 901 15.46 -20.30 6.22
C ALA C 901 15.04 -21.75 5.97
N LEU C 902 13.85 -21.94 5.38
CA LEU C 902 13.29 -23.27 5.01
C LEU C 902 14.26 -23.96 4.05
N LEU C 903 14.70 -23.25 3.02
CA LEU C 903 15.63 -23.80 2.02
C LEU C 903 16.93 -24.19 2.71
N LEU C 904 17.49 -23.29 3.52
CA LEU C 904 18.78 -23.59 4.20
C LEU C 904 18.57 -24.78 5.14
N MET C 905 17.46 -24.81 5.86
CA MET C 905 17.16 -25.95 6.77
C MET C 905 17.13 -27.27 5.98
N LYS C 906 16.52 -27.30 4.80
CA LYS C 906 16.42 -28.53 3.98
C LYS C 906 17.82 -28.98 3.58
N LEU C 907 18.61 -28.05 3.05
CA LEU C 907 20.00 -28.32 2.57
C LEU C 907 20.86 -28.86 3.70
N ILE C 908 20.83 -28.23 4.89
CA ILE C 908 21.64 -28.68 6.06
C ILE C 908 21.16 -30.06 6.51
N SER C 909 19.85 -30.29 6.57
CA SER C 909 19.25 -31.57 7.04
C SER C 909 19.66 -32.73 6.11
N LEU C 910 19.76 -32.50 4.78
CA LEU C 910 20.20 -33.55 3.83
C LEU C 910 21.53 -34.15 4.30
N VAL C 911 22.50 -33.30 4.58
CA VAL C 911 23.86 -33.68 5.05
C VAL C 911 23.79 -34.22 6.50
N TYR C 912 22.98 -33.62 7.38
CA TYR C 912 22.91 -34.04 8.80
C TYR C 912 22.33 -35.47 8.90
N ASP C 913 21.41 -35.85 8.01
CA ASP C 913 20.73 -37.17 7.99
C ASP C 913 21.51 -38.17 7.13
N ASN C 914 22.67 -37.78 6.59
CA ASN C 914 23.50 -38.65 5.73
C ASN C 914 22.67 -39.11 4.52
N LYS C 915 21.85 -38.22 3.95
CA LYS C 915 20.94 -38.54 2.82
C LYS C 915 21.57 -38.16 1.48
N ILE C 916 22.87 -37.84 1.47
CA ILE C 916 23.66 -37.62 0.22
C ILE C 916 24.70 -38.72 0.12
N SER C 917 24.68 -39.48 -0.96
CA SER C 917 25.38 -40.78 -1.09
C SER C 917 26.88 -40.58 -1.37
N VAL C 918 27.27 -39.61 -2.21
CA VAL C 918 28.70 -39.41 -2.57
C VAL C 918 29.33 -38.39 -1.63
N PRO C 919 30.70 -38.34 -1.56
CA PRO C 919 31.39 -37.22 -0.95
C PRO C 919 31.11 -35.92 -1.74
N LEU C 920 30.97 -34.81 -1.04
CA LEU C 920 30.71 -33.47 -1.63
C LEU C 920 32.02 -32.75 -1.97
N TYR C 921 33.14 -33.21 -1.41
CA TYR C 921 34.49 -32.64 -1.62
C TYR C 921 35.20 -33.43 -2.73
N GLN C 922 35.87 -32.73 -3.66
CA GLN C 922 36.69 -33.35 -4.74
C GLN C 922 37.95 -33.97 -4.10
N GLU C 923 38.46 -35.08 -4.65
CA GLU C 923 39.41 -35.98 -3.94
C GLU C 923 40.72 -35.24 -3.60
N ALA C 924 41.34 -35.66 -2.50
CA ALA C 924 42.61 -35.12 -1.94
C ALA C 924 42.42 -33.67 -1.49
N GLU C 925 41.21 -33.30 -1.09
CA GLU C 925 40.88 -31.98 -0.50
C GLU C 925 40.68 -32.12 1.01
N VAL C 926 40.49 -33.35 1.49
CA VAL C 926 40.31 -33.69 2.93
C VAL C 926 40.53 -35.20 3.06
N PRO C 927 40.99 -35.72 4.22
CA PRO C 927 41.11 -37.17 4.42
C PRO C 927 39.90 -37.94 3.84
N GLN C 928 40.17 -38.88 2.93
CA GLN C 928 39.17 -39.49 2.01
C GLN C 928 38.08 -40.25 2.79
N GLY C 929 38.27 -40.52 4.09
CA GLY C 929 37.22 -41.12 4.94
C GLY C 929 36.15 -40.12 5.42
N THR C 930 36.36 -38.81 5.22
CA THR C 930 35.66 -37.71 5.95
C THR C 930 34.16 -37.64 5.60
N SER C 931 33.30 -37.54 6.61
CA SER C 931 31.84 -37.41 6.44
C SER C 931 31.51 -36.04 5.83
N ASN C 932 30.49 -35.99 4.97
CA ASN C 932 29.94 -34.73 4.41
C ASN C 932 29.59 -33.75 5.54
N GLN C 933 29.20 -34.22 6.72
CA GLN C 933 28.83 -33.36 7.89
C GLN C 933 30.04 -32.53 8.35
N VAL C 934 31.23 -33.14 8.39
CA VAL C 934 32.47 -32.47 8.86
C VAL C 934 32.92 -31.50 7.78
N TYR C 935 32.84 -31.89 6.51
CA TYR C 935 33.26 -31.03 5.36
C TYR C 935 32.32 -29.81 5.21
N LEU C 936 31.02 -29.96 5.48
CA LEU C 936 30.01 -28.86 5.38
C LEU C 936 30.31 -27.83 6.47
N SER C 937 30.53 -28.31 7.70
CA SER C 937 30.99 -27.51 8.87
C SER C 937 32.20 -26.67 8.47
N GLN C 938 33.19 -27.30 7.83
CA GLN C 938 34.46 -26.68 7.40
C GLN C 938 34.19 -25.64 6.31
N TYR C 939 33.41 -25.98 5.29
CA TYR C 939 33.11 -25.11 4.12
C TYR C 939 32.42 -23.85 4.61
N LEU C 940 31.45 -24.01 5.52
CA LEU C 940 30.64 -22.88 6.01
C LEU C 940 31.49 -22.03 6.95
N ALA C 941 32.32 -22.64 7.81
CA ALA C 941 33.17 -21.86 8.73
C ALA C 941 34.04 -20.95 7.85
N ASN C 942 34.65 -21.53 6.83
CA ASN C 942 35.57 -20.82 5.89
C ASN C 942 34.78 -19.73 5.14
N MET C 943 33.63 -20.07 4.56
CA MET C 943 32.80 -19.12 3.78
C MET C 943 32.40 -17.92 4.66
N LEU C 944 31.97 -18.15 5.90
CA LEU C 944 31.48 -17.07 6.80
C LEU C 944 32.65 -16.23 7.31
N SER C 945 33.80 -16.85 7.55
CA SER C 945 35.08 -16.18 7.92
C SER C 945 35.53 -15.17 6.84
N ASN C 946 35.46 -15.53 5.55
CA ASN C 946 35.87 -14.61 4.44
C ASN C 946 34.80 -13.53 4.23
N ALA C 947 33.53 -13.86 4.43
CA ALA C 947 32.41 -12.93 4.18
C ALA C 947 32.24 -11.94 5.33
N PHE C 948 32.57 -12.34 6.57
CA PHE C 948 32.38 -11.53 7.81
C PHE C 948 33.65 -11.64 8.65
N PRO C 949 34.78 -11.07 8.18
CA PRO C 949 36.08 -11.30 8.82
C PRO C 949 36.20 -10.72 10.24
N HIS C 950 35.28 -9.85 10.64
CA HIS C 950 35.25 -9.25 12.00
C HIS C 950 34.67 -10.25 13.03
N LEU C 951 34.02 -11.32 12.58
CA LEU C 951 33.55 -12.39 13.50
C LEU C 951 34.77 -13.18 13.97
N THR C 952 34.73 -13.69 15.21
CA THR C 952 35.70 -14.68 15.73
C THR C 952 35.35 -16.07 15.21
N SER C 953 36.35 -16.93 15.22
CA SER C 953 36.22 -18.38 14.93
C SER C 953 35.18 -18.99 15.87
N GLU C 954 35.21 -18.56 17.13
CA GLU C 954 34.30 -19.02 18.21
C GLU C 954 32.85 -18.66 17.83
N GLN C 955 32.59 -17.42 17.42
CA GLN C 955 31.22 -16.98 17.01
C GLN C 955 30.69 -17.89 15.89
N ILE C 956 31.50 -18.16 14.87
CA ILE C 956 31.08 -18.88 13.65
C ILE C 956 30.83 -20.34 14.02
N ALA C 957 31.75 -20.97 14.75
CA ALA C 957 31.66 -22.39 15.15
C ALA C 957 30.41 -22.59 16.03
N SER C 958 30.12 -21.66 16.95
CA SER C 958 28.97 -21.74 17.87
C SER C 958 27.66 -21.62 17.08
N PHE C 959 27.65 -20.68 16.13
CA PHE C 959 26.52 -20.40 15.22
C PHE C 959 26.17 -21.66 14.41
N LEU C 960 27.19 -22.31 13.84
CA LEU C 960 27.02 -23.47 12.95
C LEU C 960 26.61 -24.71 13.77
N SER C 961 27.21 -24.89 14.96
CA SER C 961 26.84 -25.95 15.92
C SER C 961 25.33 -25.84 16.23
N ALA C 962 24.83 -24.64 16.53
CA ALA C 962 23.41 -24.33 16.77
C ALA C 962 22.56 -24.61 15.51
N LEU C 963 22.99 -24.11 14.35
CA LEU C 963 22.27 -24.30 13.07
C LEU C 963 22.05 -25.80 12.81
N THR C 964 23.11 -26.60 12.87
CA THR C 964 23.05 -28.04 12.49
C THR C 964 22.19 -28.80 13.53
N LYS C 965 22.17 -28.41 14.80
CA LYS C 965 21.36 -29.06 15.86
C LYS C 965 19.87 -28.73 15.70
N GLN C 966 19.58 -27.60 15.08
CA GLN C 966 18.22 -27.01 15.06
C GLN C 966 17.63 -27.16 13.67
N CYS C 967 18.21 -27.99 12.81
CA CYS C 967 17.82 -28.10 11.37
C CYS C 967 16.54 -28.95 11.18
N LYS C 968 15.87 -29.37 12.26
CA LYS C 968 14.50 -29.99 12.23
C LYS C 968 13.48 -29.13 12.97
N ASP C 969 13.84 -27.90 13.37
CA ASP C 969 12.93 -27.02 14.15
C ASP C 969 12.97 -25.61 13.57
N LEU C 970 12.08 -25.32 12.62
CA LEU C 970 12.12 -24.10 11.79
C LEU C 970 12.12 -22.85 12.69
N VAL C 971 11.29 -22.83 13.74
CA VAL C 971 11.11 -21.58 14.55
C VAL C 971 12.42 -21.25 15.26
N VAL C 972 13.11 -22.27 15.78
CA VAL C 972 14.35 -22.11 16.59
C VAL C 972 15.51 -21.77 15.63
N PHE C 973 15.60 -22.45 14.50
CA PHE C 973 16.58 -22.26 13.38
C PHE C 973 16.52 -20.82 12.88
N LYS C 974 15.30 -20.32 12.66
CA LYS C 974 15.01 -18.92 12.30
C LYS C 974 15.54 -17.99 13.39
N GLY C 975 15.38 -18.35 14.66
CA GLY C 975 15.90 -17.56 15.80
C GLY C 975 17.42 -17.44 15.73
N THR C 976 18.10 -18.57 15.50
CA THR C 976 19.56 -18.67 15.36
C THR C 976 19.99 -17.79 14.16
N LEU C 977 19.26 -17.87 13.04
CA LEU C 977 19.57 -17.04 11.84
C LEU C 977 19.47 -15.56 12.22
N ARG C 978 18.42 -15.14 12.93
CA ARG C 978 18.21 -13.71 13.28
C ARG C 978 19.27 -13.26 14.27
N ASP C 979 19.72 -14.15 15.14
CA ASP C 979 20.81 -13.89 16.12
C ASP C 979 22.09 -13.57 15.34
N PHE C 980 22.38 -14.35 14.30
CA PHE C 980 23.57 -14.19 13.44
C PHE C 980 23.48 -12.84 12.69
N LEU C 981 22.30 -12.46 12.18
CA LEU C 981 22.05 -11.17 11.49
C LEU C 981 22.31 -10.00 12.44
N VAL C 982 21.97 -10.14 13.72
CA VAL C 982 22.31 -9.11 14.73
C VAL C 982 23.83 -9.08 14.87
N GLN C 983 24.46 -10.23 15.10
CA GLN C 983 25.89 -10.30 15.48
C GLN C 983 26.80 -9.80 14.36
N ILE C 984 26.46 -10.03 13.07
CA ILE C 984 27.31 -9.60 11.92
C ILE C 984 27.30 -8.07 11.82
N LYS C 985 26.38 -7.37 12.50
CA LYS C 985 26.25 -5.90 12.41
C LYS C 985 27.13 -5.22 13.47
N GLU C 986 27.82 -6.00 14.32
CA GLU C 986 28.66 -5.42 15.41
C GLU C 986 29.90 -6.27 15.56
N VAL C 987 30.81 -5.81 16.42
CA VAL C 987 32.06 -6.51 16.79
C VAL C 987 31.89 -7.06 18.21
N GLY C 988 32.39 -8.27 18.46
CA GLY C 988 32.53 -8.80 19.84
C GLY C 988 31.26 -9.46 20.32
N GLY C 989 30.37 -9.87 19.43
CA GLY C 989 29.13 -10.61 19.80
C GLY C 989 29.48 -11.86 20.59
N ASP C 990 28.70 -12.19 21.63
CA ASP C 990 28.98 -13.34 22.54
C ASP C 990 28.64 -14.65 21.83
N PRO C 991 29.58 -15.57 21.65
CA PRO C 991 29.27 -16.86 21.03
C PRO C 991 28.30 -17.72 21.84
N THR C 992 28.21 -17.54 23.16
CA THR C 992 27.25 -18.28 24.04
C THR C 992 25.78 -17.92 23.69
N ASP C 993 25.53 -16.83 22.96
CA ASP C 993 24.16 -16.43 22.54
C ASP C 993 23.52 -17.55 21.73
N TYR C 994 24.30 -18.35 21.02
CA TYR C 994 23.78 -19.44 20.14
C TYR C 994 23.36 -20.67 20.96
N LEU C 995 23.51 -20.65 22.29
CA LEU C 995 23.02 -21.72 23.20
C LEU C 995 21.62 -21.39 23.73
N PHE C 996 21.00 -20.29 23.31
CA PHE C 996 19.72 -19.80 23.88
C PHE C 996 18.65 -20.90 23.88
#